data_7NHZ
#
_entry.id   7NHZ
#
_entity_poly.entity_id   1
_entity_poly.type   'polypeptide(L)'
_entity_poly.pdbx_seq_one_letter_code
;GPHMPTVDAHLANGSMSEVMMSEIAGLPIPPIIHYGAIAYAPSGASGKAWHQRTPARAEQVALEKCGDKTCKVVSRFTRC
GAVAYNGSKYQGGTGLTRRAAEDDAVNRLEGGRIVNWACN
;
_entity_poly.pdbx_strand_id   A
#
# COMPACT_ATOMS: atom_id res chain seq x y z
N PRO A 5 -7.85 60.27 22.47
CA PRO A 5 -6.72 60.38 21.57
C PRO A 5 -7.05 59.66 20.28
N THR A 6 -6.72 60.29 19.18
CA THR A 6 -6.98 59.76 17.89
C THR A 6 -5.84 58.80 17.49
N VAL A 7 -6.13 57.54 17.48
CA VAL A 7 -5.14 56.53 17.18
C VAL A 7 -5.27 56.07 15.74
N ASP A 8 -4.33 55.29 15.30
CA ASP A 8 -4.37 54.80 13.95
C ASP A 8 -5.20 53.55 13.93
N ALA A 9 -6.16 53.53 13.07
CA ALA A 9 -7.07 52.44 13.00
C ALA A 9 -7.03 51.80 11.63
N HIS A 10 -6.22 50.80 11.51
CA HIS A 10 -6.05 50.02 10.31
C HIS A 10 -5.85 48.60 10.75
N LEU A 11 -6.48 47.67 10.06
CA LEU A 11 -6.38 46.26 10.37
C LEU A 11 -4.95 45.76 10.26
N ALA A 12 -4.66 44.77 11.02
CA ALA A 12 -3.33 44.24 11.08
C ALA A 12 -3.18 42.97 10.28
N ASN A 13 -2.46 43.07 9.21
CA ASN A 13 -2.16 41.94 8.35
C ASN A 13 -0.67 41.71 8.40
N GLY A 14 -0.17 40.84 7.59
CA GLY A 14 1.23 40.59 7.57
C GLY A 14 1.61 39.64 6.49
N SER A 15 2.53 38.80 6.79
CA SER A 15 3.03 37.83 5.85
C SER A 15 3.04 36.46 6.53
N MET A 16 2.02 35.66 6.25
CA MET A 16 1.85 34.36 6.88
C MET A 16 2.93 33.39 6.45
N SER A 17 3.16 32.40 7.27
CA SER A 17 4.22 31.46 7.06
C SER A 17 3.73 30.27 6.25
N GLU A 18 4.40 30.00 5.16
CA GLU A 18 4.09 28.87 4.28
C GLU A 18 4.81 27.60 4.72
N VAL A 19 5.32 27.62 5.91
CA VAL A 19 6.03 26.50 6.45
C VAL A 19 5.13 25.69 7.37
N MET A 20 5.32 24.40 7.34
CA MET A 20 4.65 23.47 8.19
C MET A 20 5.74 22.68 8.86
N MET A 21 5.84 22.81 10.19
CA MET A 21 6.94 22.27 10.96
C MET A 21 8.29 22.82 10.49
N SER A 22 9.36 22.31 11.03
CA SER A 22 10.69 22.71 10.67
C SER A 22 11.66 21.61 11.06
N GLU A 23 12.92 21.87 10.88
CA GLU A 23 13.97 20.95 11.28
C GLU A 23 14.50 21.38 12.65
N ILE A 24 14.37 22.67 12.94
CA ILE A 24 14.79 23.24 14.23
C ILE A 24 13.78 22.85 15.32
N ALA A 25 12.58 22.69 14.89
CA ALA A 25 11.46 22.28 15.70
C ALA A 25 10.58 21.44 14.81
N GLY A 26 10.44 20.19 15.13
CA GLY A 26 9.80 19.31 14.22
C GLY A 26 10.27 17.94 14.53
N LEU A 27 9.54 17.31 15.38
CA LEU A 27 9.82 16.02 15.91
C LEU A 27 9.84 14.99 14.77
N PRO A 28 10.72 13.94 14.86
CA PRO A 28 10.81 12.88 13.85
C PRO A 28 9.42 12.36 13.52
N ILE A 29 9.11 12.41 12.25
CA ILE A 29 7.80 12.17 11.73
C ILE A 29 7.38 10.73 11.89
N PRO A 30 6.33 10.49 12.70
CA PRO A 30 5.73 9.18 12.79
C PRO A 30 5.01 8.92 11.47
N PRO A 31 4.89 7.66 11.04
CA PRO A 31 4.25 7.34 9.78
C PRO A 31 2.82 7.83 9.74
N ILE A 32 2.40 8.22 8.58
CA ILE A 32 1.05 8.64 8.40
C ILE A 32 0.27 7.41 8.02
N ILE A 33 -0.52 6.92 8.93
CA ILE A 33 -1.26 5.73 8.71
C ILE A 33 -2.40 6.00 7.75
N HIS A 34 -2.20 5.55 6.56
CA HIS A 34 -3.21 5.57 5.57
C HIS A 34 -3.80 4.20 5.50
N TYR A 35 -4.97 4.10 5.00
CA TYR A 35 -5.67 2.85 5.02
C TYR A 35 -5.91 2.45 3.59
N GLY A 36 -5.75 1.19 3.30
CA GLY A 36 -5.97 0.74 1.97
C GLY A 36 -6.38 -0.69 1.94
N ALA A 37 -6.61 -1.19 0.76
CA ALA A 37 -7.06 -2.53 0.56
C ALA A 37 -6.89 -2.91 -0.88
N ILE A 38 -6.69 -4.17 -1.09
CA ILE A 38 -6.62 -4.74 -2.40
C ILE A 38 -7.63 -5.86 -2.46
N ALA A 39 -8.62 -5.68 -3.25
CA ALA A 39 -9.68 -6.63 -3.39
C ALA A 39 -9.37 -7.44 -4.59
N TYR A 40 -9.24 -8.71 -4.41
CA TYR A 40 -8.89 -9.52 -5.49
C TYR A 40 -9.66 -10.80 -5.43
N ALA A 41 -10.65 -10.92 -6.25
CA ALA A 41 -11.40 -12.13 -6.35
C ALA A 41 -10.64 -13.06 -7.26
N PRO A 42 -10.61 -14.38 -6.97
CA PRO A 42 -9.86 -15.38 -7.77
C PRO A 42 -10.28 -15.40 -9.25
N SER A 43 -11.40 -14.77 -9.54
CA SER A 43 -11.97 -14.63 -10.85
C SER A 43 -11.03 -13.80 -11.75
N GLY A 44 -10.15 -13.03 -11.13
CA GLY A 44 -9.25 -12.17 -11.87
C GLY A 44 -9.61 -10.73 -11.67
N ALA A 45 -10.64 -10.53 -10.89
CA ALA A 45 -11.12 -9.21 -10.57
C ALA A 45 -10.21 -8.59 -9.52
N SER A 46 -9.43 -7.64 -9.95
CA SER A 46 -8.51 -6.95 -9.11
C SER A 46 -8.90 -5.49 -8.90
N GLY A 47 -8.69 -5.02 -7.71
CA GLY A 47 -8.91 -3.65 -7.39
C GLY A 47 -8.08 -3.25 -6.21
N LYS A 48 -7.61 -2.03 -6.20
CA LYS A 48 -6.77 -1.56 -5.13
C LYS A 48 -7.04 -0.11 -4.79
N ALA A 49 -6.84 0.24 -3.55
CA ALA A 49 -7.04 1.57 -3.07
C ALA A 49 -6.05 1.78 -1.95
N TRP A 50 -5.35 2.88 -1.97
CA TRP A 50 -4.33 3.14 -1.00
C TRP A 50 -4.15 4.63 -0.82
N HIS A 51 -3.63 5.00 0.34
CA HIS A 51 -3.44 6.39 0.76
C HIS A 51 -4.75 7.03 1.10
N GLN A 52 -5.68 6.22 1.60
CA GLN A 52 -6.95 6.73 1.98
C GLN A 52 -6.90 7.25 3.36
N ARG A 53 -7.88 7.99 3.67
CA ARG A 53 -7.94 8.65 4.94
C ARG A 53 -8.96 7.97 5.84
N THR A 54 -9.78 7.11 5.26
CA THR A 54 -10.76 6.38 5.98
C THR A 54 -10.81 4.93 5.50
N PRO A 55 -10.74 3.96 6.45
CA PRO A 55 -10.78 2.53 6.14
C PRO A 55 -12.03 2.14 5.34
N ALA A 56 -13.17 2.75 5.68
CA ALA A 56 -14.41 2.48 4.99
C ALA A 56 -14.32 2.86 3.53
N ARG A 57 -13.80 4.07 3.25
CA ARG A 57 -13.66 4.53 1.88
C ARG A 57 -12.71 3.64 1.11
N ALA A 58 -11.58 3.33 1.73
CA ALA A 58 -10.56 2.46 1.14
C ALA A 58 -11.14 1.12 0.72
N GLU A 59 -11.89 0.52 1.61
CA GLU A 59 -12.49 -0.75 1.38
C GLU A 59 -13.50 -0.66 0.24
N GLN A 60 -14.32 0.39 0.26
CA GLN A 60 -15.31 0.61 -0.78
C GLN A 60 -14.64 0.78 -2.14
N VAL A 61 -13.55 1.54 -2.16
CA VAL A 61 -12.83 1.79 -3.40
C VAL A 61 -12.16 0.50 -3.90
N ALA A 62 -11.69 -0.32 -2.98
CA ALA A 62 -11.07 -1.59 -3.35
C ALA A 62 -12.09 -2.48 -4.03
N LEU A 63 -13.27 -2.56 -3.42
CA LEU A 63 -14.39 -3.34 -3.95
C LEU A 63 -14.84 -2.75 -5.30
N GLU A 64 -14.77 -1.43 -5.38
CA GLU A 64 -15.12 -0.70 -6.59
C GLU A 64 -14.22 -1.12 -7.76
N LYS A 65 -12.91 -1.11 -7.54
CA LYS A 65 -12.02 -1.47 -8.59
C LYS A 65 -12.06 -2.96 -8.90
N CYS A 66 -12.29 -3.77 -7.87
CA CYS A 66 -12.43 -5.21 -8.07
C CYS A 66 -13.64 -5.46 -8.96
N GLY A 67 -14.72 -4.82 -8.64
CA GLY A 67 -15.89 -4.93 -9.44
C GLY A 67 -17.06 -5.44 -8.66
N ASP A 68 -16.79 -6.29 -7.68
CA ASP A 68 -17.87 -6.86 -6.92
C ASP A 68 -17.98 -6.15 -5.59
N LYS A 69 -19.19 -5.83 -5.20
CA LYS A 69 -19.48 -5.16 -3.93
C LYS A 69 -19.08 -6.06 -2.80
N THR A 70 -19.27 -7.32 -3.03
CA THR A 70 -18.92 -8.31 -2.07
C THR A 70 -17.66 -9.10 -2.53
N CYS A 71 -16.76 -8.41 -3.28
CA CYS A 71 -15.46 -8.99 -3.66
C CYS A 71 -14.68 -9.42 -2.39
N LYS A 72 -14.60 -10.72 -2.16
CA LYS A 72 -13.86 -11.23 -1.03
C LYS A 72 -12.45 -11.65 -1.41
N VAL A 73 -11.66 -12.04 -0.39
CA VAL A 73 -10.21 -12.32 -0.50
C VAL A 73 -9.50 -10.94 -0.56
N VAL A 74 -10.24 -9.94 -0.12
CA VAL A 74 -9.76 -8.60 -0.06
C VAL A 74 -8.75 -8.46 1.06
N SER A 75 -7.60 -7.99 0.71
CA SER A 75 -6.57 -7.80 1.67
C SER A 75 -6.66 -6.36 2.15
N ARG A 76 -6.83 -6.19 3.43
CA ARG A 76 -6.98 -4.89 4.01
C ARG A 76 -5.77 -4.59 4.86
N PHE A 77 -5.12 -3.51 4.57
CA PHE A 77 -3.87 -3.20 5.19
C PHE A 77 -3.64 -1.70 5.28
N THR A 78 -2.91 -1.30 6.26
CA THR A 78 -2.53 0.09 6.44
C THR A 78 -1.02 0.19 6.23
N ARG A 79 -0.53 -0.79 5.52
CA ARG A 79 0.86 -0.94 5.17
C ARG A 79 0.92 -1.07 3.67
N CYS A 80 1.92 -1.71 3.16
CA CYS A 80 1.96 -1.95 1.76
C CYS A 80 1.61 -3.42 1.50
N GLY A 81 0.93 -3.66 0.41
CA GLY A 81 0.56 -4.98 0.04
C GLY A 81 1.01 -5.28 -1.35
N ALA A 82 1.52 -6.47 -1.57
CA ALA A 82 2.03 -6.88 -2.85
C ALA A 82 1.43 -8.21 -3.26
N VAL A 83 0.81 -8.25 -4.41
CA VAL A 83 0.14 -9.42 -4.90
C VAL A 83 0.96 -10.10 -5.99
N ALA A 84 1.25 -11.35 -5.73
CA ALA A 84 2.00 -12.19 -6.60
C ALA A 84 1.08 -13.17 -7.29
N TYR A 85 1.38 -13.42 -8.53
CA TYR A 85 0.64 -14.33 -9.36
C TYR A 85 1.49 -15.56 -9.53
N ASN A 86 0.95 -16.68 -9.19
CA ASN A 86 1.65 -17.92 -9.36
C ASN A 86 0.77 -18.96 -10.00
N GLY A 87 0.71 -18.94 -11.32
CA GLY A 87 -0.08 -19.91 -12.08
C GLY A 87 -1.52 -19.95 -11.63
N SER A 88 -2.18 -18.80 -11.76
CA SER A 88 -3.57 -18.60 -11.42
C SER A 88 -3.83 -18.52 -9.90
N LYS A 89 -2.77 -18.63 -9.10
CA LYS A 89 -2.89 -18.48 -7.66
C LYS A 89 -2.48 -17.06 -7.32
N TYR A 90 -3.28 -16.39 -6.54
CA TYR A 90 -3.02 -15.02 -6.16
C TYR A 90 -2.73 -14.95 -4.68
N GLN A 91 -1.58 -14.47 -4.35
CA GLN A 91 -1.17 -14.39 -2.96
C GLN A 91 -0.81 -12.91 -2.67
N GLY A 92 -1.30 -12.38 -1.56
CA GLY A 92 -1.02 -11.01 -1.21
C GLY A 92 -0.13 -10.91 0.02
N GLY A 93 1.03 -10.34 -0.15
CA GLY A 93 1.96 -10.14 0.93
C GLY A 93 1.79 -8.76 1.51
N THR A 94 2.25 -8.57 2.73
CA THR A 94 2.07 -7.32 3.42
C THR A 94 3.32 -6.95 4.23
N GLY A 95 3.70 -5.71 4.12
CA GLY A 95 4.82 -5.18 4.85
C GLY A 95 4.66 -3.72 4.94
N LEU A 96 5.22 -3.11 5.96
CA LEU A 96 5.11 -1.66 6.15
C LEU A 96 5.65 -0.90 4.95
N THR A 97 6.73 -1.38 4.46
CA THR A 97 7.38 -0.83 3.30
C THR A 97 7.18 -1.81 2.14
N ARG A 98 7.32 -1.35 0.91
CA ARG A 98 7.12 -2.25 -0.23
C ARG A 98 8.23 -3.27 -0.31
N ARG A 99 9.39 -2.94 0.23
CA ARG A 99 10.49 -3.87 0.29
C ARG A 99 10.10 -5.00 1.25
N ALA A 100 9.55 -4.64 2.38
CA ALA A 100 9.13 -5.63 3.36
C ALA A 100 7.90 -6.38 2.86
N ALA A 101 7.09 -5.70 2.07
CA ALA A 101 5.90 -6.33 1.53
C ALA A 101 6.25 -7.32 0.46
N GLU A 102 7.21 -6.95 -0.42
CA GLU A 102 7.66 -7.86 -1.45
C GLU A 102 8.35 -9.04 -0.80
N ASP A 103 9.04 -8.76 0.32
CA ASP A 103 9.75 -9.78 1.06
C ASP A 103 8.77 -10.76 1.65
N ASP A 104 7.72 -10.24 2.26
CA ASP A 104 6.67 -11.08 2.84
C ASP A 104 5.90 -11.82 1.76
N ALA A 105 5.58 -11.14 0.67
CA ALA A 105 4.89 -11.73 -0.45
C ALA A 105 5.66 -12.90 -1.02
N VAL A 106 6.97 -12.74 -1.17
CA VAL A 106 7.80 -13.80 -1.71
C VAL A 106 8.10 -14.87 -0.64
N ASN A 107 7.97 -14.48 0.61
CA ASN A 107 8.06 -15.45 1.72
C ASN A 107 6.89 -16.42 1.65
N ARG A 108 5.72 -15.88 1.41
CA ARG A 108 4.52 -16.68 1.35
C ARG A 108 4.30 -17.27 -0.03
N LEU A 109 4.79 -16.59 -1.05
CA LEU A 109 4.61 -17.04 -2.41
C LEU A 109 5.93 -17.11 -3.13
N GLU A 110 6.30 -18.29 -3.53
CA GLU A 110 7.45 -18.51 -4.32
C GLU A 110 7.01 -19.09 -5.64
N GLY A 111 7.91 -19.20 -6.55
CA GLY A 111 7.59 -19.73 -7.87
C GLY A 111 7.04 -18.66 -8.79
N GLY A 112 6.03 -17.96 -8.32
CA GLY A 112 5.43 -16.89 -9.08
C GLY A 112 6.14 -15.58 -8.85
N ARG A 113 5.50 -14.48 -9.14
CA ARG A 113 6.15 -13.20 -9.05
C ARG A 113 5.12 -12.13 -8.76
N ILE A 114 5.55 -11.10 -8.06
CA ILE A 114 4.72 -9.97 -7.69
C ILE A 114 4.45 -9.13 -8.91
N VAL A 115 3.20 -8.91 -9.22
CA VAL A 115 2.87 -8.07 -10.36
C VAL A 115 2.00 -6.90 -9.95
N ASN A 116 1.34 -7.02 -8.81
CA ASN A 116 0.51 -5.93 -8.33
C ASN A 116 0.96 -5.57 -6.93
N TRP A 117 0.83 -4.32 -6.56
CA TRP A 117 1.22 -3.85 -5.25
C TRP A 117 0.62 -2.48 -5.02
N ALA A 118 0.48 -2.10 -3.77
CA ALA A 118 -0.04 -0.79 -3.40
C ALA A 118 0.38 -0.50 -1.97
N CYS A 119 0.92 0.67 -1.72
CA CYS A 119 1.47 0.97 -0.41
C CYS A 119 0.75 2.10 0.28
N ASN A 120 0.51 1.96 1.56
CA ASN A 120 -0.03 3.03 2.37
C ASN A 120 1.07 3.55 3.25
N PRO A 5 -9.38 29.06 -35.90
CA PRO A 5 -8.74 27.77 -36.05
C PRO A 5 -8.16 27.34 -34.74
N THR A 6 -7.91 26.06 -34.57
CA THR A 6 -7.33 25.53 -33.36
C THR A 6 -6.11 24.67 -33.65
N VAL A 7 -4.93 25.24 -33.50
CA VAL A 7 -3.71 24.51 -33.73
C VAL A 7 -3.22 23.94 -32.41
N ASP A 8 -2.43 22.90 -32.49
CA ASP A 8 -1.88 22.30 -31.31
C ASP A 8 -0.58 22.94 -30.99
N ALA A 9 -0.49 23.46 -29.83
CA ALA A 9 0.70 24.11 -29.39
C ALA A 9 1.00 23.69 -27.98
N HIS A 10 1.74 22.64 -27.86
CA HIS A 10 2.15 22.19 -26.58
C HIS A 10 3.50 22.81 -26.25
N LEU A 11 3.46 23.75 -25.37
CA LEU A 11 4.62 24.52 -25.03
C LEU A 11 5.35 23.84 -23.91
N ALA A 12 6.64 23.77 -24.03
CA ALA A 12 7.43 23.16 -23.00
C ALA A 12 7.72 24.19 -21.94
N ASN A 13 6.97 24.13 -20.90
CA ASN A 13 7.05 25.09 -19.84
C ASN A 13 7.82 24.53 -18.69
N GLY A 14 8.92 25.14 -18.43
CA GLY A 14 9.77 24.71 -17.35
C GLY A 14 9.83 25.77 -16.29
N SER A 15 9.11 25.57 -15.24
CA SER A 15 9.06 26.49 -14.16
C SER A 15 9.52 25.77 -12.89
N MET A 16 9.40 26.40 -11.79
CA MET A 16 9.78 25.85 -10.51
C MET A 16 8.57 25.19 -9.85
N SER A 17 8.78 24.60 -8.71
CA SER A 17 7.71 24.03 -7.97
C SER A 17 7.41 24.93 -6.77
N GLU A 18 6.23 25.53 -6.76
CA GLU A 18 5.84 26.49 -5.72
C GLU A 18 5.27 25.77 -4.50
N VAL A 19 5.86 24.66 -4.18
CA VAL A 19 5.43 23.82 -3.10
C VAL A 19 5.80 24.42 -1.75
N MET A 20 5.37 23.77 -0.71
CA MET A 20 5.68 24.17 0.62
C MET A 20 7.10 23.75 0.94
N MET A 21 7.74 24.42 1.85
CA MET A 21 9.09 24.07 2.25
C MET A 21 9.08 22.72 2.94
N SER A 22 10.21 22.10 3.04
CA SER A 22 10.30 20.81 3.67
C SER A 22 10.13 21.00 5.16
N GLU A 23 9.23 20.24 5.76
CA GLU A 23 8.95 20.38 7.16
C GLU A 23 10.05 19.79 8.00
N ILE A 24 10.96 20.62 8.34
CA ILE A 24 12.08 20.26 9.15
C ILE A 24 11.73 20.51 10.61
N ALA A 25 11.42 19.46 11.32
CA ALA A 25 11.05 19.58 12.72
C ALA A 25 12.19 19.09 13.58
N GLY A 26 12.16 19.42 14.86
CA GLY A 26 13.20 19.00 15.76
C GLY A 26 13.01 17.56 16.12
N LEU A 27 11.78 17.17 16.26
CA LEU A 27 11.44 15.80 16.58
C LEU A 27 11.10 15.06 15.28
N PRO A 28 11.34 13.74 15.19
CA PRO A 28 11.04 12.95 13.99
C PRO A 28 9.53 12.98 13.64
N ILE A 29 9.26 13.10 12.36
CA ILE A 29 7.92 13.17 11.86
C ILE A 29 7.56 11.82 11.25
N PRO A 30 6.56 11.13 11.78
CA PRO A 30 6.08 9.86 11.22
C PRO A 30 5.47 10.08 9.82
N PRO A 31 5.39 9.04 8.98
CA PRO A 31 4.79 9.15 7.66
C PRO A 31 3.28 9.24 7.78
N ILE A 32 2.63 9.69 6.74
CA ILE A 32 1.21 9.77 6.75
C ILE A 32 0.66 8.39 6.46
N ILE A 33 0.18 7.74 7.48
CA ILE A 33 -0.36 6.43 7.37
C ILE A 33 -1.75 6.49 6.82
N HIS A 34 -1.89 6.00 5.65
CA HIS A 34 -3.15 5.96 5.00
C HIS A 34 -3.73 4.60 5.13
N TYR A 35 -4.94 4.44 4.71
CA TYR A 35 -5.60 3.19 4.84
C TYR A 35 -5.95 2.71 3.45
N GLY A 36 -5.73 1.46 3.20
CA GLY A 36 -6.01 0.93 1.92
C GLY A 36 -6.40 -0.51 2.01
N ALA A 37 -6.66 -1.08 0.87
CA ALA A 37 -7.09 -2.45 0.77
C ALA A 37 -6.90 -2.92 -0.65
N ILE A 38 -6.64 -4.18 -0.80
CA ILE A 38 -6.51 -4.79 -2.11
C ILE A 38 -7.44 -5.98 -2.23
N ALA A 39 -8.29 -5.94 -3.23
CA ALA A 39 -9.27 -6.96 -3.46
C ALA A 39 -8.91 -7.73 -4.71
N TYR A 40 -8.89 -9.02 -4.61
CA TYR A 40 -8.61 -9.87 -5.73
C TYR A 40 -9.54 -11.03 -5.73
N ALA A 41 -10.37 -11.08 -6.72
CA ALA A 41 -11.27 -12.18 -6.85
C ALA A 41 -10.57 -13.24 -7.67
N PRO A 42 -10.80 -14.54 -7.37
CA PRO A 42 -10.17 -15.67 -8.11
C PRO A 42 -10.58 -15.69 -9.59
N SER A 43 -11.53 -14.84 -9.92
CA SER A 43 -12.02 -14.68 -11.25
C SER A 43 -11.00 -13.90 -12.10
N GLY A 44 -10.11 -13.14 -11.45
CA GLY A 44 -9.18 -12.33 -12.20
C GLY A 44 -9.51 -10.86 -12.04
N ALA A 45 -10.44 -10.58 -11.17
CA ALA A 45 -10.82 -9.23 -10.88
C ALA A 45 -9.80 -8.62 -9.93
N SER A 46 -9.20 -7.52 -10.34
CA SER A 46 -8.15 -6.88 -9.58
C SER A 46 -8.64 -5.57 -9.04
N GLY A 47 -8.28 -5.25 -7.82
CA GLY A 47 -8.59 -3.98 -7.27
C GLY A 47 -7.64 -3.61 -6.18
N LYS A 48 -7.21 -2.38 -6.18
CA LYS A 48 -6.27 -1.90 -5.20
C LYS A 48 -6.64 -0.48 -4.81
N ALA A 49 -6.56 -0.17 -3.54
CA ALA A 49 -6.94 1.12 -3.05
C ALA A 49 -6.03 1.48 -1.93
N TRP A 50 -5.60 2.71 -1.91
CA TRP A 50 -4.71 3.19 -0.91
C TRP A 50 -4.78 4.70 -0.91
N HIS A 51 -4.31 5.30 0.17
CA HIS A 51 -4.33 6.77 0.37
C HIS A 51 -5.71 7.28 0.78
N GLN A 52 -6.52 6.39 1.34
CA GLN A 52 -7.80 6.80 1.88
C GLN A 52 -7.62 7.17 3.33
N ARG A 53 -8.54 7.92 3.83
CA ARG A 53 -8.46 8.47 5.17
C ARG A 53 -9.24 7.63 6.16
N THR A 54 -10.06 6.76 5.66
CA THR A 54 -10.82 5.86 6.50
C THR A 54 -10.83 4.44 5.90
N PRO A 55 -10.70 3.40 6.76
CA PRO A 55 -10.70 2.00 6.31
C PRO A 55 -11.97 1.61 5.54
N ALA A 56 -13.13 2.14 5.95
CA ALA A 56 -14.39 1.83 5.29
C ALA A 56 -14.38 2.30 3.85
N ARG A 57 -13.95 3.54 3.65
CA ARG A 57 -13.89 4.11 2.31
C ARG A 57 -12.85 3.38 1.50
N ALA A 58 -11.75 3.04 2.16
CA ALA A 58 -10.67 2.27 1.53
C ALA A 58 -11.19 0.95 0.97
N GLU A 59 -12.02 0.25 1.74
CA GLU A 59 -12.62 -1.00 1.29
C GLU A 59 -13.51 -0.75 0.11
N GLN A 60 -14.33 0.29 0.22
CA GLN A 60 -15.26 0.66 -0.84
C GLN A 60 -14.53 0.91 -2.15
N VAL A 61 -13.45 1.66 -2.08
CA VAL A 61 -12.65 1.95 -3.26
C VAL A 61 -12.04 0.65 -3.79
N ALA A 62 -11.56 -0.19 -2.89
CA ALA A 62 -10.93 -1.47 -3.27
C ALA A 62 -11.93 -2.36 -4.00
N LEU A 63 -13.13 -2.42 -3.47
CA LEU A 63 -14.19 -3.22 -4.07
C LEU A 63 -14.62 -2.63 -5.41
N GLU A 64 -14.59 -1.31 -5.49
CA GLU A 64 -14.93 -0.61 -6.72
C GLU A 64 -13.88 -0.83 -7.79
N LYS A 65 -12.62 -0.85 -7.36
CA LYS A 65 -11.52 -1.11 -8.26
C LYS A 65 -11.56 -2.53 -8.74
N CYS A 66 -11.87 -3.46 -7.83
CA CYS A 66 -11.93 -4.87 -8.15
C CYS A 66 -13.08 -5.13 -9.07
N GLY A 67 -14.20 -4.60 -8.71
CA GLY A 67 -15.34 -4.73 -9.51
C GLY A 67 -16.52 -5.15 -8.72
N ASP A 68 -16.36 -6.21 -7.94
CA ASP A 68 -17.51 -6.72 -7.25
C ASP A 68 -17.47 -6.33 -5.79
N LYS A 69 -18.62 -6.16 -5.22
CA LYS A 69 -18.75 -5.81 -3.82
C LYS A 69 -18.36 -7.01 -3.00
N THR A 70 -18.64 -8.16 -3.56
CA THR A 70 -18.28 -9.39 -2.92
C THR A 70 -16.83 -9.83 -3.30
N CYS A 71 -16.00 -8.89 -3.82
CA CYS A 71 -14.61 -9.17 -4.02
C CYS A 71 -13.96 -9.44 -2.67
N LYS A 72 -13.75 -10.70 -2.37
CA LYS A 72 -13.23 -11.11 -1.10
C LYS A 72 -11.80 -11.52 -1.20
N VAL A 73 -11.20 -11.86 -0.04
CA VAL A 73 -9.76 -12.11 0.11
C VAL A 73 -9.06 -10.72 0.09
N VAL A 74 -9.90 -9.71 0.22
CA VAL A 74 -9.51 -8.34 0.25
C VAL A 74 -8.64 -8.08 1.47
N SER A 75 -7.43 -7.74 1.22
CA SER A 75 -6.49 -7.51 2.27
C SER A 75 -6.52 -6.05 2.65
N ARG A 76 -6.77 -5.77 3.89
CA ARG A 76 -6.80 -4.43 4.38
C ARG A 76 -5.44 -4.14 4.97
N PHE A 77 -4.90 -3.00 4.66
CA PHE A 77 -3.60 -2.63 5.16
C PHE A 77 -3.40 -1.14 5.18
N THR A 78 -2.61 -0.70 6.11
CA THR A 78 -2.18 0.67 6.21
C THR A 78 -0.70 0.72 5.82
N ARG A 79 -0.24 -0.45 5.48
CA ARG A 79 1.10 -0.72 5.07
C ARG A 79 1.12 -0.76 3.54
N CYS A 80 2.04 -1.49 3.01
CA CYS A 80 2.08 -1.75 1.62
C CYS A 80 1.64 -3.19 1.42
N GLY A 81 0.92 -3.43 0.37
CA GLY A 81 0.46 -4.77 0.06
C GLY A 81 0.88 -5.16 -1.32
N ALA A 82 1.35 -6.38 -1.46
CA ALA A 82 1.85 -6.87 -2.73
C ALA A 82 1.20 -8.20 -3.08
N VAL A 83 0.68 -8.31 -4.28
CA VAL A 83 0.00 -9.49 -4.73
C VAL A 83 0.80 -10.20 -5.82
N ALA A 84 1.10 -11.43 -5.53
CA ALA A 84 1.82 -12.31 -6.41
C ALA A 84 0.87 -13.26 -7.09
N TYR A 85 1.19 -13.54 -8.32
CA TYR A 85 0.43 -14.42 -9.17
C TYR A 85 1.16 -15.72 -9.33
N ASN A 86 0.50 -16.80 -9.04
CA ASN A 86 1.05 -18.10 -9.32
C ASN A 86 -0.06 -19.03 -9.76
N GLY A 87 -0.17 -19.21 -11.06
CA GLY A 87 -1.19 -20.07 -11.63
C GLY A 87 -2.58 -19.60 -11.26
N SER A 88 -2.80 -18.30 -11.36
CA SER A 88 -4.05 -17.65 -11.03
C SER A 88 -4.35 -17.66 -9.52
N LYS A 89 -3.42 -18.08 -8.70
CA LYS A 89 -3.62 -17.98 -7.27
C LYS A 89 -2.91 -16.76 -6.80
N TYR A 90 -3.63 -15.93 -6.11
CA TYR A 90 -3.16 -14.63 -5.73
C TYR A 90 -2.79 -14.61 -4.28
N GLN A 91 -1.54 -14.38 -4.02
CA GLN A 91 -1.07 -14.28 -2.66
C GLN A 91 -0.79 -12.82 -2.35
N GLY A 92 -1.44 -12.31 -1.32
CA GLY A 92 -1.26 -10.93 -0.95
C GLY A 92 -0.41 -10.79 0.29
N GLY A 93 0.78 -10.30 0.11
CA GLY A 93 1.70 -10.06 1.19
C GLY A 93 1.58 -8.65 1.68
N THR A 94 2.08 -8.39 2.85
CA THR A 94 1.95 -7.10 3.48
C THR A 94 3.20 -6.74 4.28
N GLY A 95 3.58 -5.50 4.18
CA GLY A 95 4.72 -5.00 4.90
C GLY A 95 4.67 -3.51 4.92
N LEU A 96 5.23 -2.89 5.93
CA LEU A 96 5.23 -1.42 6.07
C LEU A 96 5.80 -0.74 4.83
N THR A 97 6.82 -1.32 4.32
CA THR A 97 7.48 -0.85 3.14
C THR A 97 7.17 -1.78 2.01
N ARG A 98 7.34 -1.31 0.77
CA ARG A 98 7.15 -2.19 -0.39
C ARG A 98 8.08 -3.37 -0.30
N ARG A 99 9.29 -3.11 0.18
CA ARG A 99 10.32 -4.12 0.29
C ARG A 99 9.92 -5.22 1.26
N ALA A 100 9.36 -4.84 2.40
CA ALA A 100 8.91 -5.80 3.37
C ALA A 100 7.64 -6.48 2.91
N ALA A 101 6.82 -5.76 2.16
CA ALA A 101 5.59 -6.31 1.62
C ALA A 101 5.88 -7.34 0.58
N GLU A 102 6.77 -7.00 -0.36
CA GLU A 102 7.15 -7.89 -1.39
C GLU A 102 7.93 -9.06 -0.80
N ASP A 103 8.65 -8.80 0.30
CA ASP A 103 9.33 -9.85 1.01
C ASP A 103 8.34 -10.84 1.58
N ASP A 104 7.30 -10.32 2.21
CA ASP A 104 6.24 -11.16 2.81
C ASP A 104 5.54 -11.98 1.73
N ALA A 105 5.17 -11.30 0.65
CA ALA A 105 4.49 -11.93 -0.47
C ALA A 105 5.32 -13.05 -1.07
N VAL A 106 6.61 -12.81 -1.24
CA VAL A 106 7.50 -13.79 -1.85
C VAL A 106 7.90 -14.88 -0.81
N ASN A 107 7.79 -14.55 0.46
CA ASN A 107 7.97 -15.55 1.52
C ASN A 107 6.89 -16.58 1.42
N ARG A 108 5.71 -16.09 1.17
CA ARG A 108 4.54 -16.92 1.02
C ARG A 108 4.55 -17.60 -0.34
N LEU A 109 4.91 -16.85 -1.35
CA LEU A 109 4.77 -17.30 -2.69
C LEU A 109 6.07 -17.18 -3.47
N GLU A 110 6.64 -18.31 -3.79
CA GLU A 110 7.74 -18.40 -4.68
C GLU A 110 7.29 -19.30 -5.80
N GLY A 111 7.72 -19.00 -6.98
CA GLY A 111 7.35 -19.78 -8.13
C GLY A 111 6.66 -18.90 -9.13
N GLY A 112 5.85 -18.01 -8.62
CA GLY A 112 5.20 -17.02 -9.44
C GLY A 112 5.90 -15.71 -9.22
N ARG A 113 5.19 -14.61 -9.24
CA ARG A 113 5.83 -13.34 -9.01
C ARG A 113 4.82 -12.28 -8.64
N ILE A 114 5.30 -11.30 -7.94
CA ILE A 114 4.52 -10.16 -7.54
C ILE A 114 4.27 -9.29 -8.73
N VAL A 115 3.03 -9.06 -9.05
CA VAL A 115 2.73 -8.22 -10.18
C VAL A 115 1.97 -7.00 -9.72
N ASN A 116 1.25 -7.12 -8.63
CA ASN A 116 0.47 -6.00 -8.14
C ASN A 116 1.02 -5.58 -6.80
N TRP A 117 1.02 -4.30 -6.49
CA TRP A 117 1.42 -3.80 -5.19
C TRP A 117 1.04 -2.35 -5.05
N ALA A 118 0.72 -1.98 -3.85
CA ALA A 118 0.30 -0.64 -3.53
C ALA A 118 0.69 -0.31 -2.11
N CYS A 119 1.32 0.81 -1.90
CA CYS A 119 1.80 1.17 -0.59
C CYS A 119 1.08 2.40 -0.05
N ASN A 120 0.67 2.34 1.19
CA ASN A 120 0.06 3.49 1.85
C ASN A 120 1.12 4.37 2.48
N PRO A 5 30.78 -2.64 39.88
CA PRO A 5 30.75 -1.96 38.60
C PRO A 5 30.41 -0.51 38.82
N THR A 6 30.58 0.29 37.79
CA THR A 6 30.21 1.66 37.81
C THR A 6 29.48 1.96 36.50
N VAL A 7 28.20 2.23 36.59
CA VAL A 7 27.44 2.53 35.39
C VAL A 7 27.49 4.02 35.06
N ASP A 8 27.63 4.32 33.81
CA ASP A 8 27.63 5.68 33.33
C ASP A 8 26.36 5.96 32.54
N ALA A 9 25.78 7.12 32.75
CA ALA A 9 24.53 7.51 32.10
C ALA A 9 24.81 8.10 30.73
N HIS A 10 25.43 7.31 29.92
CA HIS A 10 25.78 7.68 28.59
C HIS A 10 24.56 7.53 27.70
N LEU A 11 23.92 8.62 27.43
CA LEU A 11 22.72 8.65 26.62
C LEU A 11 23.05 9.29 25.28
N ALA A 12 22.53 8.71 24.23
CA ALA A 12 22.73 9.25 22.91
C ALA A 12 21.78 10.42 22.71
N ASN A 13 22.35 11.59 22.59
CA ASN A 13 21.57 12.80 22.47
C ASN A 13 22.31 13.79 21.62
N GLY A 14 21.66 14.84 21.26
CA GLY A 14 22.26 15.85 20.46
C GLY A 14 21.52 17.14 20.63
N SER A 15 21.51 17.92 19.61
CA SER A 15 20.81 19.16 19.60
C SER A 15 20.03 19.20 18.29
N MET A 16 19.40 20.32 18.01
CA MET A 16 18.68 20.47 16.77
C MET A 16 19.65 20.46 15.64
N SER A 17 19.48 19.50 14.82
CA SER A 17 20.35 19.27 13.70
C SER A 17 19.63 18.47 12.63
N GLU A 18 19.20 19.16 11.62
CA GLU A 18 18.54 18.55 10.50
C GLU A 18 19.57 18.24 9.42
N VAL A 19 20.53 17.48 9.85
CA VAL A 19 21.63 17.01 9.04
C VAL A 19 21.45 15.52 8.88
N MET A 20 22.48 14.81 8.45
CA MET A 20 22.39 13.36 8.39
C MET A 20 22.46 12.76 9.79
N MET A 21 22.03 11.52 9.90
CA MET A 21 21.89 10.88 11.19
C MET A 21 23.21 10.52 11.84
N SER A 22 23.08 10.15 13.09
CA SER A 22 24.11 9.76 13.98
C SER A 22 23.32 9.31 15.19
N GLU A 23 23.94 8.97 16.30
CA GLU A 23 23.17 8.58 17.46
C GLU A 23 22.70 9.82 18.22
N ILE A 24 21.70 10.46 17.66
CA ILE A 24 21.11 11.67 18.19
C ILE A 24 19.60 11.59 18.02
N ALA A 25 18.89 12.60 18.47
CA ALA A 25 17.47 12.65 18.31
C ALA A 25 17.12 13.27 16.98
N GLY A 26 16.61 12.46 16.10
CA GLY A 26 16.25 12.91 14.78
C GLY A 26 16.22 11.73 13.84
N LEU A 27 15.05 11.22 13.62
CA LEU A 27 14.86 10.05 12.79
C LEU A 27 14.26 10.50 11.45
N PRO A 28 14.28 9.64 10.40
CA PRO A 28 13.66 9.96 9.11
C PRO A 28 12.15 10.13 9.25
N ILE A 29 11.52 10.79 8.28
CA ILE A 29 10.10 11.05 8.29
C ILE A 29 9.29 9.75 8.36
N PRO A 30 8.52 9.58 9.44
CA PRO A 30 7.67 8.41 9.61
C PRO A 30 6.48 8.44 8.62
N PRO A 31 6.23 7.31 7.92
CA PRO A 31 5.16 7.23 6.91
C PRO A 31 3.79 7.50 7.47
N ILE A 32 2.99 8.18 6.69
CA ILE A 32 1.64 8.48 7.06
C ILE A 32 0.82 7.24 6.83
N ILE A 33 0.30 6.69 7.87
CA ILE A 33 -0.48 5.48 7.79
C ILE A 33 -1.80 5.72 7.07
N HIS A 34 -1.86 5.21 5.87
CA HIS A 34 -3.05 5.28 5.07
C HIS A 34 -3.70 3.94 5.03
N TYR A 35 -4.97 3.91 4.85
CA TYR A 35 -5.71 2.67 4.91
C TYR A 35 -6.05 2.26 3.49
N GLY A 36 -5.98 0.98 3.23
CA GLY A 36 -6.28 0.50 1.92
C GLY A 36 -6.44 -0.98 1.88
N ALA A 37 -6.66 -1.48 0.71
CA ALA A 37 -6.94 -2.86 0.51
C ALA A 37 -6.80 -3.20 -0.96
N ILE A 38 -6.40 -4.40 -1.24
CA ILE A 38 -6.33 -4.90 -2.58
C ILE A 38 -7.27 -6.07 -2.71
N ALA A 39 -8.26 -5.92 -3.52
CA ALA A 39 -9.24 -6.94 -3.74
C ALA A 39 -8.92 -7.61 -5.04
N TYR A 40 -8.69 -8.90 -4.98
CA TYR A 40 -8.35 -9.62 -6.16
C TYR A 40 -9.02 -10.95 -6.12
N ALA A 41 -10.02 -11.11 -6.92
CA ALA A 41 -10.75 -12.33 -6.97
C ALA A 41 -10.08 -13.28 -7.97
N PRO A 42 -10.13 -14.61 -7.72
CA PRO A 42 -9.54 -15.63 -8.63
C PRO A 42 -10.20 -15.62 -10.02
N SER A 43 -11.28 -14.86 -10.14
CA SER A 43 -12.00 -14.68 -11.37
C SER A 43 -11.21 -13.76 -12.31
N GLY A 44 -10.24 -13.04 -11.75
CA GLY A 44 -9.44 -12.12 -12.53
C GLY A 44 -9.76 -10.70 -12.20
N ALA A 45 -10.80 -10.53 -11.40
CA ALA A 45 -11.26 -9.22 -10.96
C ALA A 45 -10.19 -8.57 -10.10
N SER A 46 -9.66 -7.47 -10.57
CA SER A 46 -8.57 -6.80 -9.93
C SER A 46 -9.03 -5.46 -9.36
N GLY A 47 -8.56 -5.09 -8.20
CA GLY A 47 -8.83 -3.78 -7.70
C GLY A 47 -7.97 -3.46 -6.50
N LYS A 48 -7.61 -2.22 -6.34
CA LYS A 48 -6.81 -1.81 -5.21
C LYS A 48 -7.14 -0.40 -4.81
N ALA A 49 -6.99 -0.10 -3.54
CA ALA A 49 -7.30 1.19 -3.03
C ALA A 49 -6.34 1.50 -1.94
N TRP A 50 -5.78 2.67 -1.95
CA TRP A 50 -4.81 3.05 -1.01
C TRP A 50 -4.81 4.56 -0.88
N HIS A 51 -4.21 5.05 0.20
CA HIS A 51 -4.21 6.49 0.54
C HIS A 51 -5.57 6.99 1.00
N GLN A 52 -6.42 6.08 1.42
CA GLN A 52 -7.69 6.47 1.98
C GLN A 52 -7.49 6.80 3.41
N ARG A 53 -8.26 7.74 3.86
CA ARG A 53 -8.12 8.26 5.20
C ARG A 53 -9.01 7.53 6.17
N THR A 54 -9.91 6.73 5.66
CA THR A 54 -10.80 5.98 6.48
C THR A 54 -10.87 4.53 5.98
N PRO A 55 -10.69 3.55 6.90
CA PRO A 55 -10.74 2.12 6.58
C PRO A 55 -11.98 1.73 5.78
N ALA A 56 -13.15 2.19 6.22
CA ALA A 56 -14.42 1.87 5.56
C ALA A 56 -14.43 2.33 4.11
N ARG A 57 -13.95 3.55 3.86
CA ARG A 57 -13.93 4.07 2.52
C ARG A 57 -12.94 3.31 1.68
N ALA A 58 -11.81 2.98 2.28
CA ALA A 58 -10.76 2.18 1.64
C ALA A 58 -11.33 0.84 1.17
N GLU A 59 -12.13 0.21 2.02
CA GLU A 59 -12.77 -1.06 1.70
C GLU A 59 -13.66 -0.87 0.50
N GLN A 60 -14.54 0.13 0.59
CA GLN A 60 -15.50 0.44 -0.46
C GLN A 60 -14.83 0.69 -1.79
N VAL A 61 -13.77 1.48 -1.77
CA VAL A 61 -13.04 1.79 -2.99
C VAL A 61 -12.39 0.53 -3.54
N ALA A 62 -11.85 -0.30 -2.65
CA ALA A 62 -11.16 -1.53 -3.07
C ALA A 62 -12.13 -2.50 -3.74
N LEU A 63 -13.29 -2.64 -3.14
CA LEU A 63 -14.33 -3.51 -3.65
C LEU A 63 -14.82 -3.01 -5.00
N GLU A 64 -15.03 -1.70 -5.08
CA GLU A 64 -15.49 -1.07 -6.29
C GLU A 64 -14.47 -1.22 -7.41
N LYS A 65 -13.19 -1.08 -7.06
CA LYS A 65 -12.12 -1.23 -8.03
C LYS A 65 -12.08 -2.65 -8.55
N CYS A 66 -12.25 -3.62 -7.64
CA CYS A 66 -12.26 -5.03 -7.99
C CYS A 66 -13.36 -5.30 -8.99
N GLY A 67 -14.50 -4.74 -8.73
CA GLY A 67 -15.60 -4.90 -9.63
C GLY A 67 -16.75 -5.57 -8.95
N ASP A 68 -16.47 -6.40 -7.98
CA ASP A 68 -17.54 -7.06 -7.29
C ASP A 68 -17.75 -6.35 -6.01
N LYS A 69 -18.95 -5.95 -5.75
CA LYS A 69 -19.28 -5.18 -4.57
C LYS A 69 -18.87 -5.88 -3.28
N THR A 70 -19.00 -7.18 -3.26
CA THR A 70 -18.57 -7.94 -2.11
C THR A 70 -17.29 -8.76 -2.45
N CYS A 71 -16.45 -8.24 -3.38
CA CYS A 71 -15.18 -8.89 -3.78
C CYS A 71 -14.38 -9.40 -2.56
N LYS A 72 -13.98 -10.65 -2.62
CA LYS A 72 -13.29 -11.28 -1.51
C LYS A 72 -11.85 -11.57 -1.89
N VAL A 73 -11.08 -12.10 -0.93
CA VAL A 73 -9.63 -12.38 -1.06
C VAL A 73 -8.89 -11.04 -0.97
N VAL A 74 -9.61 -10.10 -0.39
CA VAL A 74 -9.14 -8.77 -0.22
C VAL A 74 -8.01 -8.71 0.82
N SER A 75 -6.89 -8.20 0.41
CA SER A 75 -5.78 -8.04 1.28
C SER A 75 -5.86 -6.63 1.86
N ARG A 76 -5.88 -6.53 3.16
CA ARG A 76 -6.08 -5.27 3.83
C ARG A 76 -4.80 -4.81 4.49
N PHE A 77 -4.46 -3.57 4.30
CA PHE A 77 -3.23 -3.04 4.85
C PHE A 77 -3.26 -1.53 5.03
N THR A 78 -2.38 -1.08 5.88
CA THR A 78 -2.17 0.32 6.19
C THR A 78 -0.67 0.60 5.99
N ARG A 79 -0.09 -0.29 5.26
CA ARG A 79 1.31 -0.34 4.93
C ARG A 79 1.37 -0.64 3.45
N CYS A 80 2.37 -1.30 2.99
CA CYS A 80 2.40 -1.62 1.60
C CYS A 80 1.98 -3.07 1.42
N GLY A 81 1.30 -3.34 0.34
CA GLY A 81 0.88 -4.66 0.02
C GLY A 81 1.34 -5.03 -1.35
N ALA A 82 1.75 -6.25 -1.53
CA ALA A 82 2.26 -6.72 -2.80
C ALA A 82 1.60 -8.03 -3.15
N VAL A 83 1.08 -8.11 -4.33
CA VAL A 83 0.35 -9.25 -4.80
C VAL A 83 1.12 -10.00 -5.88
N ALA A 84 1.34 -11.26 -5.58
CA ALA A 84 2.00 -12.18 -6.45
C ALA A 84 0.98 -13.11 -7.07
N TYR A 85 1.23 -13.46 -8.31
CA TYR A 85 0.36 -14.31 -9.09
C TYR A 85 1.06 -15.63 -9.29
N ASN A 86 0.45 -16.69 -8.92
CA ASN A 86 1.01 -18.00 -9.12
C ASN A 86 -0.07 -18.96 -9.54
N GLY A 87 -0.16 -19.22 -10.81
CA GLY A 87 -1.15 -20.16 -11.33
C GLY A 87 -2.57 -19.68 -11.07
N SER A 88 -2.80 -18.39 -11.31
CA SER A 88 -4.07 -17.69 -11.08
C SER A 88 -4.42 -17.59 -9.58
N LYS A 89 -3.47 -17.94 -8.72
CA LYS A 89 -3.68 -17.82 -7.30
C LYS A 89 -3.02 -16.54 -6.88
N TYR A 90 -3.76 -15.69 -6.24
CA TYR A 90 -3.29 -14.38 -5.86
C TYR A 90 -2.99 -14.36 -4.39
N GLN A 91 -1.81 -13.93 -4.03
CA GLN A 91 -1.41 -13.86 -2.65
C GLN A 91 -0.82 -12.50 -2.37
N GLY A 92 -1.33 -11.86 -1.34
CA GLY A 92 -0.85 -10.56 -0.97
C GLY A 92 0.07 -10.61 0.21
N GLY A 93 1.19 -9.96 0.08
CA GLY A 93 2.13 -9.81 1.15
C GLY A 93 2.02 -8.42 1.68
N THR A 94 2.42 -8.20 2.90
CA THR A 94 2.25 -6.91 3.53
C THR A 94 3.47 -6.51 4.34
N GLY A 95 3.84 -5.27 4.22
CA GLY A 95 4.96 -4.74 4.95
C GLY A 95 4.95 -3.26 4.87
N LEU A 96 5.46 -2.59 5.87
CA LEU A 96 5.51 -1.11 5.91
C LEU A 96 6.21 -0.54 4.69
N THR A 97 7.25 -1.18 4.31
CA THR A 97 8.00 -0.80 3.16
C THR A 97 7.67 -1.78 2.04
N ARG A 98 7.77 -1.36 0.77
CA ARG A 98 7.42 -2.26 -0.32
C ARG A 98 8.38 -3.42 -0.38
N ARG A 99 9.63 -3.17 0.01
CA ARG A 99 10.65 -4.20 0.02
C ARG A 99 10.30 -5.29 1.03
N ALA A 100 9.81 -4.88 2.18
CA ALA A 100 9.41 -5.84 3.19
C ALA A 100 8.07 -6.46 2.83
N ALA A 101 7.24 -5.70 2.14
CA ALA A 101 5.95 -6.21 1.70
C ALA A 101 6.12 -7.27 0.66
N GLU A 102 6.99 -7.00 -0.31
CA GLU A 102 7.26 -7.93 -1.34
C GLU A 102 7.97 -9.14 -0.77
N ASP A 103 8.88 -8.93 0.18
CA ASP A 103 9.57 -10.03 0.84
C ASP A 103 8.56 -10.91 1.54
N ASP A 104 7.63 -10.26 2.21
CA ASP A 104 6.53 -10.94 2.91
C ASP A 104 5.71 -11.74 1.93
N ALA A 105 5.39 -11.12 0.81
CA ALA A 105 4.63 -11.75 -0.26
C ALA A 105 5.32 -13.01 -0.78
N VAL A 106 6.64 -12.98 -0.82
CA VAL A 106 7.45 -14.13 -1.23
C VAL A 106 7.39 -15.19 -0.14
N ASN A 107 7.42 -14.73 1.07
CA ASN A 107 7.31 -15.60 2.26
C ASN A 107 5.96 -16.28 2.28
N ARG A 108 4.97 -15.64 1.70
CA ARG A 108 3.64 -16.20 1.58
C ARG A 108 3.52 -17.00 0.28
N LEU A 109 4.26 -16.56 -0.74
CA LEU A 109 4.14 -17.11 -2.07
C LEU A 109 5.49 -17.19 -2.80
N GLU A 110 5.90 -18.39 -3.08
CA GLU A 110 7.04 -18.64 -3.90
C GLU A 110 6.55 -19.28 -5.17
N GLY A 111 7.31 -19.13 -6.18
CA GLY A 111 6.95 -19.67 -7.46
C GLY A 111 6.51 -18.58 -8.39
N GLY A 112 5.43 -17.93 -8.03
CA GLY A 112 4.92 -16.83 -8.82
C GLY A 112 5.67 -15.55 -8.53
N ARG A 113 5.21 -14.45 -9.08
CA ARG A 113 5.92 -13.21 -8.93
C ARG A 113 4.96 -12.09 -8.62
N ILE A 114 5.43 -11.13 -7.90
CA ILE A 114 4.69 -9.96 -7.52
C ILE A 114 4.58 -9.06 -8.70
N VAL A 115 3.39 -8.86 -9.16
CA VAL A 115 3.21 -8.01 -10.30
C VAL A 115 2.29 -6.87 -9.95
N ASN A 116 1.59 -7.01 -8.84
CA ASN A 116 0.72 -5.95 -8.40
C ASN A 116 1.14 -5.60 -7.00
N TRP A 117 1.01 -4.37 -6.64
CA TRP A 117 1.38 -3.88 -5.34
C TRP A 117 0.77 -2.51 -5.16
N ALA A 118 0.74 -2.04 -3.96
CA ALA A 118 0.24 -0.73 -3.62
C ALA A 118 0.73 -0.39 -2.24
N CYS A 119 1.27 0.77 -2.07
CA CYS A 119 1.79 1.15 -0.79
C CYS A 119 1.01 2.30 -0.23
N ASN A 120 0.61 2.17 1.00
CA ASN A 120 -0.17 3.17 1.64
C ASN A 120 0.73 4.06 2.45
N PRO A 5 -3.47 4.30 -41.37
CA PRO A 5 -2.65 5.48 -41.20
C PRO A 5 -1.31 5.06 -40.65
N THR A 6 -0.36 5.94 -40.71
CA THR A 6 0.95 5.70 -40.19
C THR A 6 1.07 6.39 -38.84
N VAL A 7 0.94 5.64 -37.80
CA VAL A 7 1.12 6.16 -36.47
C VAL A 7 2.56 6.00 -36.11
N ASP A 8 3.19 7.09 -35.89
CA ASP A 8 4.60 7.12 -35.59
C ASP A 8 4.76 7.37 -34.10
N ALA A 9 5.84 6.90 -33.53
CA ALA A 9 6.05 7.04 -32.11
C ALA A 9 6.53 8.44 -31.75
N HIS A 10 5.60 9.32 -31.53
CA HIS A 10 5.90 10.66 -31.12
C HIS A 10 5.61 10.73 -29.65
N LEU A 11 6.63 10.88 -28.88
CA LEU A 11 6.49 10.85 -27.46
C LEU A 11 6.15 12.22 -26.93
N ALA A 12 5.54 12.23 -25.80
CA ALA A 12 5.18 13.44 -25.12
C ALA A 12 5.52 13.26 -23.67
N ASN A 13 5.34 14.25 -22.85
CA ASN A 13 5.69 14.12 -21.47
C ASN A 13 4.46 13.71 -20.68
N GLY A 14 4.57 12.61 -19.99
CA GLY A 14 3.47 12.07 -19.25
C GLY A 14 3.50 12.51 -17.82
N SER A 15 4.07 11.70 -16.99
CA SER A 15 4.12 11.96 -15.59
C SER A 15 5.56 11.84 -15.14
N MET A 16 5.93 12.66 -14.23
CA MET A 16 7.27 12.72 -13.71
C MET A 16 7.27 12.23 -12.27
N SER A 17 8.37 12.39 -11.60
CA SER A 17 8.46 12.04 -10.22
C SER A 17 9.01 13.21 -9.45
N GLU A 18 8.14 13.88 -8.77
CA GLU A 18 8.50 15.04 -7.97
C GLU A 18 8.58 14.61 -6.51
N VAL A 19 8.64 13.30 -6.33
CA VAL A 19 8.72 12.66 -5.03
C VAL A 19 10.07 12.93 -4.34
N MET A 20 10.29 12.25 -3.20
CA MET A 20 11.42 12.48 -2.30
C MET A 20 11.10 13.70 -1.47
N MET A 21 10.52 13.45 -0.34
CA MET A 21 10.04 14.51 0.53
C MET A 21 11.14 15.39 1.03
N SER A 22 10.79 16.61 1.22
CA SER A 22 11.69 17.61 1.67
C SER A 22 11.60 17.71 3.20
N GLU A 23 12.58 18.38 3.79
CA GLU A 23 12.68 18.55 5.24
C GLU A 23 12.80 17.25 6.00
N ILE A 24 13.98 16.75 6.03
CA ILE A 24 14.27 15.53 6.74
C ILE A 24 15.26 15.85 7.85
N ALA A 25 14.77 15.85 9.07
CA ALA A 25 15.58 16.12 10.23
C ALA A 25 16.15 14.81 10.79
N GLY A 26 16.75 14.89 11.97
CA GLY A 26 17.33 13.73 12.58
C GLY A 26 16.36 12.96 13.42
N LEU A 27 15.21 13.53 13.68
CA LEU A 27 14.18 12.84 14.43
C LEU A 27 13.49 11.83 13.51
N PRO A 28 12.94 10.73 14.05
CA PRO A 28 12.24 9.76 13.22
C PRO A 28 10.95 10.37 12.66
N ILE A 29 10.83 10.35 11.37
CA ILE A 29 9.72 10.91 10.69
C ILE A 29 8.80 9.79 10.27
N PRO A 30 7.59 9.76 10.80
CA PRO A 30 6.62 8.78 10.42
C PRO A 30 5.92 9.20 9.14
N PRO A 31 5.71 8.27 8.20
CA PRO A 31 4.96 8.55 7.00
C PRO A 31 3.48 8.77 7.35
N ILE A 32 2.71 9.23 6.42
CA ILE A 32 1.31 9.41 6.67
C ILE A 32 0.63 8.08 6.42
N ILE A 33 0.32 7.37 7.49
CA ILE A 33 -0.33 6.09 7.38
C ILE A 33 -1.74 6.28 6.89
N HIS A 34 -1.95 5.95 5.66
CA HIS A 34 -3.26 5.98 5.10
C HIS A 34 -3.86 4.62 5.16
N TYR A 35 -5.04 4.49 4.68
CA TYR A 35 -5.72 3.24 4.78
C TYR A 35 -6.03 2.80 3.38
N GLY A 36 -5.81 1.54 3.11
CA GLY A 36 -6.08 1.01 1.83
C GLY A 36 -6.39 -0.45 1.91
N ALA A 37 -6.61 -1.05 0.79
CA ALA A 37 -6.97 -2.44 0.73
C ALA A 37 -6.81 -2.95 -0.68
N ILE A 38 -6.57 -4.20 -0.80
CA ILE A 38 -6.51 -4.85 -2.08
C ILE A 38 -7.54 -5.94 -2.11
N ALA A 39 -8.43 -5.81 -3.04
CA ALA A 39 -9.50 -6.72 -3.22
C ALA A 39 -9.19 -7.55 -4.40
N TYR A 40 -9.17 -8.83 -4.24
CA TYR A 40 -8.87 -9.65 -5.33
C TYR A 40 -9.76 -10.86 -5.29
N ALA A 41 -10.75 -10.85 -6.15
CA ALA A 41 -11.68 -11.94 -6.23
C ALA A 41 -11.05 -13.06 -7.01
N PRO A 42 -11.31 -14.34 -6.61
CA PRO A 42 -10.74 -15.54 -7.29
C PRO A 42 -11.04 -15.56 -8.79
N SER A 43 -12.04 -14.79 -9.18
CA SER A 43 -12.49 -14.66 -10.55
C SER A 43 -11.40 -14.02 -11.43
N GLY A 44 -10.45 -13.34 -10.79
CA GLY A 44 -9.40 -12.68 -11.54
C GLY A 44 -9.55 -11.19 -11.46
N ALA A 45 -10.55 -10.76 -10.71
CA ALA A 45 -10.86 -9.37 -10.54
C ALA A 45 -9.92 -8.77 -9.51
N SER A 46 -9.14 -7.82 -9.95
CA SER A 46 -8.17 -7.18 -9.11
C SER A 46 -8.54 -5.74 -8.84
N GLY A 47 -8.28 -5.30 -7.63
CA GLY A 47 -8.49 -3.94 -7.29
C GLY A 47 -7.65 -3.53 -6.13
N LYS A 48 -7.10 -2.34 -6.21
CA LYS A 48 -6.27 -1.83 -5.17
C LYS A 48 -6.68 -0.43 -4.80
N ALA A 49 -6.59 -0.12 -3.53
CA ALA A 49 -6.95 1.16 -3.01
C ALA A 49 -5.95 1.53 -1.96
N TRP A 50 -5.52 2.76 -1.97
CA TRP A 50 -4.60 3.25 -1.00
C TRP A 50 -4.69 4.77 -0.99
N HIS A 51 -4.35 5.35 0.15
CA HIS A 51 -4.40 6.81 0.41
C HIS A 51 -5.81 7.32 0.68
N GLN A 52 -6.71 6.44 1.10
CA GLN A 52 -8.02 6.88 1.49
C GLN A 52 -7.96 7.39 2.89
N ARG A 53 -8.90 8.21 3.23
CA ARG A 53 -8.86 8.89 4.49
C ARG A 53 -9.49 8.09 5.60
N THR A 54 -10.30 7.13 5.24
CA THR A 54 -10.96 6.29 6.19
C THR A 54 -10.91 4.85 5.71
N PRO A 55 -10.72 3.88 6.63
CA PRO A 55 -10.73 2.46 6.30
C PRO A 55 -11.98 2.04 5.53
N ALA A 56 -13.16 2.55 5.95
CA ALA A 56 -14.44 2.22 5.30
C ALA A 56 -14.42 2.57 3.81
N ARG A 57 -13.97 3.76 3.50
CA ARG A 57 -13.91 4.18 2.12
C ARG A 57 -12.84 3.42 1.38
N ALA A 58 -11.74 3.13 2.05
CA ALA A 58 -10.65 2.34 1.49
C ALA A 58 -11.16 0.96 1.05
N GLU A 59 -12.02 0.36 1.90
CA GLU A 59 -12.67 -0.92 1.62
C GLU A 59 -13.48 -0.76 0.34
N GLN A 60 -14.32 0.26 0.33
CA GLN A 60 -15.20 0.57 -0.79
C GLN A 60 -14.44 0.78 -2.08
N VAL A 61 -13.33 1.48 -2.00
CA VAL A 61 -12.53 1.77 -3.17
C VAL A 61 -11.83 0.50 -3.67
N ALA A 62 -11.45 -0.38 -2.74
CA ALA A 62 -10.84 -1.64 -3.14
C ALA A 62 -11.85 -2.46 -3.90
N LEU A 63 -13.08 -2.46 -3.39
CA LEU A 63 -14.20 -3.14 -4.00
C LEU A 63 -14.51 -2.52 -5.37
N GLU A 64 -14.37 -1.19 -5.46
CA GLU A 64 -14.60 -0.44 -6.68
C GLU A 64 -13.64 -0.88 -7.78
N LYS A 65 -12.34 -0.94 -7.44
CA LYS A 65 -11.35 -1.33 -8.42
C LYS A 65 -11.47 -2.80 -8.78
N CYS A 66 -11.80 -3.63 -7.79
CA CYS A 66 -12.01 -5.04 -8.04
C CYS A 66 -13.21 -5.19 -8.96
N GLY A 67 -14.24 -4.43 -8.67
CA GLY A 67 -15.38 -4.41 -9.48
C GLY A 67 -16.56 -5.00 -8.78
N ASP A 68 -16.30 -5.87 -7.84
CA ASP A 68 -17.35 -6.52 -7.16
C ASP A 68 -17.52 -5.88 -5.81
N LYS A 69 -18.73 -5.48 -5.52
CA LYS A 69 -19.08 -4.89 -4.25
C LYS A 69 -18.82 -5.89 -3.13
N THR A 70 -19.03 -7.13 -3.42
CA THR A 70 -18.80 -8.15 -2.45
C THR A 70 -17.47 -8.90 -2.75
N CYS A 71 -16.54 -8.22 -3.48
CA CYS A 71 -15.21 -8.79 -3.78
C CYS A 71 -14.56 -9.29 -2.48
N LYS A 72 -14.38 -10.58 -2.41
CA LYS A 72 -13.85 -11.18 -1.23
C LYS A 72 -12.34 -11.31 -1.38
N VAL A 73 -11.65 -11.77 -0.32
CA VAL A 73 -10.18 -11.91 -0.27
C VAL A 73 -9.56 -10.49 -0.18
N VAL A 74 -10.44 -9.54 0.10
CA VAL A 74 -10.08 -8.15 0.24
C VAL A 74 -9.25 -7.95 1.50
N SER A 75 -8.01 -7.76 1.30
CA SER A 75 -7.09 -7.62 2.36
C SER A 75 -6.85 -6.14 2.60
N ARG A 76 -7.09 -5.69 3.81
CA ARG A 76 -6.92 -4.31 4.14
C ARG A 76 -5.55 -4.12 4.71
N PHE A 77 -4.96 -2.99 4.46
CA PHE A 77 -3.69 -2.66 5.00
C PHE A 77 -3.48 -1.16 5.07
N THR A 78 -2.81 -0.74 6.07
CA THR A 78 -2.43 0.64 6.23
C THR A 78 -0.93 0.74 5.99
N ARG A 79 -0.46 -0.32 5.39
CA ARG A 79 0.92 -0.57 5.08
C ARG A 79 1.00 -0.77 3.58
N CYS A 80 1.92 -1.57 3.13
CA CYS A 80 1.98 -1.89 1.74
C CYS A 80 1.55 -3.34 1.53
N GLY A 81 0.87 -3.58 0.45
CA GLY A 81 0.43 -4.91 0.11
C GLY A 81 0.84 -5.26 -1.29
N ALA A 82 1.26 -6.48 -1.50
CA ALA A 82 1.74 -6.93 -2.79
C ALA A 82 1.05 -8.23 -3.16
N VAL A 83 0.73 -8.39 -4.43
CA VAL A 83 0.07 -9.55 -4.92
C VAL A 83 0.93 -10.25 -5.98
N ALA A 84 1.25 -11.48 -5.69
CA ALA A 84 2.03 -12.33 -6.55
C ALA A 84 1.12 -13.33 -7.24
N TYR A 85 1.46 -13.64 -8.46
CA TYR A 85 0.69 -14.55 -9.30
C TYR A 85 1.52 -15.73 -9.64
N ASN A 86 1.03 -16.89 -9.33
CA ASN A 86 1.69 -18.12 -9.73
C ASN A 86 0.66 -19.19 -9.96
N GLY A 87 0.49 -19.58 -11.22
CA GLY A 87 -0.46 -20.63 -11.57
C GLY A 87 -1.86 -20.28 -11.17
N SER A 88 -2.20 -19.02 -11.40
CA SER A 88 -3.48 -18.43 -11.07
C SER A 88 -3.73 -18.36 -9.55
N LYS A 89 -2.71 -18.60 -8.76
CA LYS A 89 -2.82 -18.46 -7.32
C LYS A 89 -2.24 -17.11 -6.98
N TYR A 90 -3.05 -16.32 -6.34
CA TYR A 90 -2.68 -14.97 -6.01
C TYR A 90 -2.28 -14.92 -4.55
N GLN A 91 -1.11 -14.45 -4.30
CA GLN A 91 -0.62 -14.38 -2.96
C GLN A 91 -0.64 -12.93 -2.52
N GLY A 92 -1.34 -12.66 -1.44
CA GLY A 92 -1.38 -11.34 -0.89
C GLY A 92 -0.38 -11.19 0.25
N GLY A 93 0.70 -10.52 -0.05
CA GLY A 93 1.72 -10.29 0.93
C GLY A 93 1.62 -8.90 1.47
N THR A 94 2.11 -8.66 2.65
CA THR A 94 1.98 -7.36 3.29
C THR A 94 3.19 -7.01 4.14
N GLY A 95 3.46 -5.74 4.25
CA GLY A 95 4.53 -5.24 5.07
C GLY A 95 4.41 -3.75 5.16
N LEU A 96 5.02 -3.15 6.16
CA LEU A 96 4.94 -1.68 6.34
C LEU A 96 5.56 -0.94 5.18
N THR A 97 6.57 -1.52 4.65
CA THR A 97 7.28 -0.99 3.52
C THR A 97 7.05 -1.91 2.34
N ARG A 98 7.28 -1.46 1.10
CA ARG A 98 7.07 -2.35 -0.04
C ARG A 98 8.04 -3.50 0.01
N ARG A 99 9.25 -3.23 0.50
CA ARG A 99 10.27 -4.26 0.65
C ARG A 99 9.81 -5.36 1.57
N ALA A 100 9.20 -5.00 2.66
CA ALA A 100 8.71 -6.00 3.59
C ALA A 100 7.51 -6.70 3.03
N ALA A 101 6.70 -5.96 2.28
CA ALA A 101 5.50 -6.51 1.67
C ALA A 101 5.86 -7.54 0.63
N GLU A 102 6.77 -7.18 -0.26
CA GLU A 102 7.21 -8.08 -1.28
C GLU A 102 7.96 -9.23 -0.65
N ASP A 103 8.77 -8.95 0.37
CA ASP A 103 9.54 -9.98 1.08
C ASP A 103 8.60 -11.04 1.61
N ASP A 104 7.51 -10.58 2.17
CA ASP A 104 6.47 -11.44 2.75
C ASP A 104 5.81 -12.29 1.66
N ALA A 105 5.42 -11.63 0.59
CA ALA A 105 4.81 -12.29 -0.57
C ALA A 105 5.74 -13.34 -1.16
N VAL A 106 7.03 -13.03 -1.22
CA VAL A 106 8.05 -13.95 -1.75
C VAL A 106 8.27 -15.10 -0.76
N ASN A 107 8.20 -14.78 0.52
CA ASN A 107 8.33 -15.79 1.59
C ASN A 107 7.26 -16.84 1.43
N ARG A 108 6.10 -16.39 1.07
CA ARG A 108 4.98 -17.26 0.94
C ARG A 108 4.78 -17.72 -0.52
N LEU A 109 5.45 -17.06 -1.45
CA LEU A 109 5.31 -17.40 -2.87
C LEU A 109 6.56 -17.07 -3.69
N GLU A 110 7.12 -18.09 -4.30
CA GLU A 110 8.14 -17.95 -5.29
C GLU A 110 7.67 -18.69 -6.53
N GLY A 111 8.39 -18.55 -7.59
CA GLY A 111 8.03 -19.18 -8.83
C GLY A 111 7.34 -18.19 -9.72
N GLY A 112 6.31 -17.60 -9.19
CA GLY A 112 5.58 -16.59 -9.91
C GLY A 112 6.22 -15.24 -9.73
N ARG A 113 5.43 -14.22 -9.68
CA ARG A 113 5.96 -12.88 -9.53
C ARG A 113 4.92 -11.97 -8.95
N ILE A 114 5.38 -11.02 -8.20
CA ILE A 114 4.56 -9.97 -7.66
C ILE A 114 4.26 -9.01 -8.78
N VAL A 115 3.05 -9.00 -9.25
CA VAL A 115 2.74 -8.13 -10.35
C VAL A 115 1.97 -6.94 -9.86
N ASN A 116 1.27 -7.09 -8.76
CA ASN A 116 0.46 -6.00 -8.27
C ASN A 116 0.92 -5.63 -6.89
N TRP A 117 0.85 -4.37 -6.55
CA TRP A 117 1.19 -3.90 -5.22
C TRP A 117 0.68 -2.50 -5.06
N ALA A 118 0.51 -2.10 -3.83
CA ALA A 118 0.07 -0.77 -3.49
C ALA A 118 0.50 -0.48 -2.07
N CYS A 119 1.07 0.65 -1.87
CA CYS A 119 1.59 0.99 -0.58
C CYS A 119 0.95 2.25 -0.05
N ASN A 120 0.53 2.22 1.18
CA ASN A 120 0.02 3.40 1.85
C ASN A 120 1.15 4.13 2.51
N PRO A 5 5.82 61.22 -18.08
CA PRO A 5 5.65 59.95 -18.75
C PRO A 5 4.19 59.56 -18.69
N THR A 6 3.60 59.24 -19.81
CA THR A 6 2.21 58.87 -19.85
C THR A 6 2.12 57.34 -19.89
N VAL A 7 1.64 56.77 -18.82
CA VAL A 7 1.56 55.32 -18.70
C VAL A 7 0.10 54.90 -18.70
N ASP A 8 -0.19 53.89 -19.45
CA ASP A 8 -1.52 53.33 -19.52
C ASP A 8 -1.42 51.86 -19.26
N ALA A 9 -2.17 51.40 -18.34
CA ALA A 9 -2.10 50.03 -17.95
C ALA A 9 -3.14 49.17 -18.61
N HIS A 10 -4.29 49.09 -17.98
CA HIS A 10 -5.40 48.23 -18.40
C HIS A 10 -4.97 46.78 -18.35
N LEU A 11 -4.85 46.25 -17.17
CA LEU A 11 -4.43 44.89 -17.00
C LEU A 11 -5.35 44.19 -16.01
N ALA A 12 -5.02 42.98 -15.70
CA ALA A 12 -5.75 42.21 -14.74
C ALA A 12 -4.92 42.12 -13.48
N ASN A 13 -5.52 42.43 -12.34
CA ASN A 13 -4.82 42.33 -11.06
C ASN A 13 -4.43 40.89 -10.80
N GLY A 14 -3.15 40.67 -10.71
CA GLY A 14 -2.64 39.35 -10.49
C GLY A 14 -2.25 39.15 -9.07
N SER A 15 -3.20 38.81 -8.26
CA SER A 15 -2.95 38.58 -6.88
C SER A 15 -2.81 37.09 -6.65
N MET A 16 -1.58 36.64 -6.62
CA MET A 16 -1.30 35.25 -6.39
C MET A 16 -1.39 34.95 -4.91
N SER A 17 -1.77 33.77 -4.58
CA SER A 17 -1.93 33.38 -3.25
C SER A 17 -0.60 32.92 -2.70
N GLU A 18 -0.01 33.77 -1.93
CA GLU A 18 1.28 33.55 -1.34
C GLU A 18 1.12 32.95 0.04
N VAL A 19 0.05 32.21 0.20
CA VAL A 19 -0.26 31.54 1.44
C VAL A 19 0.13 30.06 1.31
N MET A 20 -0.35 29.21 2.21
CA MET A 20 -0.04 27.76 2.21
C MET A 20 1.45 27.52 2.41
N MET A 21 2.07 28.31 3.25
CA MET A 21 3.48 28.18 3.53
C MET A 21 3.68 26.95 4.39
N SER A 22 4.85 26.41 4.37
CA SER A 22 5.12 25.17 5.05
C SER A 22 5.21 25.34 6.56
N GLU A 23 4.16 24.91 7.25
CA GLU A 23 4.11 24.98 8.69
C GLU A 23 4.87 23.81 9.32
N ILE A 24 6.16 23.81 9.12
CA ILE A 24 7.01 22.77 9.60
C ILE A 24 7.33 22.99 11.08
N ALA A 25 7.11 21.98 11.85
CA ALA A 25 7.35 22.02 13.26
C ALA A 25 8.70 21.39 13.54
N GLY A 26 9.21 21.60 14.72
CA GLY A 26 10.51 21.06 15.07
C GLY A 26 10.46 19.62 15.54
N LEU A 27 9.62 18.84 14.90
CA LEU A 27 9.48 17.44 15.19
C LEU A 27 9.53 16.72 13.88
N PRO A 28 10.02 15.46 13.86
CA PRO A 28 10.04 14.66 12.64
C PRO A 28 8.63 14.51 12.08
N ILE A 29 8.44 14.86 10.84
CA ILE A 29 7.17 14.71 10.21
C ILE A 29 7.04 13.28 9.70
N PRO A 30 6.10 12.53 10.25
CA PRO A 30 5.86 11.17 9.86
C PRO A 30 4.91 11.09 8.65
N PRO A 31 4.90 9.97 7.91
CA PRO A 31 3.97 9.78 6.81
C PRO A 31 2.56 9.67 7.31
N ILE A 32 1.64 10.12 6.51
CA ILE A 32 0.26 10.03 6.85
C ILE A 32 -0.16 8.59 6.70
N ILE A 33 -0.57 8.01 7.80
CA ILE A 33 -1.08 6.67 7.77
C ILE A 33 -2.36 6.66 7.00
N HIS A 34 -2.28 6.15 5.83
CA HIS A 34 -3.40 6.04 4.97
C HIS A 34 -3.94 4.67 5.02
N TYR A 35 -5.12 4.52 4.57
CA TYR A 35 -5.79 3.28 4.61
C TYR A 35 -6.02 2.82 3.19
N GLY A 36 -5.86 1.56 2.96
CA GLY A 36 -6.04 1.03 1.66
C GLY A 36 -6.45 -0.41 1.72
N ALA A 37 -6.60 -1.00 0.58
CA ALA A 37 -7.00 -2.37 0.47
C ALA A 37 -6.78 -2.84 -0.95
N ILE A 38 -6.60 -4.12 -1.10
CA ILE A 38 -6.51 -4.75 -2.39
C ILE A 38 -7.45 -5.92 -2.44
N ALA A 39 -8.43 -5.79 -3.27
CA ALA A 39 -9.46 -6.78 -3.41
C ALA A 39 -9.12 -7.62 -4.59
N TYR A 40 -8.99 -8.90 -4.39
CA TYR A 40 -8.68 -9.76 -5.48
C TYR A 40 -9.46 -11.04 -5.32
N ALA A 41 -10.51 -11.15 -6.10
CA ALA A 41 -11.35 -12.32 -6.05
C ALA A 41 -10.77 -13.41 -6.95
N PRO A 42 -11.01 -14.71 -6.61
CA PRO A 42 -10.54 -15.87 -7.41
C PRO A 42 -11.14 -15.88 -8.84
N SER A 43 -12.06 -14.97 -9.07
CA SER A 43 -12.68 -14.80 -10.36
C SER A 43 -11.79 -13.95 -11.28
N GLY A 44 -10.69 -13.45 -10.75
CA GLY A 44 -9.75 -12.68 -11.54
C GLY A 44 -10.03 -11.21 -11.46
N ALA A 45 -10.88 -10.85 -10.53
CA ALA A 45 -11.28 -9.49 -10.35
C ALA A 45 -10.31 -8.80 -9.40
N SER A 46 -9.67 -7.76 -9.89
CA SER A 46 -8.69 -7.04 -9.12
C SER A 46 -9.15 -5.62 -8.77
N GLY A 47 -8.83 -5.18 -7.58
CA GLY A 47 -9.13 -3.86 -7.15
C GLY A 47 -8.09 -3.38 -6.18
N LYS A 48 -7.77 -2.11 -6.22
CA LYS A 48 -6.73 -1.54 -5.39
C LYS A 48 -7.22 -0.22 -4.84
N ALA A 49 -6.81 0.14 -3.65
CA ALA A 49 -7.11 1.43 -3.10
C ALA A 49 -6.10 1.74 -2.07
N TRP A 50 -5.57 2.93 -2.09
CA TRP A 50 -4.61 3.35 -1.13
C TRP A 50 -4.59 4.85 -1.08
N HIS A 51 -4.06 5.40 -0.01
CA HIS A 51 -3.99 6.85 0.21
C HIS A 51 -5.34 7.45 0.58
N GLN A 52 -6.23 6.64 1.12
CA GLN A 52 -7.51 7.10 1.58
C GLN A 52 -7.41 7.46 3.05
N ARG A 53 -8.19 8.41 3.45
CA ARG A 53 -8.15 8.96 4.79
C ARG A 53 -9.10 8.18 5.70
N THR A 54 -10.01 7.49 5.10
CA THR A 54 -10.99 6.77 5.84
C THR A 54 -10.95 5.28 5.49
N PRO A 55 -10.78 4.42 6.52
CA PRO A 55 -10.63 2.97 6.33
C PRO A 55 -11.77 2.34 5.52
N ALA A 56 -13.00 2.67 5.87
CA ALA A 56 -14.15 2.10 5.20
C ALA A 56 -14.28 2.62 3.79
N ARG A 57 -13.78 3.82 3.55
CA ARG A 57 -13.87 4.39 2.25
C ARG A 57 -12.82 3.76 1.37
N ALA A 58 -11.66 3.53 1.95
CA ALA A 58 -10.57 2.83 1.30
C ALA A 58 -11.03 1.47 0.81
N GLU A 59 -11.66 0.71 1.72
CA GLU A 59 -12.18 -0.60 1.40
C GLU A 59 -13.19 -0.52 0.27
N GLN A 60 -14.13 0.40 0.39
CA GLN A 60 -15.15 0.57 -0.63
C GLN A 60 -14.57 0.92 -1.99
N VAL A 61 -13.53 1.74 -2.01
CA VAL A 61 -12.85 2.07 -3.25
C VAL A 61 -12.23 0.81 -3.86
N ALA A 62 -11.59 0.02 -3.01
CA ALA A 62 -10.90 -1.21 -3.45
C ALA A 62 -11.90 -2.22 -4.00
N LEU A 63 -12.97 -2.40 -3.27
CA LEU A 63 -14.04 -3.32 -3.65
C LEU A 63 -14.68 -2.85 -4.94
N GLU A 64 -14.81 -1.53 -5.08
CA GLU A 64 -15.39 -0.94 -6.25
C GLU A 64 -14.49 -1.20 -7.45
N LYS A 65 -13.17 -1.05 -7.26
CA LYS A 65 -12.20 -1.30 -8.31
C LYS A 65 -12.24 -2.76 -8.72
N CYS A 66 -12.45 -3.63 -7.73
CA CYS A 66 -12.54 -5.06 -7.98
C CYS A 66 -13.72 -5.36 -8.86
N GLY A 67 -14.82 -4.75 -8.54
CA GLY A 67 -15.99 -4.93 -9.31
C GLY A 67 -17.13 -5.43 -8.48
N ASP A 68 -16.82 -6.26 -7.50
CA ASP A 68 -17.84 -6.81 -6.67
C ASP A 68 -17.82 -6.09 -5.36
N LYS A 69 -18.97 -5.65 -4.88
CA LYS A 69 -19.05 -4.87 -3.64
C LYS A 69 -18.56 -5.70 -2.48
N THR A 70 -18.90 -6.94 -2.52
CA THR A 70 -18.49 -7.87 -1.51
C THR A 70 -17.28 -8.71 -1.98
N CYS A 71 -16.45 -8.15 -2.92
CA CYS A 71 -15.21 -8.81 -3.41
C CYS A 71 -14.37 -9.32 -2.23
N LYS A 72 -14.33 -10.63 -2.06
CA LYS A 72 -13.63 -11.20 -0.93
C LYS A 72 -12.18 -11.47 -1.25
N VAL A 73 -11.45 -11.91 -0.20
CA VAL A 73 -9.99 -12.18 -0.25
C VAL A 73 -9.23 -10.84 -0.20
N VAL A 74 -10.02 -9.77 -0.08
CA VAL A 74 -9.56 -8.41 -0.01
C VAL A 74 -8.63 -8.20 1.17
N SER A 75 -7.45 -7.81 0.87
CA SER A 75 -6.50 -7.54 1.89
C SER A 75 -6.64 -6.09 2.28
N ARG A 76 -6.88 -5.86 3.54
CA ARG A 76 -7.06 -4.53 4.05
C ARG A 76 -5.77 -4.15 4.73
N PHE A 77 -5.25 -3.01 4.44
CA PHE A 77 -3.98 -2.64 4.99
C PHE A 77 -3.76 -1.14 5.03
N THR A 78 -3.00 -0.72 5.98
CA THR A 78 -2.60 0.66 6.12
C THR A 78 -1.10 0.72 5.91
N ARG A 79 -0.64 -0.33 5.29
CA ARG A 79 0.73 -0.59 4.99
C ARG A 79 0.83 -0.81 3.49
N CYS A 80 1.76 -1.59 3.07
CA CYS A 80 1.89 -1.90 1.69
C CYS A 80 1.46 -3.34 1.45
N GLY A 81 0.78 -3.56 0.38
CA GLY A 81 0.33 -4.88 0.03
C GLY A 81 0.83 -5.26 -1.35
N ALA A 82 1.18 -6.49 -1.53
CA ALA A 82 1.72 -6.97 -2.77
C ALA A 82 1.01 -8.25 -3.19
N VAL A 83 0.85 -8.45 -4.48
CA VAL A 83 0.21 -9.62 -5.02
C VAL A 83 1.10 -10.25 -6.09
N ALA A 84 1.43 -11.49 -5.83
CA ALA A 84 2.24 -12.30 -6.71
C ALA A 84 1.36 -13.27 -7.48
N TYR A 85 1.79 -13.57 -8.68
CA TYR A 85 1.12 -14.48 -9.58
C TYR A 85 1.97 -15.69 -9.77
N ASN A 86 1.44 -16.83 -9.49
CA ASN A 86 2.11 -18.09 -9.70
C ASN A 86 1.17 -19.04 -10.40
N GLY A 87 1.29 -19.13 -11.70
CA GLY A 87 0.43 -20.00 -12.48
C GLY A 87 -1.02 -19.63 -12.30
N SER A 88 -1.29 -18.33 -12.42
CA SER A 88 -2.61 -17.75 -12.25
C SER A 88 -3.15 -17.87 -10.80
N LYS A 89 -2.30 -18.30 -9.85
CA LYS A 89 -2.68 -18.37 -8.46
C LYS A 89 -2.12 -17.13 -7.82
N TYR A 90 -2.88 -16.52 -6.97
CA TYR A 90 -2.50 -15.26 -6.40
C TYR A 90 -2.06 -15.40 -4.97
N GLN A 91 -1.07 -14.66 -4.60
CA GLN A 91 -0.63 -14.63 -3.23
C GLN A 91 -0.47 -13.21 -2.80
N GLY A 92 -1.23 -12.83 -1.81
CA GLY A 92 -1.11 -11.52 -1.26
C GLY A 92 -0.12 -11.50 -0.12
N GLY A 93 0.67 -10.48 -0.09
CA GLY A 93 1.63 -10.26 0.94
C GLY A 93 1.45 -8.87 1.46
N THR A 94 1.90 -8.62 2.64
CA THR A 94 1.68 -7.33 3.28
C THR A 94 2.85 -6.95 4.18
N GLY A 95 3.25 -5.72 4.11
CA GLY A 95 4.32 -5.24 4.92
C GLY A 95 4.25 -3.75 5.00
N LEU A 96 4.75 -3.16 6.06
CA LEU A 96 4.74 -1.69 6.23
C LEU A 96 5.41 -0.98 5.08
N THR A 97 6.44 -1.58 4.59
CA THR A 97 7.16 -1.08 3.46
C THR A 97 6.95 -2.00 2.29
N ARG A 98 7.27 -1.54 1.08
CA ARG A 98 7.17 -2.39 -0.11
C ARG A 98 8.14 -3.56 0.04
N ARG A 99 9.22 -3.31 0.78
CA ARG A 99 10.25 -4.29 1.03
C ARG A 99 9.74 -5.40 1.94
N ALA A 100 9.04 -5.03 2.98
CA ALA A 100 8.50 -6.02 3.87
C ALA A 100 7.31 -6.71 3.23
N ALA A 101 6.59 -5.99 2.37
CA ALA A 101 5.45 -6.55 1.68
C ALA A 101 5.90 -7.59 0.68
N GLU A 102 6.94 -7.24 -0.09
CA GLU A 102 7.48 -8.15 -1.08
C GLU A 102 8.09 -9.35 -0.38
N ASP A 103 8.71 -9.09 0.78
CA ASP A 103 9.31 -10.15 1.57
C ASP A 103 8.25 -11.13 1.98
N ASP A 104 7.17 -10.62 2.51
CA ASP A 104 6.05 -11.45 2.98
C ASP A 104 5.44 -12.26 1.82
N ALA A 105 5.22 -11.59 0.72
CA ALA A 105 4.65 -12.22 -0.46
C ALA A 105 5.53 -13.36 -0.99
N VAL A 106 6.83 -13.14 -1.02
CA VAL A 106 7.76 -14.13 -1.55
C VAL A 106 8.06 -15.20 -0.49
N ASN A 107 7.83 -14.84 0.77
CA ASN A 107 7.91 -15.80 1.87
C ASN A 107 6.82 -16.82 1.72
N ARG A 108 5.68 -16.36 1.26
CA ARG A 108 4.56 -17.27 1.05
C ARG A 108 4.59 -17.91 -0.36
N LEU A 109 5.11 -17.18 -1.34
CA LEU A 109 5.05 -17.62 -2.73
C LEU A 109 6.42 -17.58 -3.41
N GLU A 110 6.86 -18.72 -3.92
CA GLU A 110 8.06 -18.81 -4.72
C GLU A 110 7.73 -19.52 -6.02
N GLY A 111 8.06 -18.90 -7.12
CA GLY A 111 7.79 -19.48 -8.41
C GLY A 111 7.35 -18.42 -9.35
N GLY A 112 6.36 -17.69 -8.91
CA GLY A 112 5.88 -16.57 -9.66
C GLY A 112 6.50 -15.30 -9.14
N ARG A 113 5.89 -14.18 -9.40
CA ARG A 113 6.44 -12.91 -8.98
C ARG A 113 5.35 -11.95 -8.66
N ILE A 114 5.72 -10.93 -7.94
CA ILE A 114 4.84 -9.87 -7.55
C ILE A 114 4.63 -8.96 -8.71
N VAL A 115 3.42 -8.89 -9.18
CA VAL A 115 3.15 -8.05 -10.30
C VAL A 115 2.26 -6.89 -9.90
N ASN A 116 1.51 -7.07 -8.81
CA ASN A 116 0.63 -6.01 -8.35
C ASN A 116 1.06 -5.65 -6.94
N TRP A 117 0.97 -4.39 -6.56
CA TRP A 117 1.36 -3.93 -5.23
C TRP A 117 0.88 -2.50 -5.03
N ALA A 118 0.64 -2.13 -3.81
CA ALA A 118 0.20 -0.79 -3.47
C ALA A 118 0.61 -0.46 -2.06
N CYS A 119 1.22 0.67 -1.87
CA CYS A 119 1.70 1.02 -0.55
C CYS A 119 1.03 2.27 -0.03
N ASN A 120 0.63 2.22 1.21
CA ASN A 120 0.12 3.41 1.89
C ASN A 120 1.26 4.08 2.62
N PRO A 5 64.75 -5.34 -0.33
CA PRO A 5 64.87 -5.71 1.06
C PRO A 5 63.97 -4.81 1.87
N THR A 6 63.47 -5.32 2.99
CA THR A 6 62.60 -4.61 3.89
C THR A 6 61.18 -4.45 3.32
N VAL A 7 60.19 -4.85 4.08
CA VAL A 7 58.82 -4.60 3.68
C VAL A 7 58.46 -3.18 4.03
N ASP A 8 58.65 -2.37 3.07
CA ASP A 8 58.52 -0.94 3.20
C ASP A 8 57.39 -0.41 2.37
N ALA A 9 56.65 0.51 2.91
CA ALA A 9 55.51 1.07 2.26
C ALA A 9 55.22 2.44 2.81
N HIS A 10 54.73 3.33 1.99
CA HIS A 10 54.33 4.65 2.46
C HIS A 10 52.92 4.54 2.99
N LEU A 11 52.81 4.48 4.28
CA LEU A 11 51.54 4.28 4.91
C LEU A 11 50.95 5.57 5.40
N ALA A 12 49.66 5.61 5.47
CA ALA A 12 48.94 6.72 6.00
C ALA A 12 48.37 6.29 7.33
N ASN A 13 48.61 7.05 8.36
CA ASN A 13 48.15 6.69 9.67
C ASN A 13 46.69 7.02 9.81
N GLY A 14 45.93 6.02 10.06
CA GLY A 14 44.51 6.16 10.16
C GLY A 14 44.09 6.16 11.59
N SER A 15 43.92 7.32 12.14
CA SER A 15 43.50 7.45 13.47
C SER A 15 42.31 8.37 13.52
N MET A 16 41.41 8.09 14.42
CA MET A 16 40.21 8.88 14.61
C MET A 16 40.60 10.29 14.98
N SER A 17 39.93 11.21 14.42
CA SER A 17 40.23 12.57 14.61
C SER A 17 38.99 13.32 15.05
N GLU A 18 39.19 14.50 15.52
CA GLU A 18 38.16 15.38 16.04
C GLU A 18 37.56 16.22 14.91
N VAL A 19 37.71 15.72 13.72
CA VAL A 19 37.27 16.39 12.51
C VAL A 19 35.80 16.07 12.21
N MET A 20 35.32 16.57 11.09
CA MET A 20 33.94 16.36 10.69
C MET A 20 33.67 14.91 10.38
N MET A 21 32.79 14.36 11.15
CA MET A 21 32.39 13.00 11.00
C MET A 21 31.16 12.95 10.13
N SER A 22 30.57 11.81 10.00
CA SER A 22 29.40 11.70 9.21
C SER A 22 28.18 11.75 10.12
N GLU A 23 27.49 12.87 10.09
CA GLU A 23 26.30 13.02 10.89
C GLU A 23 25.11 12.43 10.19
N ILE A 24 25.17 11.15 10.02
CA ILE A 24 24.12 10.39 9.43
C ILE A 24 23.62 9.47 10.50
N ALA A 25 22.46 9.76 11.02
CA ALA A 25 21.89 8.96 12.05
C ALA A 25 21.03 7.87 11.45
N GLY A 26 21.03 6.72 12.07
CA GLY A 26 20.28 5.59 11.57
C GLY A 26 18.85 5.61 12.03
N LEU A 27 18.17 6.70 11.74
CA LEU A 27 16.77 6.87 12.08
C LEU A 27 15.93 6.96 10.82
N PRO A 28 15.33 5.85 10.39
CA PRO A 28 14.41 5.85 9.25
C PRO A 28 13.09 6.48 9.68
N ILE A 29 12.65 7.48 8.96
CA ILE A 29 11.43 8.18 9.26
C ILE A 29 10.22 7.34 8.85
N PRO A 30 9.39 6.92 9.83
CA PRO A 30 8.20 6.11 9.59
C PRO A 30 7.22 6.80 8.61
N PRO A 31 6.59 6.02 7.72
CA PRO A 31 5.67 6.56 6.73
C PRO A 31 4.35 7.03 7.31
N ILE A 32 3.69 7.90 6.58
CA ILE A 32 2.40 8.42 6.93
C ILE A 32 1.36 7.34 6.75
N ILE A 33 0.83 6.88 7.84
CA ILE A 33 -0.15 5.81 7.84
C ILE A 33 -1.45 6.20 7.13
N HIS A 34 -1.70 5.54 6.04
CA HIS A 34 -2.92 5.67 5.30
C HIS A 34 -3.62 4.34 5.33
N TYR A 35 -4.80 4.29 4.82
CA TYR A 35 -5.55 3.06 4.87
C TYR A 35 -5.86 2.64 3.45
N GLY A 36 -5.69 1.38 3.18
CA GLY A 36 -5.94 0.88 1.86
C GLY A 36 -6.40 -0.54 1.90
N ALA A 37 -6.59 -1.09 0.74
CA ALA A 37 -7.06 -2.43 0.57
C ALA A 37 -6.89 -2.84 -0.87
N ILE A 38 -6.71 -4.09 -1.08
CA ILE A 38 -6.68 -4.67 -2.39
C ILE A 38 -7.73 -5.72 -2.47
N ALA A 39 -8.63 -5.54 -3.38
CA ALA A 39 -9.69 -6.46 -3.59
C ALA A 39 -9.33 -7.29 -4.76
N TYR A 40 -9.24 -8.57 -4.56
CA TYR A 40 -8.89 -9.41 -5.62
C TYR A 40 -9.71 -10.67 -5.54
N ALA A 41 -10.68 -10.78 -6.40
CA ALA A 41 -11.55 -11.93 -6.42
C ALA A 41 -10.86 -13.08 -7.12
N PRO A 42 -11.12 -14.34 -6.71
CA PRO A 42 -10.52 -15.54 -7.35
C PRO A 42 -10.91 -15.68 -8.84
N SER A 43 -11.80 -14.81 -9.29
CA SER A 43 -12.23 -14.77 -10.65
C SER A 43 -11.16 -14.05 -11.52
N GLY A 44 -10.28 -13.30 -10.87
CA GLY A 44 -9.27 -12.55 -11.59
C GLY A 44 -9.55 -11.06 -11.54
N ALA A 45 -10.61 -10.71 -10.83
CA ALA A 45 -11.00 -9.32 -10.67
C ALA A 45 -10.00 -8.63 -9.75
N SER A 46 -9.41 -7.57 -10.25
CA SER A 46 -8.39 -6.86 -9.53
C SER A 46 -8.90 -5.48 -9.12
N GLY A 47 -8.54 -5.05 -7.92
CA GLY A 47 -8.86 -3.74 -7.45
C GLY A 47 -7.84 -3.28 -6.44
N LYS A 48 -7.41 -2.05 -6.55
CA LYS A 48 -6.39 -1.52 -5.67
C LYS A 48 -6.94 -0.27 -4.97
N ALA A 49 -6.64 -0.07 -3.70
CA ALA A 49 -7.03 1.13 -3.03
C ALA A 49 -6.03 1.44 -1.97
N TRP A 50 -5.53 2.65 -1.95
CA TRP A 50 -4.57 3.06 -0.99
C TRP A 50 -4.60 4.54 -0.87
N HIS A 51 -4.09 5.05 0.23
CA HIS A 51 -4.05 6.48 0.53
C HIS A 51 -5.42 7.05 0.86
N GLN A 52 -6.30 6.18 1.35
CA GLN A 52 -7.59 6.61 1.84
C GLN A 52 -7.43 7.03 3.28
N ARG A 53 -8.37 7.78 3.77
CA ARG A 53 -8.25 8.35 5.08
C ARG A 53 -9.13 7.60 6.07
N THR A 54 -9.93 6.68 5.57
CA THR A 54 -10.73 5.80 6.40
C THR A 54 -10.67 4.37 5.86
N PRO A 55 -10.45 3.38 6.74
CA PRO A 55 -10.38 1.97 6.34
C PRO A 55 -11.67 1.48 5.64
N ALA A 56 -12.82 2.01 6.08
CA ALA A 56 -14.08 1.64 5.47
C ALA A 56 -14.12 2.06 4.02
N ARG A 57 -13.76 3.32 3.77
CA ARG A 57 -13.72 3.83 2.42
C ARG A 57 -12.68 3.11 1.62
N ALA A 58 -11.56 2.82 2.24
CA ALA A 58 -10.47 2.09 1.60
C ALA A 58 -10.96 0.77 1.01
N GLU A 59 -11.69 -0.02 1.80
CA GLU A 59 -12.21 -1.29 1.32
C GLU A 59 -13.24 -1.05 0.24
N GLN A 60 -14.10 -0.06 0.45
CA GLN A 60 -15.13 0.30 -0.51
C GLN A 60 -14.53 0.71 -1.87
N VAL A 61 -13.45 1.48 -1.83
CA VAL A 61 -12.76 1.89 -3.04
C VAL A 61 -12.18 0.66 -3.71
N ALA A 62 -11.60 -0.24 -2.92
CA ALA A 62 -11.01 -1.46 -3.44
C ALA A 62 -12.06 -2.32 -4.15
N LEU A 63 -13.21 -2.45 -3.51
CA LEU A 63 -14.34 -3.20 -4.05
C LEU A 63 -14.80 -2.59 -5.37
N GLU A 64 -14.87 -1.27 -5.40
CA GLU A 64 -15.24 -0.51 -6.58
C GLU A 64 -14.25 -0.75 -7.72
N LYS A 65 -12.96 -0.68 -7.40
CA LYS A 65 -11.88 -0.91 -8.36
C LYS A 65 -11.93 -2.33 -8.88
N CYS A 66 -12.20 -3.26 -7.98
CA CYS A 66 -12.33 -4.67 -8.32
C CYS A 66 -13.48 -4.85 -9.28
N GLY A 67 -14.58 -4.22 -8.97
CA GLY A 67 -15.71 -4.31 -9.82
C GLY A 67 -16.87 -4.92 -9.13
N ASP A 68 -16.59 -5.80 -8.18
CA ASP A 68 -17.68 -6.45 -7.50
C ASP A 68 -17.86 -5.78 -6.16
N LYS A 69 -19.10 -5.48 -5.83
CA LYS A 69 -19.47 -4.77 -4.60
C LYS A 69 -19.02 -5.54 -3.39
N THR A 70 -19.12 -6.81 -3.48
CA THR A 70 -18.72 -7.68 -2.42
C THR A 70 -17.49 -8.52 -2.84
N CYS A 71 -16.64 -7.94 -3.74
CA CYS A 71 -15.38 -8.57 -4.20
C CYS A 71 -14.65 -9.21 -3.03
N LYS A 72 -14.70 -10.52 -2.98
CA LYS A 72 -14.20 -11.27 -1.86
C LYS A 72 -12.68 -11.42 -1.97
N VAL A 73 -12.05 -11.76 -0.84
CA VAL A 73 -10.60 -11.92 -0.70
C VAL A 73 -9.95 -10.51 -0.62
N VAL A 74 -10.80 -9.55 -0.32
CA VAL A 74 -10.38 -8.17 -0.14
C VAL A 74 -9.50 -8.05 1.10
N SER A 75 -8.27 -7.71 0.89
CA SER A 75 -7.34 -7.60 1.95
C SER A 75 -7.10 -6.12 2.26
N ARG A 76 -7.32 -5.74 3.49
CA ARG A 76 -7.10 -4.39 3.91
C ARG A 76 -5.80 -4.28 4.64
N PHE A 77 -5.08 -3.24 4.37
CA PHE A 77 -3.81 -2.99 4.97
C PHE A 77 -3.54 -1.49 5.03
N THR A 78 -2.78 -1.08 6.00
CA THR A 78 -2.43 0.33 6.17
C THR A 78 -0.93 0.45 5.94
N ARG A 79 -0.42 -0.58 5.36
CA ARG A 79 0.96 -0.76 5.05
C ARG A 79 1.01 -0.95 3.54
N CYS A 80 2.00 -1.61 3.06
CA CYS A 80 2.03 -1.93 1.67
C CYS A 80 1.65 -3.39 1.50
N GLY A 81 0.92 -3.68 0.47
CA GLY A 81 0.51 -5.02 0.18
C GLY A 81 0.93 -5.39 -1.20
N ALA A 82 1.49 -6.55 -1.34
CA ALA A 82 2.02 -6.99 -2.62
C ALA A 82 1.42 -8.33 -3.03
N VAL A 83 0.88 -8.40 -4.20
CA VAL A 83 0.22 -9.58 -4.69
C VAL A 83 1.02 -10.24 -5.80
N ALA A 84 1.33 -11.49 -5.55
CA ALA A 84 2.06 -12.33 -6.46
C ALA A 84 1.11 -13.32 -7.11
N TYR A 85 1.42 -13.68 -8.33
CA TYR A 85 0.63 -14.60 -9.13
C TYR A 85 1.43 -15.85 -9.38
N ASN A 86 0.91 -16.98 -8.96
CA ASN A 86 1.51 -18.25 -9.28
C ASN A 86 0.49 -19.36 -9.33
N GLY A 87 0.20 -19.83 -10.53
CA GLY A 87 -0.70 -20.94 -10.71
C GLY A 87 -2.10 -20.63 -10.30
N SER A 88 -2.54 -19.43 -10.66
CA SER A 88 -3.85 -18.90 -10.36
C SER A 88 -4.01 -18.61 -8.87
N LYS A 89 -2.95 -18.76 -8.12
CA LYS A 89 -2.98 -18.45 -6.73
C LYS A 89 -2.42 -17.09 -6.54
N TYR A 90 -3.21 -16.25 -5.98
CA TYR A 90 -2.87 -14.89 -5.75
C TYR A 90 -2.51 -14.76 -4.30
N GLN A 91 -1.27 -14.52 -4.04
CA GLN A 91 -0.77 -14.47 -2.70
C GLN A 91 -0.50 -13.00 -2.36
N GLY A 92 -1.08 -12.53 -1.29
CA GLY A 92 -0.90 -11.17 -0.89
C GLY A 92 0.02 -11.03 0.31
N GLY A 93 1.19 -10.50 0.07
CA GLY A 93 2.15 -10.29 1.10
C GLY A 93 2.01 -8.91 1.64
N THR A 94 2.49 -8.67 2.81
CA THR A 94 2.28 -7.38 3.44
C THR A 94 3.52 -6.93 4.21
N GLY A 95 3.68 -5.64 4.31
CA GLY A 95 4.77 -5.06 5.04
C GLY A 95 4.63 -3.58 5.03
N LEU A 96 5.20 -2.91 6.01
CA LEU A 96 5.13 -1.43 6.12
C LEU A 96 5.64 -0.72 4.88
N THR A 97 6.66 -1.27 4.32
CA THR A 97 7.27 -0.72 3.13
C THR A 97 7.00 -1.68 1.99
N ARG A 98 7.18 -1.24 0.75
CA ARG A 98 7.00 -2.15 -0.38
C ARG A 98 7.98 -3.30 -0.27
N ARG A 99 9.18 -2.99 0.23
CA ARG A 99 10.22 -3.98 0.41
C ARG A 99 9.82 -5.05 1.36
N ALA A 100 9.24 -4.67 2.48
CA ALA A 100 8.80 -5.63 3.45
C ALA A 100 7.59 -6.39 2.95
N ALA A 101 6.79 -5.73 2.11
CA ALA A 101 5.62 -6.36 1.56
C ALA A 101 6.00 -7.40 0.53
N GLU A 102 6.88 -7.04 -0.39
CA GLU A 102 7.36 -7.92 -1.41
C GLU A 102 8.20 -9.01 -0.78
N ASP A 103 8.85 -8.69 0.34
CA ASP A 103 9.62 -9.65 1.11
C ASP A 103 8.68 -10.72 1.59
N ASP A 104 7.62 -10.29 2.24
CA ASP A 104 6.62 -11.20 2.79
C ASP A 104 5.96 -12.03 1.70
N ALA A 105 5.67 -11.37 0.60
CA ALA A 105 5.05 -11.99 -0.54
C ALA A 105 5.92 -13.08 -1.13
N VAL A 106 7.22 -12.83 -1.23
CA VAL A 106 8.14 -13.79 -1.80
C VAL A 106 8.54 -14.86 -0.77
N ASN A 107 8.39 -14.52 0.49
CA ASN A 107 8.60 -15.47 1.57
C ASN A 107 7.50 -16.52 1.53
N ARG A 108 6.30 -16.07 1.28
CA ARG A 108 5.15 -16.95 1.16
C ARG A 108 4.99 -17.53 -0.24
N LEU A 109 5.53 -16.86 -1.25
CA LEU A 109 5.32 -17.29 -2.62
C LEU A 109 6.57 -17.08 -3.47
N GLU A 110 7.05 -18.14 -4.06
CA GLU A 110 8.09 -18.11 -5.02
C GLU A 110 7.66 -18.91 -6.21
N GLY A 111 8.17 -18.57 -7.36
CA GLY A 111 7.85 -19.27 -8.57
C GLY A 111 7.06 -18.40 -9.51
N GLY A 112 6.31 -17.49 -8.92
CA GLY A 112 5.53 -16.57 -9.68
C GLY A 112 6.16 -15.21 -9.65
N ARG A 113 5.37 -14.17 -9.67
CA ARG A 113 5.90 -12.84 -9.66
C ARG A 113 4.95 -11.93 -8.94
N ILE A 114 5.48 -10.95 -8.26
CA ILE A 114 4.70 -9.92 -7.62
C ILE A 114 4.35 -8.92 -8.68
N VAL A 115 3.11 -8.92 -9.09
CA VAL A 115 2.75 -8.05 -10.18
C VAL A 115 1.91 -6.92 -9.71
N ASN A 116 1.30 -7.09 -8.56
CA ASN A 116 0.48 -6.06 -8.03
C ASN A 116 0.99 -5.69 -6.68
N TRP A 117 0.91 -4.45 -6.33
CA TRP A 117 1.29 -3.96 -5.05
C TRP A 117 0.77 -2.56 -4.89
N ALA A 118 0.43 -2.21 -3.70
CA ALA A 118 -0.05 -0.90 -3.40
C ALA A 118 0.42 -0.54 -2.02
N CYS A 119 1.02 0.58 -1.88
CA CYS A 119 1.60 0.93 -0.61
C CYS A 119 0.93 2.12 0.03
N ASN A 120 0.63 1.97 1.28
CA ASN A 120 0.14 3.06 2.08
C ASN A 120 1.31 3.56 2.87
N PRO A 5 -21.67 12.37 21.19
CA PRO A 5 -20.56 13.26 20.89
C PRO A 5 -20.57 13.54 19.42
N THR A 6 -19.67 14.38 18.97
CA THR A 6 -19.58 14.69 17.59
C THR A 6 -18.10 14.96 17.27
N VAL A 7 -17.67 14.55 16.10
CA VAL A 7 -16.31 14.76 15.69
C VAL A 7 -16.26 15.93 14.71
N ASP A 8 -15.31 16.78 14.91
CA ASP A 8 -15.12 17.95 14.10
C ASP A 8 -14.09 17.67 13.01
N ALA A 9 -14.35 18.15 11.82
CA ALA A 9 -13.51 17.87 10.67
C ALA A 9 -12.26 18.72 10.65
N HIS A 10 -11.19 18.17 11.17
CA HIS A 10 -9.87 18.76 11.17
C HIS A 10 -8.94 17.72 11.76
N LEU A 11 -8.45 16.86 10.92
CA LEU A 11 -7.67 15.74 11.35
C LEU A 11 -6.24 16.13 11.66
N ALA A 12 -5.47 15.17 12.13
CA ALA A 12 -4.11 15.40 12.48
C ALA A 12 -3.26 15.53 11.24
N ASN A 13 -2.97 16.74 10.91
CA ASN A 13 -2.15 17.06 9.77
C ASN A 13 -0.81 17.55 10.26
N GLY A 14 0.23 17.22 9.54
CA GLY A 14 1.55 17.58 9.91
C GLY A 14 2.42 17.79 8.70
N SER A 15 3.51 17.07 8.62
CA SER A 15 4.45 17.15 7.52
C SER A 15 5.26 15.87 7.47
N MET A 16 6.00 15.69 6.40
CA MET A 16 6.85 14.54 6.25
C MET A 16 8.25 14.88 6.74
N SER A 17 9.03 13.88 7.03
CA SER A 17 10.33 14.07 7.50
C SER A 17 11.29 13.98 6.34
N GLU A 18 11.67 15.12 5.87
CA GLU A 18 12.53 15.26 4.72
C GLU A 18 13.95 15.44 5.19
N VAL A 19 14.13 15.20 6.46
CA VAL A 19 15.42 15.32 7.12
C VAL A 19 16.25 14.05 6.92
N MET A 20 17.34 13.94 7.64
CA MET A 20 18.23 12.80 7.54
C MET A 20 17.58 11.55 8.12
N MET A 21 18.11 10.43 7.75
CA MET A 21 17.67 9.16 8.24
C MET A 21 18.56 8.75 9.41
N SER A 22 18.84 7.49 9.54
CA SER A 22 19.62 6.97 10.66
C SER A 22 21.11 7.44 10.68
N GLU A 23 21.30 8.66 11.07
CA GLU A 23 22.58 9.26 11.35
C GLU A 23 22.44 9.99 12.66
N ILE A 24 22.90 9.34 13.71
CA ILE A 24 22.67 9.75 15.09
C ILE A 24 21.14 9.75 15.30
N ALA A 25 20.55 8.66 14.88
CA ALA A 25 19.12 8.48 14.95
C ALA A 25 18.79 7.01 14.99
N GLY A 26 18.01 6.65 15.96
CA GLY A 26 17.54 5.32 16.13
C GLY A 26 16.10 5.39 16.46
N LEU A 27 15.44 6.16 15.68
CA LEU A 27 14.06 6.46 15.85
C LEU A 27 13.41 6.25 14.49
N PRO A 28 12.41 5.36 14.40
CA PRO A 28 11.72 5.08 13.14
C PRO A 28 11.01 6.33 12.60
N ILE A 29 11.27 6.65 11.36
CA ILE A 29 10.67 7.79 10.71
C ILE A 29 9.18 7.53 10.52
N PRO A 30 8.33 8.34 11.15
CA PRO A 30 6.91 8.19 11.03
C PRO A 30 6.37 8.82 9.74
N PRO A 31 5.71 8.01 8.91
CA PRO A 31 5.08 8.48 7.69
C PRO A 31 3.63 8.84 7.97
N ILE A 32 2.98 9.43 7.02
CA ILE A 32 1.57 9.68 7.14
C ILE A 32 0.86 8.38 6.79
N ILE A 33 0.37 7.69 7.80
CA ILE A 33 -0.30 6.43 7.62
C ILE A 33 -1.62 6.61 6.92
N HIS A 34 -1.68 6.11 5.73
CA HIS A 34 -2.89 6.10 4.99
C HIS A 34 -3.47 4.73 5.08
N TYR A 35 -4.68 4.56 4.67
CA TYR A 35 -5.33 3.31 4.81
C TYR A 35 -5.72 2.82 3.42
N GLY A 36 -5.49 1.56 3.15
CA GLY A 36 -5.77 1.03 1.87
C GLY A 36 -6.19 -0.41 1.93
N ALA A 37 -6.38 -1.01 0.78
CA ALA A 37 -6.80 -2.38 0.66
C ALA A 37 -6.59 -2.86 -0.75
N ILE A 38 -6.51 -4.15 -0.90
CA ILE A 38 -6.38 -4.79 -2.20
C ILE A 38 -7.31 -6.00 -2.28
N ALA A 39 -8.13 -6.02 -3.30
CA ALA A 39 -9.10 -7.08 -3.52
C ALA A 39 -8.72 -7.85 -4.77
N TYR A 40 -8.76 -9.16 -4.68
CA TYR A 40 -8.48 -10.00 -5.83
C TYR A 40 -9.41 -11.17 -5.87
N ALA A 41 -9.98 -11.39 -7.02
CA ALA A 41 -10.85 -12.52 -7.23
C ALA A 41 -10.19 -13.50 -8.17
N PRO A 42 -10.43 -14.82 -8.00
CA PRO A 42 -9.87 -15.88 -8.87
C PRO A 42 -10.21 -15.68 -10.35
N SER A 43 -11.21 -14.85 -10.59
CA SER A 43 -11.66 -14.50 -11.92
C SER A 43 -10.59 -13.64 -12.63
N GLY A 44 -9.71 -13.00 -11.86
CA GLY A 44 -8.73 -12.12 -12.44
C GLY A 44 -9.04 -10.70 -12.10
N ALA A 45 -10.14 -10.51 -11.40
CA ALA A 45 -10.61 -9.21 -10.96
C ALA A 45 -9.60 -8.63 -9.99
N SER A 46 -9.08 -7.48 -10.34
CA SER A 46 -8.07 -6.83 -9.58
C SER A 46 -8.65 -5.57 -8.97
N GLY A 47 -8.28 -5.27 -7.75
CA GLY A 47 -8.69 -4.06 -7.14
C GLY A 47 -7.71 -3.63 -6.10
N LYS A 48 -7.44 -2.36 -6.05
CA LYS A 48 -6.52 -1.81 -5.10
C LYS A 48 -6.89 -0.38 -4.80
N ALA A 49 -6.70 0.03 -3.56
CA ALA A 49 -7.01 1.36 -3.16
C ALA A 49 -6.12 1.73 -2.03
N TRP A 50 -5.64 2.94 -2.02
CA TRP A 50 -4.75 3.42 -1.01
C TRP A 50 -4.89 4.91 -0.90
N HIS A 51 -4.35 5.49 0.17
CA HIS A 51 -4.43 6.95 0.44
C HIS A 51 -5.80 7.43 0.86
N GLN A 52 -6.63 6.51 1.32
CA GLN A 52 -7.93 6.88 1.85
C GLN A 52 -7.78 7.15 3.32
N ARG A 53 -8.67 7.97 3.85
CA ARG A 53 -8.58 8.42 5.20
C ARG A 53 -9.41 7.53 6.13
N THR A 54 -10.21 6.71 5.56
CA THR A 54 -11.02 5.80 6.31
C THR A 54 -10.80 4.37 5.80
N PRO A 55 -10.29 3.46 6.67
CA PRO A 55 -9.98 2.05 6.32
C PRO A 55 -11.14 1.33 5.63
N ALA A 56 -12.35 1.58 6.12
CA ALA A 56 -13.52 0.94 5.55
C ALA A 56 -13.79 1.47 4.16
N ARG A 57 -13.56 2.77 3.97
CA ARG A 57 -13.78 3.38 2.69
C ARG A 57 -12.72 2.94 1.71
N ALA A 58 -11.50 2.83 2.21
CA ALA A 58 -10.38 2.32 1.45
C ALA A 58 -10.70 0.95 0.88
N GLU A 59 -11.18 0.09 1.76
CA GLU A 59 -11.53 -1.26 1.42
C GLU A 59 -12.67 -1.28 0.41
N GLN A 60 -13.67 -0.43 0.63
CA GLN A 60 -14.80 -0.33 -0.29
C GLN A 60 -14.37 0.17 -1.66
N VAL A 61 -13.40 1.06 -1.71
CA VAL A 61 -12.87 1.52 -2.99
C VAL A 61 -12.15 0.37 -3.67
N ALA A 62 -11.44 -0.43 -2.89
CA ALA A 62 -10.71 -1.60 -3.42
C ALA A 62 -11.69 -2.63 -3.99
N LEU A 63 -12.82 -2.79 -3.31
CA LEU A 63 -13.89 -3.68 -3.74
C LEU A 63 -14.48 -3.18 -5.06
N GLU A 64 -14.72 -1.87 -5.12
CA GLU A 64 -15.27 -1.22 -6.29
C GLU A 64 -14.27 -1.28 -7.46
N LYS A 65 -12.98 -1.24 -7.15
CA LYS A 65 -11.94 -1.41 -8.14
C LYS A 65 -11.91 -2.84 -8.65
N CYS A 66 -12.06 -3.78 -7.72
CA CYS A 66 -12.07 -5.20 -8.02
C CYS A 66 -13.17 -5.53 -8.99
N GLY A 67 -14.33 -5.05 -8.70
CA GLY A 67 -15.44 -5.28 -9.55
C GLY A 67 -16.61 -5.73 -8.77
N ASP A 68 -16.39 -6.58 -7.79
CA ASP A 68 -17.51 -7.05 -7.01
C ASP A 68 -17.59 -6.33 -5.70
N LYS A 69 -18.78 -5.96 -5.35
CA LYS A 69 -19.11 -5.21 -4.16
C LYS A 69 -18.56 -5.86 -2.90
N THR A 70 -18.62 -7.15 -2.85
CA THR A 70 -18.17 -7.88 -1.72
C THR A 70 -16.99 -8.81 -2.12
N CYS A 71 -16.16 -8.37 -3.13
CA CYS A 71 -14.96 -9.09 -3.55
C CYS A 71 -14.18 -9.64 -2.35
N LYS A 72 -13.94 -10.94 -2.37
CA LYS A 72 -13.30 -11.61 -1.27
C LYS A 72 -11.77 -11.53 -1.43
N VAL A 73 -11.02 -11.98 -0.40
CA VAL A 73 -9.53 -12.00 -0.40
C VAL A 73 -9.00 -10.54 -0.30
N VAL A 74 -9.92 -9.63 0.00
CA VAL A 74 -9.60 -8.25 0.15
C VAL A 74 -8.76 -8.03 1.40
N SER A 75 -7.53 -7.72 1.19
CA SER A 75 -6.62 -7.49 2.26
C SER A 75 -6.63 -6.00 2.58
N ARG A 76 -6.91 -5.65 3.81
CA ARG A 76 -6.94 -4.27 4.23
C ARG A 76 -5.64 -3.98 4.96
N PHE A 77 -4.96 -2.94 4.58
CA PHE A 77 -3.67 -2.65 5.16
C PHE A 77 -3.38 -1.17 5.20
N THR A 78 -2.56 -0.78 6.12
CA THR A 78 -2.09 0.60 6.22
C THR A 78 -0.60 0.60 5.93
N ARG A 79 -0.17 -0.52 5.41
CA ARG A 79 1.16 -0.77 5.00
C ARG A 79 1.19 -0.67 3.47
N CYS A 80 2.13 -1.32 2.88
CA CYS A 80 2.13 -1.54 1.49
C CYS A 80 1.69 -2.97 1.28
N GLY A 81 0.98 -3.22 0.23
CA GLY A 81 0.51 -4.54 -0.06
C GLY A 81 0.92 -4.94 -1.42
N ALA A 82 1.31 -6.18 -1.56
CA ALA A 82 1.77 -6.70 -2.82
C ALA A 82 1.03 -7.98 -3.13
N VAL A 83 0.76 -8.23 -4.38
CA VAL A 83 0.08 -9.43 -4.81
C VAL A 83 0.84 -10.12 -5.93
N ALA A 84 1.12 -11.37 -5.66
CA ALA A 84 1.84 -12.23 -6.53
C ALA A 84 0.89 -13.18 -7.23
N TYR A 85 1.23 -13.47 -8.45
CA TYR A 85 0.50 -14.38 -9.29
C TYR A 85 1.27 -15.66 -9.43
N ASN A 86 0.70 -16.74 -9.01
CA ASN A 86 1.30 -18.03 -9.21
C ASN A 86 0.29 -18.92 -9.89
N GLY A 87 0.31 -18.93 -11.20
CA GLY A 87 -0.64 -19.74 -11.96
C GLY A 87 -2.07 -19.38 -11.64
N SER A 88 -2.40 -18.09 -11.82
CA SER A 88 -3.73 -17.52 -11.58
C SER A 88 -4.16 -17.57 -10.09
N LYS A 89 -3.25 -17.93 -9.21
CA LYS A 89 -3.51 -17.93 -7.80
C LYS A 89 -2.92 -16.66 -7.26
N TYR A 90 -3.69 -15.95 -6.50
CA TYR A 90 -3.30 -14.65 -6.04
C TYR A 90 -2.99 -14.67 -4.58
N GLN A 91 -1.80 -14.32 -4.23
CA GLN A 91 -1.41 -14.27 -2.85
C GLN A 91 -0.92 -12.89 -2.52
N GLY A 92 -1.52 -12.30 -1.52
CA GLY A 92 -1.16 -11.00 -1.10
C GLY A 92 -0.19 -11.02 0.05
N GLY A 93 0.57 -9.98 0.15
CA GLY A 93 1.52 -9.79 1.22
C GLY A 93 1.52 -8.34 1.65
N THR A 94 2.01 -8.05 2.83
CA THR A 94 1.97 -6.70 3.37
C THR A 94 3.23 -6.38 4.16
N GLY A 95 3.69 -5.16 4.04
CA GLY A 95 4.84 -4.68 4.74
C GLY A 95 4.87 -3.21 4.61
N LEU A 96 5.45 -2.52 5.57
CA LEU A 96 5.54 -1.06 5.56
C LEU A 96 6.13 -0.53 4.24
N THR A 97 7.16 -1.17 3.80
CA THR A 97 7.84 -0.80 2.57
C THR A 97 7.43 -1.82 1.51
N ARG A 98 7.62 -1.49 0.23
CA ARG A 98 7.21 -2.44 -0.80
C ARG A 98 8.11 -3.67 -0.77
N ARG A 99 9.39 -3.48 -0.37
CA ARG A 99 10.30 -4.61 -0.21
C ARG A 99 9.81 -5.55 0.88
N ALA A 100 9.36 -4.98 1.99
CA ALA A 100 8.85 -5.78 3.09
C ALA A 100 7.52 -6.42 2.71
N ALA A 101 6.73 -5.70 1.94
CA ALA A 101 5.45 -6.19 1.50
C ALA A 101 5.63 -7.36 0.57
N GLU A 102 6.52 -7.19 -0.39
CA GLU A 102 6.80 -8.22 -1.31
C GLU A 102 7.49 -9.37 -0.62
N ASP A 103 8.29 -9.08 0.40
CA ASP A 103 8.97 -10.10 1.19
C ASP A 103 7.96 -11.01 1.83
N ASP A 104 6.96 -10.40 2.42
CA ASP A 104 5.87 -11.14 3.09
C ASP A 104 5.08 -11.94 2.08
N ALA A 105 4.87 -11.33 0.93
CA ALA A 105 4.20 -11.97 -0.18
C ALA A 105 4.99 -13.17 -0.68
N VAL A 106 6.31 -13.09 -0.63
CA VAL A 106 7.19 -14.20 -1.03
C VAL A 106 7.22 -15.26 0.07
N ASN A 107 7.00 -14.81 1.25
CA ASN A 107 6.94 -15.68 2.40
C ASN A 107 5.63 -16.45 2.41
N ARG A 108 4.65 -15.91 1.74
CA ARG A 108 3.40 -16.60 1.55
C ARG A 108 3.33 -17.27 0.16
N LEU A 109 4.09 -16.78 -0.79
CA LEU A 109 4.03 -17.24 -2.17
C LEU A 109 5.43 -17.33 -2.77
N GLU A 110 5.79 -18.50 -3.21
CA GLU A 110 7.05 -18.75 -3.85
C GLU A 110 6.78 -19.34 -5.21
N GLY A 111 7.48 -18.88 -6.20
CA GLY A 111 7.36 -19.45 -7.53
C GLY A 111 6.79 -18.48 -8.52
N GLY A 112 5.94 -17.60 -8.06
CA GLY A 112 5.34 -16.62 -8.93
C GLY A 112 6.04 -15.30 -8.83
N ARG A 113 5.37 -14.24 -9.18
CA ARG A 113 5.97 -12.93 -9.09
C ARG A 113 4.90 -11.95 -8.75
N ILE A 114 5.30 -10.93 -8.08
CA ILE A 114 4.45 -9.86 -7.66
C ILE A 114 4.24 -8.90 -8.77
N VAL A 115 3.01 -8.77 -9.18
CA VAL A 115 2.70 -7.89 -10.28
C VAL A 115 1.86 -6.74 -9.77
N ASN A 116 1.13 -6.97 -8.69
CA ASN A 116 0.30 -5.92 -8.16
C ASN A 116 0.88 -5.47 -6.83
N TRP A 117 0.76 -4.21 -6.54
CA TRP A 117 1.24 -3.64 -5.31
C TRP A 117 0.69 -2.24 -5.16
N ALA A 118 0.54 -1.82 -3.94
CA ALA A 118 0.08 -0.49 -3.60
C ALA A 118 0.56 -0.16 -2.20
N CYS A 119 1.19 0.96 -2.03
CA CYS A 119 1.74 1.31 -0.74
C CYS A 119 1.03 2.49 -0.11
N ASN A 120 0.81 2.40 1.18
CA ASN A 120 0.30 3.52 1.95
C ASN A 120 1.45 4.12 2.71
N PRO A 5 26.09 17.67 -32.14
CA PRO A 5 25.49 17.28 -30.88
C PRO A 5 24.83 18.49 -30.27
N THR A 6 23.83 18.25 -29.48
CA THR A 6 23.09 19.30 -28.86
C THR A 6 23.66 19.54 -27.48
N VAL A 7 24.09 20.75 -27.25
CA VAL A 7 24.63 21.12 -25.96
C VAL A 7 23.59 21.86 -25.15
N ASP A 8 23.47 21.48 -23.91
CA ASP A 8 22.46 22.06 -23.06
C ASP A 8 23.03 23.19 -22.25
N ALA A 9 22.25 24.23 -22.08
CA ALA A 9 22.66 25.42 -21.39
C ALA A 9 22.86 25.15 -19.92
N HIS A 10 24.10 25.05 -19.54
CA HIS A 10 24.46 24.80 -18.19
C HIS A 10 24.56 26.16 -17.51
N LEU A 11 23.65 26.41 -16.62
CA LEU A 11 23.55 27.65 -15.90
C LEU A 11 24.73 27.87 -14.95
N ALA A 12 24.83 29.07 -14.47
CA ALA A 12 25.85 29.48 -13.52
C ALA A 12 25.16 29.80 -12.20
N ASN A 13 25.84 30.48 -11.30
CA ASN A 13 25.24 30.89 -10.03
C ASN A 13 24.25 32.00 -10.28
N GLY A 14 23.04 31.75 -9.92
CA GLY A 14 21.97 32.67 -10.14
C GLY A 14 20.66 32.05 -9.78
N SER A 15 20.38 32.05 -8.52
CA SER A 15 19.19 31.45 -8.00
C SER A 15 18.86 32.18 -6.71
N MET A 16 17.65 31.98 -6.26
CA MET A 16 17.23 32.52 -5.01
C MET A 16 17.47 31.48 -3.94
N SER A 17 17.07 31.76 -2.74
CA SER A 17 17.21 30.83 -1.68
C SER A 17 16.06 29.85 -1.76
N GLU A 18 16.42 28.60 -1.78
CA GLU A 18 15.48 27.49 -1.89
C GLU A 18 14.84 27.18 -0.54
N VAL A 19 15.26 27.92 0.42
CA VAL A 19 14.75 27.83 1.75
C VAL A 19 13.61 28.81 1.89
N MET A 20 12.57 28.38 2.55
CA MET A 20 11.32 29.13 2.66
C MET A 20 10.40 28.33 3.54
N MET A 21 9.11 28.64 3.50
CA MET A 21 8.13 27.85 4.21
C MET A 21 8.12 26.44 3.66
N SER A 22 7.58 25.51 4.44
CA SER A 22 7.71 24.08 4.18
C SER A 22 9.19 23.75 4.49
N GLU A 23 9.75 22.72 3.85
CA GLU A 23 11.13 22.28 4.09
C GLU A 23 11.33 21.92 5.55
N ILE A 24 11.03 20.68 5.86
CA ILE A 24 11.08 20.20 7.23
C ILE A 24 12.52 20.17 7.76
N ALA A 25 12.69 20.66 8.99
CA ALA A 25 13.98 20.67 9.66
C ALA A 25 14.30 19.28 10.21
N GLY A 26 15.37 19.17 10.97
CA GLY A 26 15.78 17.89 11.54
C GLY A 26 14.90 17.47 12.70
N LEU A 27 13.68 17.18 12.40
CA LEU A 27 12.67 16.73 13.35
C LEU A 27 12.12 15.43 12.82
N PRO A 28 11.71 14.50 13.70
CA PRO A 28 11.13 13.23 13.24
C PRO A 28 9.84 13.46 12.47
N ILE A 29 9.78 12.96 11.27
CA ILE A 29 8.64 13.13 10.41
C ILE A 29 7.69 11.94 10.59
N PRO A 30 6.54 12.17 11.19
CA PRO A 30 5.57 11.12 11.38
C PRO A 30 4.69 10.93 10.15
N PRO A 31 4.66 9.72 9.58
CA PRO A 31 3.78 9.43 8.47
C PRO A 31 2.33 9.46 8.91
N ILE A 32 1.49 9.91 8.02
CA ILE A 32 0.10 9.99 8.30
C ILE A 32 -0.52 8.65 7.97
N ILE A 33 -0.95 7.97 9.00
CA ILE A 33 -1.55 6.65 8.85
C ILE A 33 -2.82 6.73 8.03
N HIS A 34 -2.74 6.29 6.82
CA HIS A 34 -3.87 6.21 5.96
C HIS A 34 -4.27 4.78 5.80
N TYR A 35 -5.41 4.56 5.22
CA TYR A 35 -5.94 3.23 5.13
C TYR A 35 -6.10 2.86 3.69
N GLY A 36 -5.91 1.61 3.42
CA GLY A 36 -6.07 1.12 2.12
C GLY A 36 -6.48 -0.31 2.14
N ALA A 37 -6.72 -0.84 0.99
CA ALA A 37 -7.18 -2.18 0.86
C ALA A 37 -6.98 -2.63 -0.56
N ILE A 38 -6.81 -3.90 -0.72
CA ILE A 38 -6.67 -4.52 -2.02
C ILE A 38 -7.72 -5.60 -2.12
N ALA A 39 -8.59 -5.47 -3.09
CA ALA A 39 -9.64 -6.41 -3.31
C ALA A 39 -9.31 -7.21 -4.51
N TYR A 40 -9.44 -8.46 -4.37
CA TYR A 40 -9.22 -9.36 -5.43
C TYR A 40 -10.38 -10.27 -5.54
N ALA A 41 -10.46 -10.93 -6.63
CA ALA A 41 -11.42 -11.98 -6.80
C ALA A 41 -10.74 -13.15 -7.47
N PRO A 42 -11.15 -14.41 -7.18
CA PRO A 42 -10.56 -15.62 -7.81
C PRO A 42 -10.73 -15.61 -9.35
N SER A 43 -11.53 -14.68 -9.81
CA SER A 43 -11.79 -14.48 -11.20
C SER A 43 -10.53 -13.89 -11.88
N GLY A 44 -9.71 -13.18 -11.09
CA GLY A 44 -8.56 -12.50 -11.63
C GLY A 44 -8.75 -11.00 -11.55
N ALA A 45 -9.90 -10.62 -11.03
CA ALA A 45 -10.25 -9.23 -10.87
C ALA A 45 -9.37 -8.61 -9.79
N SER A 46 -8.71 -7.53 -10.15
CA SER A 46 -7.81 -6.82 -9.28
C SER A 46 -8.38 -5.45 -8.93
N GLY A 47 -8.20 -5.04 -7.69
CA GLY A 47 -8.57 -3.71 -7.30
C GLY A 47 -7.84 -3.29 -6.08
N LYS A 48 -7.64 -2.01 -5.89
CA LYS A 48 -6.87 -1.51 -4.76
C LYS A 48 -7.18 -0.07 -4.47
N ALA A 49 -6.87 0.34 -3.27
CA ALA A 49 -7.09 1.68 -2.83
C ALA A 49 -6.16 1.92 -1.69
N TRP A 50 -5.58 3.08 -1.64
CA TRP A 50 -4.67 3.39 -0.59
C TRP A 50 -4.62 4.88 -0.39
N HIS A 51 -4.19 5.27 0.78
CA HIS A 51 -4.06 6.66 1.18
C HIS A 51 -5.41 7.36 1.36
N GLN A 52 -6.43 6.57 1.70
CA GLN A 52 -7.75 7.11 1.97
C GLN A 52 -7.81 7.48 3.43
N ARG A 53 -8.63 8.44 3.74
CA ARG A 53 -8.69 9.00 5.07
C ARG A 53 -9.48 8.11 6.01
N THR A 54 -10.37 7.33 5.48
CA THR A 54 -11.19 6.46 6.29
C THR A 54 -11.13 5.03 5.77
N PRO A 55 -11.11 4.02 6.68
CA PRO A 55 -11.02 2.61 6.29
C PRO A 55 -12.24 2.17 5.49
N ALA A 56 -13.38 2.71 5.84
CA ALA A 56 -14.63 2.39 5.19
C ALA A 56 -14.56 2.75 3.72
N ARG A 57 -14.17 3.99 3.45
CA ARG A 57 -14.06 4.47 2.09
C ARG A 57 -12.98 3.71 1.36
N ALA A 58 -11.86 3.48 2.03
CA ALA A 58 -10.74 2.75 1.46
C ALA A 58 -11.17 1.37 0.97
N GLU A 59 -11.94 0.65 1.78
CA GLU A 59 -12.43 -0.65 1.39
C GLU A 59 -13.41 -0.55 0.25
N GLN A 60 -14.30 0.44 0.31
CA GLN A 60 -15.29 0.65 -0.77
C GLN A 60 -14.60 0.89 -2.09
N VAL A 61 -13.56 1.72 -2.07
CA VAL A 61 -12.80 2.04 -3.27
C VAL A 61 -12.04 0.81 -3.76
N ALA A 62 -11.57 -0.01 -2.83
CA ALA A 62 -10.86 -1.25 -3.17
C ALA A 62 -11.77 -2.21 -3.92
N LEU A 63 -12.95 -2.50 -3.36
CA LEU A 63 -13.91 -3.39 -4.00
C LEU A 63 -14.38 -2.79 -5.33
N GLU A 64 -14.50 -1.45 -5.35
CA GLU A 64 -14.88 -0.70 -6.54
C GLU A 64 -13.90 -0.96 -7.67
N LYS A 65 -12.62 -0.91 -7.34
CA LYS A 65 -11.54 -1.14 -8.28
C LYS A 65 -11.48 -2.58 -8.73
N CYS A 66 -11.75 -3.50 -7.80
CA CYS A 66 -11.76 -4.93 -8.14
C CYS A 66 -12.79 -5.17 -9.19
N GLY A 67 -13.97 -4.72 -8.90
CA GLY A 67 -15.02 -4.79 -9.84
C GLY A 67 -16.25 -5.23 -9.19
N ASP A 68 -16.13 -6.21 -8.34
CA ASP A 68 -17.29 -6.70 -7.68
C ASP A 68 -17.29 -6.17 -6.27
N LYS A 69 -18.42 -5.72 -5.84
CA LYS A 69 -18.56 -5.17 -4.50
C LYS A 69 -18.31 -6.23 -3.47
N THR A 70 -18.66 -7.42 -3.81
CA THR A 70 -18.43 -8.54 -2.95
C THR A 70 -17.23 -9.41 -3.43
N CYS A 71 -16.22 -8.80 -4.11
CA CYS A 71 -14.99 -9.50 -4.47
C CYS A 71 -14.38 -10.19 -3.22
N LYS A 72 -14.27 -11.52 -3.27
CA LYS A 72 -13.72 -12.28 -2.15
C LYS A 72 -12.21 -12.21 -2.15
N VAL A 73 -11.68 -11.93 -0.96
CA VAL A 73 -10.27 -11.65 -0.68
C VAL A 73 -10.02 -10.17 -0.72
N VAL A 74 -10.19 -9.56 0.43
CA VAL A 74 -9.99 -8.16 0.61
C VAL A 74 -8.93 -7.99 1.65
N SER A 75 -7.80 -7.54 1.24
CA SER A 75 -6.72 -7.32 2.14
C SER A 75 -6.82 -5.87 2.60
N ARG A 76 -6.91 -5.66 3.88
CA ARG A 76 -7.04 -4.32 4.43
C ARG A 76 -5.83 -4.00 5.25
N PHE A 77 -5.18 -2.92 4.92
CA PHE A 77 -3.95 -2.56 5.57
C PHE A 77 -3.72 -1.06 5.56
N THR A 78 -2.93 -0.62 6.47
CA THR A 78 -2.50 0.77 6.58
C THR A 78 -1.00 0.82 6.26
N ARG A 79 -0.51 -0.35 5.88
CA ARG A 79 0.86 -0.62 5.49
C ARG A 79 0.87 -0.87 3.98
N CYS A 80 1.72 -1.72 3.50
CA CYS A 80 1.79 -2.03 2.10
C CYS A 80 1.44 -3.49 1.89
N GLY A 81 0.71 -3.74 0.83
CA GLY A 81 0.32 -5.09 0.50
C GLY A 81 0.69 -5.40 -0.93
N ALA A 82 1.06 -6.63 -1.18
CA ALA A 82 1.44 -7.07 -2.51
C ALA A 82 0.74 -8.37 -2.87
N VAL A 83 0.51 -8.61 -4.14
CA VAL A 83 -0.13 -9.82 -4.61
C VAL A 83 0.67 -10.46 -5.75
N ALA A 84 1.02 -11.71 -5.54
CA ALA A 84 1.76 -12.51 -6.49
C ALA A 84 0.86 -13.54 -7.15
N TYR A 85 1.21 -13.86 -8.37
CA TYR A 85 0.46 -14.78 -9.23
C TYR A 85 1.31 -16.00 -9.54
N ASN A 86 0.84 -17.15 -9.14
CA ASN A 86 1.52 -18.40 -9.46
C ASN A 86 0.51 -19.50 -9.73
N GLY A 87 0.36 -19.87 -10.99
CA GLY A 87 -0.55 -20.95 -11.39
C GLY A 87 -1.97 -20.68 -10.98
N SER A 88 -2.42 -19.47 -11.25
CA SER A 88 -3.73 -18.93 -10.89
C SER A 88 -3.99 -18.87 -9.38
N LYS A 89 -2.94 -19.00 -8.60
CA LYS A 89 -3.04 -18.89 -7.17
C LYS A 89 -2.48 -17.55 -6.75
N TYR A 90 -3.27 -16.84 -6.01
CA TYR A 90 -2.95 -15.49 -5.63
C TYR A 90 -2.50 -15.44 -4.19
N GLN A 91 -1.37 -14.84 -3.95
CA GLN A 91 -0.83 -14.73 -2.62
C GLN A 91 -0.61 -13.28 -2.27
N GLY A 92 -1.18 -12.88 -1.17
CA GLY A 92 -0.97 -11.56 -0.67
C GLY A 92 0.15 -11.53 0.34
N GLY A 93 1.02 -10.59 0.19
CA GLY A 93 2.12 -10.36 1.10
C GLY A 93 1.99 -8.99 1.71
N THR A 94 2.66 -8.75 2.80
CA THR A 94 2.52 -7.49 3.50
C THR A 94 3.85 -6.98 4.06
N GLY A 95 3.96 -5.69 4.12
CA GLY A 95 5.12 -5.04 4.66
C GLY A 95 4.74 -3.62 4.91
N LEU A 96 5.60 -2.82 5.45
CA LEU A 96 5.28 -1.38 5.60
C LEU A 96 5.61 -0.77 4.29
N THR A 97 6.71 -1.25 3.78
CA THR A 97 7.27 -0.80 2.55
C THR A 97 7.00 -1.83 1.46
N ARG A 98 7.13 -1.44 0.19
CA ARG A 98 6.90 -2.39 -0.90
C ARG A 98 7.99 -3.42 -0.96
N ARG A 99 9.16 -3.05 -0.48
CA ARG A 99 10.28 -3.94 -0.45
C ARG A 99 10.01 -5.06 0.53
N ALA A 100 9.57 -4.70 1.71
CA ALA A 100 9.26 -5.68 2.71
C ALA A 100 8.01 -6.45 2.33
N ALA A 101 7.09 -5.78 1.67
CA ALA A 101 5.87 -6.42 1.23
C ALA A 101 6.16 -7.49 0.21
N GLU A 102 6.99 -7.15 -0.80
CA GLU A 102 7.34 -8.11 -1.82
C GLU A 102 8.18 -9.22 -1.22
N ASP A 103 9.00 -8.85 -0.24
CA ASP A 103 9.85 -9.80 0.46
C ASP A 103 8.98 -10.81 1.19
N ASP A 104 7.97 -10.32 1.86
CA ASP A 104 7.05 -11.19 2.59
C ASP A 104 6.21 -12.04 1.62
N ALA A 105 5.78 -11.42 0.53
CA ALA A 105 5.02 -12.09 -0.50
C ALA A 105 5.81 -13.26 -1.10
N VAL A 106 7.09 -13.04 -1.36
CA VAL A 106 7.95 -14.05 -1.94
C VAL A 106 8.35 -15.09 -0.87
N ASN A 107 8.32 -14.66 0.38
CA ASN A 107 8.51 -15.58 1.51
C ASN A 107 7.38 -16.58 1.54
N ARG A 108 6.20 -16.11 1.19
CA ARG A 108 5.01 -16.95 1.16
C ARG A 108 4.84 -17.65 -0.20
N LEU A 109 5.30 -17.02 -1.26
CA LEU A 109 5.09 -17.52 -2.61
C LEU A 109 6.32 -17.38 -3.48
N GLU A 110 6.73 -18.47 -4.06
CA GLU A 110 7.75 -18.49 -5.06
C GLU A 110 7.22 -19.29 -6.22
N GLY A 111 7.72 -19.02 -7.39
CA GLY A 111 7.22 -19.70 -8.57
C GLY A 111 6.44 -18.74 -9.43
N GLY A 112 6.06 -17.64 -8.82
CA GLY A 112 5.30 -16.63 -9.49
C GLY A 112 5.91 -15.28 -9.21
N ARG A 113 5.21 -14.23 -9.54
CA ARG A 113 5.72 -12.90 -9.36
C ARG A 113 4.64 -11.98 -8.91
N ILE A 114 5.06 -10.90 -8.34
CA ILE A 114 4.19 -9.94 -7.76
C ILE A 114 3.75 -8.95 -8.80
N VAL A 115 2.49 -8.98 -9.10
CA VAL A 115 1.99 -8.09 -10.11
C VAL A 115 1.25 -6.95 -9.46
N ASN A 116 0.67 -7.18 -8.29
CA ASN A 116 -0.06 -6.10 -7.66
C ASN A 116 0.62 -5.71 -6.37
N TRP A 117 0.59 -4.44 -6.04
CA TRP A 117 1.06 -3.95 -4.77
C TRP A 117 0.59 -2.52 -4.59
N ALA A 118 0.42 -2.12 -3.36
CA ALA A 118 0.01 -0.78 -3.00
C ALA A 118 0.44 -0.50 -1.59
N CYS A 119 1.07 0.62 -1.38
CA CYS A 119 1.58 0.94 -0.07
C CYS A 119 0.95 2.20 0.48
N ASN A 120 0.49 2.11 1.68
CA ASN A 120 -0.01 3.27 2.39
C ASN A 120 1.14 3.93 3.08
N PRO A 5 -15.96 2.67 -34.36
CA PRO A 5 -15.45 1.73 -33.36
C PRO A 5 -14.93 2.52 -32.18
N THR A 6 -14.58 1.85 -31.11
CA THR A 6 -14.03 2.48 -29.94
C THR A 6 -12.84 1.71 -29.40
N VAL A 7 -11.68 2.30 -29.49
CA VAL A 7 -10.49 1.71 -28.97
C VAL A 7 -9.67 2.74 -28.23
N ASP A 8 -9.68 2.58 -26.96
CA ASP A 8 -9.03 3.50 -26.05
C ASP A 8 -7.72 2.91 -25.59
N ALA A 9 -6.72 3.73 -25.48
CA ALA A 9 -5.41 3.30 -25.07
C ALA A 9 -4.92 4.16 -23.91
N HIS A 10 -5.84 4.83 -23.25
CA HIS A 10 -5.49 5.72 -22.16
C HIS A 10 -5.53 4.96 -20.86
N LEU A 11 -4.41 4.47 -20.44
CA LEU A 11 -4.32 3.72 -19.23
C LEU A 11 -3.83 4.60 -18.13
N ALA A 12 -4.28 4.37 -16.93
CA ALA A 12 -3.83 5.12 -15.79
C ALA A 12 -2.41 4.70 -15.46
N ASN A 13 -1.48 5.58 -15.69
CA ASN A 13 -0.09 5.29 -15.45
C ASN A 13 0.35 5.78 -14.10
N GLY A 14 1.30 5.09 -13.53
CA GLY A 14 1.80 5.45 -12.24
C GLY A 14 3.28 5.64 -12.27
N SER A 15 3.69 6.86 -12.45
CA SER A 15 5.10 7.19 -12.50
C SER A 15 5.62 7.34 -11.07
N MET A 16 6.17 6.25 -10.55
CA MET A 16 6.67 6.20 -9.19
C MET A 16 7.87 7.08 -9.00
N SER A 17 7.94 7.70 -7.88
CA SER A 17 9.00 8.62 -7.56
C SER A 17 9.24 8.64 -6.06
N GLU A 18 10.49 8.64 -5.66
CA GLU A 18 10.89 8.66 -4.26
C GLU A 18 11.26 10.08 -3.87
N VAL A 19 10.75 11.03 -4.64
CA VAL A 19 11.02 12.45 -4.49
C VAL A 19 10.51 12.99 -3.17
N MET A 20 10.83 14.25 -2.93
CA MET A 20 10.58 14.99 -1.68
C MET A 20 11.58 14.56 -0.62
N MET A 21 11.63 15.26 0.47
CA MET A 21 12.59 14.96 1.50
C MET A 21 11.87 14.76 2.80
N SER A 22 12.50 14.01 3.66
CA SER A 22 11.97 13.71 4.97
C SER A 22 11.85 14.99 5.80
N GLU A 23 10.62 15.37 6.12
CA GLU A 23 10.37 16.52 6.96
C GLU A 23 10.69 16.17 8.42
N ILE A 24 11.95 16.25 8.73
CA ILE A 24 12.47 15.86 10.02
C ILE A 24 12.56 17.02 11.00
N ALA A 25 13.05 16.68 12.17
CA ALA A 25 13.26 17.55 13.29
C ALA A 25 14.00 16.69 14.29
N GLY A 26 14.18 17.15 15.50
CA GLY A 26 14.80 16.33 16.52
C GLY A 26 13.87 15.21 16.95
N LEU A 27 12.60 15.52 16.93
CA LEU A 27 11.57 14.56 17.26
C LEU A 27 11.24 13.67 16.06
N PRO A 28 10.99 12.38 16.29
CA PRO A 28 10.64 11.44 15.23
C PRO A 28 9.18 11.58 14.78
N ILE A 29 8.98 11.77 13.51
CA ILE A 29 7.68 11.88 12.95
C ILE A 29 7.40 10.64 12.12
N PRO A 30 6.45 9.79 12.55
CA PRO A 30 6.10 8.58 11.82
C PRO A 30 5.31 8.92 10.54
N PRO A 31 5.24 8.00 9.56
CA PRO A 31 4.47 8.21 8.36
C PRO A 31 2.99 8.30 8.66
N ILE A 32 2.28 9.07 7.87
CA ILE A 32 0.87 9.23 8.05
C ILE A 32 0.20 7.93 7.64
N ILE A 33 -0.30 7.25 8.63
CA ILE A 33 -0.91 5.97 8.45
C ILE A 33 -2.25 6.09 7.76
N HIS A 34 -2.26 5.65 6.55
CA HIS A 34 -3.44 5.61 5.75
C HIS A 34 -3.93 4.20 5.65
N TYR A 35 -5.08 4.03 5.11
CA TYR A 35 -5.71 2.75 5.07
C TYR A 35 -5.98 2.41 3.64
N GLY A 36 -5.76 1.19 3.30
CA GLY A 36 -5.98 0.74 1.97
C GLY A 36 -6.44 -0.67 1.99
N ALA A 37 -6.70 -1.20 0.85
CA ALA A 37 -7.19 -2.53 0.74
C ALA A 37 -6.94 -3.06 -0.64
N ILE A 38 -6.76 -4.33 -0.73
CA ILE A 38 -6.59 -4.99 -1.99
C ILE A 38 -7.60 -6.12 -2.10
N ALA A 39 -8.40 -6.05 -3.12
CA ALA A 39 -9.44 -7.00 -3.39
C ALA A 39 -8.97 -7.93 -4.48
N TYR A 40 -9.08 -9.20 -4.23
CA TYR A 40 -8.69 -10.20 -5.17
C TYR A 40 -9.58 -11.37 -5.16
N ALA A 41 -10.38 -11.46 -6.16
CA ALA A 41 -11.25 -12.58 -6.30
C ALA A 41 -10.50 -13.66 -7.05
N PRO A 42 -10.77 -14.95 -6.76
CA PRO A 42 -10.11 -16.08 -7.45
C PRO A 42 -10.43 -16.10 -8.95
N SER A 43 -11.36 -15.24 -9.34
CA SER A 43 -11.79 -15.09 -10.69
C SER A 43 -10.84 -14.17 -11.48
N GLY A 44 -9.89 -13.54 -10.78
CA GLY A 44 -8.94 -12.68 -11.47
C GLY A 44 -9.22 -11.23 -11.27
N ALA A 45 -10.31 -10.96 -10.60
CA ALA A 45 -10.69 -9.60 -10.28
C ALA A 45 -9.66 -9.00 -9.35
N SER A 46 -9.02 -7.97 -9.83
CA SER A 46 -7.98 -7.31 -9.12
C SER A 46 -8.43 -5.93 -8.70
N GLY A 47 -8.07 -5.51 -7.53
CA GLY A 47 -8.34 -4.17 -7.12
C GLY A 47 -7.42 -3.76 -6.02
N LYS A 48 -6.89 -2.57 -6.11
CA LYS A 48 -6.03 -2.04 -5.07
C LYS A 48 -6.40 -0.61 -4.74
N ALA A 49 -6.41 -0.30 -3.48
CA ALA A 49 -6.74 1.00 -3.00
C ALA A 49 -5.80 1.29 -1.89
N TRP A 50 -5.30 2.48 -1.85
CA TRP A 50 -4.38 2.86 -0.87
C TRP A 50 -4.44 4.35 -0.73
N HIS A 51 -4.04 4.79 0.44
CA HIS A 51 -3.91 6.18 0.80
C HIS A 51 -5.28 6.81 1.09
N GLN A 52 -6.19 6.03 1.67
CA GLN A 52 -7.47 6.55 2.13
C GLN A 52 -7.39 6.84 3.61
N ARG A 53 -8.21 7.74 4.07
CA ARG A 53 -8.24 8.17 5.42
C ARG A 53 -9.28 7.39 6.21
N THR A 54 -10.20 6.81 5.52
CA THR A 54 -11.25 6.10 6.16
C THR A 54 -11.23 4.65 5.72
N PRO A 55 -10.98 3.72 6.68
CA PRO A 55 -10.92 2.27 6.42
C PRO A 55 -12.09 1.76 5.57
N ALA A 56 -13.30 2.23 5.88
CA ALA A 56 -14.49 1.85 5.14
C ALA A 56 -14.38 2.28 3.68
N ARG A 57 -13.90 3.50 3.47
CA ARG A 57 -13.78 4.01 2.13
C ARG A 57 -12.67 3.33 1.38
N ALA A 58 -11.60 3.03 2.10
CA ALA A 58 -10.47 2.29 1.56
C ALA A 58 -10.95 0.95 0.98
N GLU A 59 -11.75 0.21 1.76
CA GLU A 59 -12.27 -1.07 1.29
C GLU A 59 -13.21 -0.85 0.12
N GLN A 60 -14.07 0.17 0.22
CA GLN A 60 -15.00 0.50 -0.86
C GLN A 60 -14.27 0.82 -2.16
N VAL A 61 -13.15 1.54 -2.06
CA VAL A 61 -12.37 1.87 -3.25
C VAL A 61 -11.77 0.59 -3.81
N ALA A 62 -11.31 -0.30 -2.94
CA ALA A 62 -10.72 -1.57 -3.37
C ALA A 62 -11.75 -2.42 -4.10
N LEU A 63 -12.95 -2.48 -3.56
CA LEU A 63 -14.06 -3.22 -4.15
C LEU A 63 -14.40 -2.64 -5.51
N GLU A 64 -14.43 -1.33 -5.56
CA GLU A 64 -14.74 -0.58 -6.76
C GLU A 64 -13.62 -0.73 -7.81
N LYS A 65 -12.40 -0.86 -7.35
CA LYS A 65 -11.26 -1.12 -8.24
C LYS A 65 -11.33 -2.54 -8.76
N CYS A 66 -11.76 -3.45 -7.91
CA CYS A 66 -11.94 -4.85 -8.25
C CYS A 66 -12.99 -5.01 -9.32
N GLY A 67 -14.17 -4.53 -9.04
CA GLY A 67 -15.23 -4.64 -9.96
C GLY A 67 -16.46 -5.19 -9.33
N ASP A 68 -16.30 -6.02 -8.31
CA ASP A 68 -17.47 -6.58 -7.69
C ASP A 68 -17.75 -5.83 -6.41
N LYS A 69 -18.99 -5.49 -6.19
CA LYS A 69 -19.41 -4.68 -5.05
C LYS A 69 -19.01 -5.33 -3.73
N THR A 70 -19.15 -6.60 -3.69
CA THR A 70 -18.84 -7.35 -2.52
C THR A 70 -17.60 -8.26 -2.79
N CYS A 71 -16.69 -7.78 -3.71
CA CYS A 71 -15.44 -8.48 -4.08
C CYS A 71 -14.75 -9.07 -2.83
N LYS A 72 -14.74 -10.39 -2.76
CA LYS A 72 -14.24 -11.08 -1.61
C LYS A 72 -12.73 -11.17 -1.59
N VAL A 73 -12.20 -11.58 -0.42
CA VAL A 73 -10.77 -11.73 -0.15
C VAL A 73 -10.09 -10.32 -0.06
N VAL A 74 -10.93 -9.31 0.08
CA VAL A 74 -10.49 -7.94 0.19
C VAL A 74 -9.73 -7.73 1.51
N SER A 75 -8.44 -7.62 1.37
CA SER A 75 -7.57 -7.49 2.49
C SER A 75 -7.29 -6.01 2.74
N ARG A 76 -7.56 -5.56 3.92
CA ARG A 76 -7.34 -4.20 4.31
C ARG A 76 -6.08 -4.08 5.14
N PHE A 77 -5.27 -3.12 4.81
CA PHE A 77 -4.01 -2.90 5.46
C PHE A 77 -3.68 -1.43 5.49
N THR A 78 -2.67 -1.09 6.22
CA THR A 78 -2.25 0.29 6.39
C THR A 78 -0.78 0.42 6.03
N ARG A 79 -0.29 -0.61 5.42
CA ARG A 79 1.07 -0.71 5.01
C ARG A 79 1.08 -0.90 3.52
N CYS A 80 2.07 -1.53 2.99
CA CYS A 80 2.09 -1.82 1.60
C CYS A 80 1.73 -3.27 1.40
N GLY A 81 0.88 -3.53 0.45
CA GLY A 81 0.47 -4.85 0.17
C GLY A 81 0.83 -5.23 -1.22
N ALA A 82 1.31 -6.41 -1.41
CA ALA A 82 1.74 -6.87 -2.71
C ALA A 82 1.05 -8.18 -3.05
N VAL A 83 0.71 -8.39 -4.29
CA VAL A 83 0.08 -9.63 -4.72
C VAL A 83 0.84 -10.25 -5.87
N ALA A 84 1.17 -11.50 -5.67
CA ALA A 84 1.87 -12.30 -6.61
C ALA A 84 0.92 -13.31 -7.22
N TYR A 85 1.14 -13.58 -8.46
CA TYR A 85 0.38 -14.54 -9.22
C TYR A 85 1.23 -15.76 -9.41
N ASN A 86 0.70 -16.89 -9.09
CA ASN A 86 1.40 -18.15 -9.34
C ASN A 86 0.41 -19.22 -9.66
N GLY A 87 0.38 -19.63 -10.91
CA GLY A 87 -0.53 -20.69 -11.33
C GLY A 87 -1.94 -20.22 -11.25
N SER A 88 -2.11 -18.91 -11.52
CA SER A 88 -3.38 -18.23 -11.47
C SER A 88 -3.91 -18.12 -10.01
N LYS A 89 -3.06 -18.46 -9.04
CA LYS A 89 -3.40 -18.36 -7.65
C LYS A 89 -2.82 -17.08 -7.14
N TYR A 90 -3.53 -16.42 -6.28
CA TYR A 90 -3.15 -15.11 -5.83
C TYR A 90 -2.72 -15.14 -4.41
N GLN A 91 -1.53 -14.71 -4.17
CA GLN A 91 -0.98 -14.69 -2.85
C GLN A 91 -0.52 -13.30 -2.52
N GLY A 92 -1.03 -12.78 -1.46
CA GLY A 92 -0.69 -11.48 -1.04
C GLY A 92 0.36 -11.47 0.05
N GLY A 93 1.08 -10.42 0.09
CA GLY A 93 2.08 -10.16 1.07
C GLY A 93 1.87 -8.77 1.58
N THR A 94 2.41 -8.44 2.70
CA THR A 94 2.19 -7.13 3.27
C THR A 94 3.40 -6.73 4.12
N GLY A 95 3.73 -5.50 4.07
CA GLY A 95 4.87 -4.95 4.78
C GLY A 95 4.78 -3.47 4.78
N LEU A 96 5.34 -2.83 5.78
CA LEU A 96 5.30 -1.35 5.90
C LEU A 96 5.83 -0.66 4.66
N THR A 97 6.88 -1.18 4.13
CA THR A 97 7.48 -0.66 2.95
C THR A 97 7.22 -1.62 1.82
N ARG A 98 7.38 -1.16 0.58
CA ARG A 98 7.15 -2.04 -0.56
C ARG A 98 8.17 -3.18 -0.57
N ARG A 99 9.38 -2.89 -0.07
CA ARG A 99 10.43 -3.90 0.00
C ARG A 99 10.06 -4.96 1.01
N ALA A 100 9.48 -4.54 2.11
CA ALA A 100 9.06 -5.47 3.12
C ALA A 100 7.84 -6.23 2.66
N ALA A 101 7.00 -5.57 1.89
CA ALA A 101 5.81 -6.19 1.36
C ALA A 101 6.15 -7.24 0.33
N GLU A 102 7.04 -6.89 -0.60
CA GLU A 102 7.46 -7.82 -1.60
C GLU A 102 8.23 -8.96 -0.96
N ASP A 103 8.97 -8.66 0.12
CA ASP A 103 9.71 -9.68 0.84
C ASP A 103 8.73 -10.63 1.46
N ASP A 104 7.71 -10.06 2.09
CA ASP A 104 6.65 -10.83 2.73
C ASP A 104 5.94 -11.69 1.69
N ALA A 105 5.60 -11.06 0.57
CA ALA A 105 4.90 -11.73 -0.53
C ALA A 105 5.71 -12.87 -1.12
N VAL A 106 7.01 -12.72 -1.21
CA VAL A 106 7.85 -13.77 -1.75
C VAL A 106 8.09 -14.84 -0.69
N ASN A 107 7.98 -14.45 0.56
CA ASN A 107 8.02 -15.38 1.67
C ASN A 107 6.77 -16.24 1.62
N ARG A 108 5.68 -15.64 1.19
CA ARG A 108 4.41 -16.33 1.06
C ARG A 108 4.33 -17.09 -0.26
N LEU A 109 4.97 -16.56 -1.28
CA LEU A 109 4.84 -17.09 -2.63
C LEU A 109 6.16 -17.03 -3.41
N GLU A 110 6.56 -18.17 -3.93
CA GLU A 110 7.65 -18.29 -4.84
C GLU A 110 7.16 -19.10 -6.02
N GLY A 111 7.61 -18.76 -7.18
CA GLY A 111 7.20 -19.48 -8.37
C GLY A 111 6.52 -18.55 -9.35
N GLY A 112 5.82 -17.60 -8.81
CA GLY A 112 5.15 -16.62 -9.61
C GLY A 112 5.77 -15.28 -9.40
N ARG A 113 5.06 -14.21 -9.69
CA ARG A 113 5.62 -12.87 -9.54
C ARG A 113 4.62 -11.89 -9.03
N ILE A 114 5.13 -10.92 -8.31
CA ILE A 114 4.35 -9.84 -7.74
C ILE A 114 4.02 -8.88 -8.84
N VAL A 115 2.77 -8.79 -9.18
CA VAL A 115 2.38 -7.86 -10.22
C VAL A 115 1.55 -6.75 -9.64
N ASN A 116 0.95 -7.01 -8.50
CA ASN A 116 0.14 -6.00 -7.88
C ASN A 116 0.81 -5.55 -6.60
N TRP A 117 0.70 -4.29 -6.28
CA TRP A 117 1.22 -3.73 -5.06
C TRP A 117 0.63 -2.35 -4.86
N ALA A 118 0.44 -1.98 -3.62
CA ALA A 118 -0.07 -0.68 -3.24
C ALA A 118 0.40 -0.36 -1.84
N CYS A 119 1.01 0.79 -1.69
CA CYS A 119 1.60 1.16 -0.41
C CYS A 119 0.91 2.33 0.24
N ASN A 120 0.53 2.17 1.47
CA ASN A 120 -0.09 3.24 2.26
C ASN A 120 0.99 3.97 3.02
N PRO A 5 22.64 52.73 15.87
CA PRO A 5 23.17 53.99 16.32
C PRO A 5 23.95 53.74 17.59
N THR A 6 24.98 54.50 17.81
CA THR A 6 25.77 54.36 18.98
C THR A 6 25.22 55.21 20.12
N VAL A 7 24.38 54.61 20.91
CA VAL A 7 23.74 55.30 22.00
C VAL A 7 24.62 55.33 23.24
N ASP A 8 24.57 56.43 23.94
CA ASP A 8 25.33 56.60 25.17
C ASP A 8 24.45 56.13 26.33
N ALA A 9 25.06 55.84 27.48
CA ALA A 9 24.37 55.40 28.69
C ALA A 9 23.69 54.05 28.45
N HIS A 10 24.31 53.26 27.62
CA HIS A 10 23.82 51.94 27.26
C HIS A 10 23.99 50.92 28.40
N LEU A 11 23.00 50.86 29.24
CA LEU A 11 23.01 49.95 30.34
C LEU A 11 22.07 48.80 30.10
N ALA A 12 22.44 47.66 30.55
CA ALA A 12 21.62 46.50 30.41
C ALA A 12 21.00 46.17 31.75
N ASN A 13 19.79 45.68 31.71
CA ASN A 13 19.03 45.33 32.91
C ASN A 13 19.26 43.85 33.22
N GLY A 14 20.29 43.31 32.61
CA GLY A 14 20.50 41.89 32.67
C GLY A 14 19.45 41.28 31.79
N SER A 15 19.39 41.79 30.60
CA SER A 15 18.39 41.46 29.64
C SER A 15 18.55 40.03 29.15
N MET A 16 17.87 39.13 29.82
CA MET A 16 17.90 37.74 29.50
C MET A 16 17.19 37.50 28.20
N SER A 17 17.51 36.42 27.58
CA SER A 17 16.96 36.10 26.32
C SER A 17 15.61 35.46 26.54
N GLU A 18 14.58 36.18 26.17
CA GLU A 18 13.21 35.73 26.33
C GLU A 18 12.78 34.80 25.22
N VAL A 19 13.74 34.41 24.45
CA VAL A 19 13.57 33.44 23.42
C VAL A 19 14.19 32.14 23.92
N MET A 20 13.79 31.03 23.40
CA MET A 20 14.30 29.77 23.88
C MET A 20 14.38 28.78 22.73
N MET A 21 14.86 27.58 23.01
CA MET A 21 14.98 26.57 21.98
C MET A 21 13.62 25.96 21.70
N SER A 22 13.53 25.19 20.66
CA SER A 22 12.32 24.55 20.32
C SER A 22 12.40 23.08 20.72
N GLU A 23 11.61 22.69 21.70
CA GLU A 23 11.61 21.31 22.14
C GLU A 23 10.69 20.48 21.24
N ILE A 24 11.23 20.08 20.14
CA ILE A 24 10.51 19.36 19.14
C ILE A 24 11.13 17.97 18.98
N ALA A 25 10.30 17.00 18.64
CA ALA A 25 10.75 15.65 18.47
C ALA A 25 11.57 15.52 17.20
N GLY A 26 12.75 14.98 17.35
CA GLY A 26 13.60 14.72 16.23
C GLY A 26 13.38 13.31 15.75
N LEU A 27 14.40 12.74 15.10
CA LEU A 27 14.36 11.40 14.52
C LEU A 27 13.36 11.35 13.34
N PRO A 28 13.39 10.30 12.48
CA PRO A 28 12.41 10.20 11.40
C PRO A 28 10.98 10.12 11.94
N ILE A 29 10.15 11.02 11.49
CA ILE A 29 8.79 11.11 11.90
C ILE A 29 7.90 10.29 10.97
N PRO A 30 7.17 9.32 11.53
CA PRO A 30 6.23 8.50 10.77
C PRO A 30 5.14 9.36 10.12
N PRO A 31 4.92 9.20 8.81
CA PRO A 31 3.91 9.97 8.07
C PRO A 31 2.49 9.69 8.55
N ILE A 32 1.55 10.49 8.08
CA ILE A 32 0.16 10.30 8.41
C ILE A 32 -0.31 8.98 7.81
N ILE A 33 -0.55 8.04 8.68
CA ILE A 33 -0.94 6.71 8.31
C ILE A 33 -2.32 6.68 7.70
N HIS A 34 -2.37 6.30 6.46
CA HIS A 34 -3.59 6.16 5.74
C HIS A 34 -3.93 4.70 5.64
N TYR A 35 -5.09 4.42 5.12
CA TYR A 35 -5.59 3.07 5.10
C TYR A 35 -5.87 2.69 3.67
N GLY A 36 -5.62 1.46 3.34
CA GLY A 36 -5.87 0.99 2.03
C GLY A 36 -6.28 -0.45 2.04
N ALA A 37 -6.57 -0.97 0.89
CA ALA A 37 -7.02 -2.31 0.71
C ALA A 37 -6.90 -2.69 -0.74
N ILE A 38 -6.55 -3.91 -0.97
CA ILE A 38 -6.48 -4.46 -2.30
C ILE A 38 -7.51 -5.56 -2.41
N ALA A 39 -8.39 -5.43 -3.36
CA ALA A 39 -9.44 -6.39 -3.56
C ALA A 39 -9.14 -7.19 -4.78
N TYR A 40 -9.42 -8.44 -4.68
CA TYR A 40 -9.29 -9.33 -5.76
C TYR A 40 -10.51 -10.15 -5.84
N ALA A 41 -10.76 -10.65 -6.98
CA ALA A 41 -11.84 -11.55 -7.18
C ALA A 41 -11.29 -12.82 -7.73
N PRO A 42 -11.96 -13.97 -7.49
CA PRO A 42 -11.53 -15.28 -8.03
C PRO A 42 -11.50 -15.29 -9.56
N SER A 43 -12.11 -14.27 -10.15
CA SER A 43 -12.18 -14.10 -11.57
C SER A 43 -10.90 -13.46 -12.13
N GLY A 44 -10.09 -12.86 -11.25
CA GLY A 44 -8.89 -12.19 -11.71
C GLY A 44 -9.04 -10.70 -11.65
N ALA A 45 -10.16 -10.25 -11.15
CA ALA A 45 -10.43 -8.84 -11.00
C ALA A 45 -9.52 -8.27 -9.93
N SER A 46 -8.83 -7.20 -10.27
CA SER A 46 -7.90 -6.57 -9.38
C SER A 46 -8.42 -5.19 -8.98
N GLY A 47 -8.22 -4.82 -7.75
CA GLY A 47 -8.58 -3.51 -7.27
C GLY A 47 -7.62 -3.06 -6.23
N LYS A 48 -7.30 -1.80 -6.22
CA LYS A 48 -6.30 -1.27 -5.32
C LYS A 48 -6.85 0.00 -4.71
N ALA A 49 -6.68 0.18 -3.41
CA ALA A 49 -7.13 1.38 -2.76
C ALA A 49 -6.14 1.71 -1.69
N TRP A 50 -5.73 2.96 -1.61
CA TRP A 50 -4.80 3.39 -0.61
C TRP A 50 -4.90 4.88 -0.46
N HIS A 51 -4.40 5.39 0.66
CA HIS A 51 -4.44 6.81 0.99
C HIS A 51 -5.85 7.29 1.32
N GLN A 52 -6.70 6.40 1.77
CA GLN A 52 -8.03 6.78 2.17
C GLN A 52 -8.04 7.12 3.62
N ARG A 53 -8.94 8.00 3.98
CA ARG A 53 -9.00 8.55 5.29
C ARG A 53 -9.59 7.58 6.30
N THR A 54 -10.41 6.67 5.84
CA THR A 54 -11.03 5.72 6.73
C THR A 54 -10.98 4.32 6.17
N PRO A 55 -10.77 3.31 7.04
CA PRO A 55 -10.74 1.91 6.64
C PRO A 55 -11.96 1.47 5.84
N ALA A 56 -13.16 1.85 6.31
CA ALA A 56 -14.41 1.44 5.65
C ALA A 56 -14.47 1.98 4.23
N ARG A 57 -14.10 3.24 4.05
CA ARG A 57 -14.12 3.83 2.74
C ARG A 57 -13.05 3.22 1.87
N ALA A 58 -11.89 2.95 2.45
CA ALA A 58 -10.80 2.29 1.75
C ALA A 58 -11.24 0.92 1.20
N GLU A 59 -12.02 0.19 2.01
CA GLU A 59 -12.53 -1.11 1.58
C GLU A 59 -13.55 -0.94 0.46
N GLN A 60 -14.43 0.03 0.62
CA GLN A 60 -15.44 0.34 -0.40
C GLN A 60 -14.77 0.71 -1.72
N VAL A 61 -13.73 1.52 -1.64
CA VAL A 61 -12.96 1.90 -2.80
C VAL A 61 -12.29 0.67 -3.41
N ALA A 62 -11.78 -0.23 -2.55
CA ALA A 62 -11.13 -1.45 -3.01
C ALA A 62 -12.08 -2.32 -3.83
N LEU A 63 -13.29 -2.56 -3.32
CA LEU A 63 -14.32 -3.32 -4.04
C LEU A 63 -14.68 -2.64 -5.35
N GLU A 64 -14.81 -1.31 -5.30
CA GLU A 64 -15.14 -0.50 -6.46
C GLU A 64 -14.02 -0.59 -7.52
N LYS A 65 -12.78 -0.49 -7.06
CA LYS A 65 -11.60 -0.59 -7.92
C LYS A 65 -11.48 -1.98 -8.51
N CYS A 66 -11.82 -2.99 -7.72
CA CYS A 66 -11.80 -4.36 -8.17
C CYS A 66 -12.80 -4.52 -9.25
N GLY A 67 -14.00 -4.11 -8.96
CA GLY A 67 -15.02 -4.11 -9.94
C GLY A 67 -16.17 -4.94 -9.55
N ASP A 68 -15.92 -6.00 -8.80
CA ASP A 68 -17.02 -6.88 -8.50
C ASP A 68 -17.50 -6.65 -7.11
N LYS A 69 -18.79 -6.60 -6.96
CA LYS A 69 -19.45 -6.44 -5.70
C LYS A 69 -19.01 -7.51 -4.72
N THR A 70 -18.87 -8.70 -5.22
CA THR A 70 -18.48 -9.81 -4.41
C THR A 70 -17.00 -10.16 -4.65
N CYS A 71 -16.14 -9.16 -4.98
CA CYS A 71 -14.72 -9.40 -5.04
C CYS A 71 -14.19 -9.96 -3.71
N LYS A 72 -14.08 -11.28 -3.63
CA LYS A 72 -13.58 -11.96 -2.47
C LYS A 72 -12.12 -12.24 -2.61
N VAL A 73 -11.43 -12.03 -1.51
CA VAL A 73 -9.98 -12.00 -1.38
C VAL A 73 -9.52 -10.56 -1.42
N VAL A 74 -9.85 -9.89 -0.36
CA VAL A 74 -9.50 -8.52 -0.17
C VAL A 74 -8.59 -8.43 1.02
N SER A 75 -7.57 -7.65 0.91
CA SER A 75 -6.66 -7.47 1.98
C SER A 75 -6.58 -6.00 2.33
N ARG A 76 -6.84 -5.68 3.57
CA ARG A 76 -6.75 -4.33 4.02
C ARG A 76 -5.49 -4.15 4.83
N PHE A 77 -4.82 -3.07 4.59
CA PHE A 77 -3.56 -2.80 5.22
C PHE A 77 -3.33 -1.30 5.31
N THR A 78 -2.54 -0.90 6.24
CA THR A 78 -2.17 0.49 6.38
C THR A 78 -0.66 0.59 6.08
N ARG A 79 -0.13 -0.55 5.68
CA ARG A 79 1.24 -0.72 5.27
C ARG A 79 1.24 -0.75 3.74
N CYS A 80 2.15 -1.46 3.16
CA CYS A 80 2.16 -1.68 1.77
C CYS A 80 1.76 -3.13 1.57
N GLY A 81 0.96 -3.39 0.58
CA GLY A 81 0.49 -4.71 0.34
C GLY A 81 0.77 -5.13 -1.06
N ALA A 82 1.18 -6.35 -1.22
CA ALA A 82 1.53 -6.89 -2.51
C ALA A 82 0.73 -8.15 -2.78
N VAL A 83 0.57 -8.51 -4.04
CA VAL A 83 -0.12 -9.71 -4.43
C VAL A 83 0.67 -10.42 -5.53
N ALA A 84 0.92 -11.68 -5.29
CA ALA A 84 1.62 -12.54 -6.20
C ALA A 84 0.66 -13.57 -6.78
N TYR A 85 0.87 -13.88 -8.05
CA TYR A 85 0.05 -14.83 -8.77
C TYR A 85 0.83 -16.08 -8.98
N ASN A 86 0.30 -17.18 -8.54
CA ASN A 86 0.91 -18.46 -8.81
C ASN A 86 -0.16 -19.50 -9.02
N GLY A 87 -0.45 -19.79 -10.27
CA GLY A 87 -1.45 -20.80 -10.60
C GLY A 87 -2.82 -20.43 -10.06
N SER A 88 -3.21 -19.20 -10.33
CA SER A 88 -4.47 -18.59 -9.88
C SER A 88 -4.62 -18.48 -8.35
N LYS A 89 -3.52 -18.71 -7.63
CA LYS A 89 -3.51 -18.54 -6.21
C LYS A 89 -2.90 -17.20 -5.94
N TYR A 90 -3.65 -16.36 -5.27
CA TYR A 90 -3.20 -15.03 -4.96
C TYR A 90 -2.65 -15.03 -3.56
N GLN A 91 -1.38 -14.83 -3.45
CA GLN A 91 -0.76 -14.72 -2.16
C GLN A 91 -0.43 -13.28 -1.92
N GLY A 92 -0.63 -12.83 -0.71
CA GLY A 92 -0.39 -11.46 -0.41
C GLY A 92 0.95 -11.25 0.23
N GLY A 93 1.36 -10.04 0.24
CA GLY A 93 2.56 -9.63 0.89
C GLY A 93 2.29 -8.38 1.65
N THR A 94 2.93 -8.23 2.76
CA THR A 94 2.69 -7.09 3.59
C THR A 94 4.01 -6.58 4.16
N GLY A 95 4.17 -5.30 4.12
CA GLY A 95 5.31 -4.66 4.66
C GLY A 95 5.12 -3.18 4.56
N LEU A 96 5.65 -2.43 5.48
CA LEU A 96 5.51 -0.95 5.42
C LEU A 96 6.13 -0.37 4.18
N THR A 97 7.20 -0.96 3.78
CA THR A 97 7.88 -0.56 2.60
C THR A 97 7.59 -1.52 1.48
N ARG A 98 7.72 -1.05 0.25
CA ARG A 98 7.45 -1.88 -0.92
C ARG A 98 8.37 -3.11 -0.92
N ARG A 99 9.59 -2.94 -0.42
CA ARG A 99 10.55 -4.00 -0.39
C ARG A 99 10.21 -5.03 0.68
N ALA A 100 9.72 -4.58 1.81
CA ALA A 100 9.33 -5.52 2.85
C ALA A 100 8.07 -6.25 2.45
N ALA A 101 7.21 -5.55 1.70
CA ALA A 101 5.98 -6.14 1.23
C ALA A 101 6.25 -7.26 0.23
N GLU A 102 7.11 -6.98 -0.75
CA GLU A 102 7.47 -7.94 -1.75
C GLU A 102 8.31 -9.06 -1.15
N ASP A 103 9.07 -8.74 -0.10
CA ASP A 103 9.86 -9.74 0.59
C ASP A 103 8.91 -10.73 1.23
N ASP A 104 7.92 -10.20 1.92
CA ASP A 104 6.90 -11.04 2.60
C ASP A 104 6.12 -11.88 1.60
N ALA A 105 5.84 -11.26 0.46
CA ALA A 105 5.11 -11.91 -0.61
C ALA A 105 5.88 -13.09 -1.16
N VAL A 106 7.17 -12.90 -1.37
CA VAL A 106 7.98 -13.96 -1.94
C VAL A 106 8.35 -14.99 -0.87
N ASN A 107 8.37 -14.54 0.37
CA ASN A 107 8.60 -15.43 1.50
C ASN A 107 7.44 -16.39 1.64
N ARG A 108 6.26 -15.92 1.32
CA ARG A 108 5.09 -16.78 1.35
C ARG A 108 4.77 -17.40 0.00
N LEU A 109 5.31 -16.83 -1.06
CA LEU A 109 5.01 -17.34 -2.39
C LEU A 109 6.23 -17.33 -3.31
N GLU A 110 6.66 -18.50 -3.70
CA GLU A 110 7.63 -18.69 -4.74
C GLU A 110 7.04 -19.61 -5.77
N GLY A 111 7.26 -19.27 -7.00
CA GLY A 111 6.74 -20.03 -8.10
C GLY A 111 6.11 -19.10 -9.09
N GLY A 112 5.40 -18.13 -8.56
CA GLY A 112 4.77 -17.12 -9.36
C GLY A 112 5.51 -15.82 -9.24
N ARG A 113 4.81 -14.71 -9.37
CA ARG A 113 5.43 -13.39 -9.32
C ARG A 113 4.48 -12.40 -8.72
N ILE A 114 5.04 -11.33 -8.19
CA ILE A 114 4.27 -10.26 -7.57
C ILE A 114 3.87 -9.30 -8.64
N VAL A 115 2.60 -9.18 -8.90
CA VAL A 115 2.19 -8.27 -9.94
C VAL A 115 1.39 -7.10 -9.38
N ASN A 116 0.85 -7.27 -8.18
CA ASN A 116 0.11 -6.16 -7.59
C ASN A 116 0.85 -5.72 -6.35
N TRP A 117 0.84 -4.45 -6.07
CA TRP A 117 1.38 -3.89 -4.85
C TRP A 117 0.97 -2.43 -4.74
N ALA A 118 0.62 -2.02 -3.55
CA ALA A 118 0.21 -0.66 -3.29
C ALA A 118 0.66 -0.29 -1.91
N CYS A 119 1.31 0.82 -1.76
CA CYS A 119 1.81 1.21 -0.47
C CYS A 119 1.06 2.36 0.13
N ASN A 120 0.78 2.27 1.41
CA ASN A 120 0.26 3.39 2.16
C ASN A 120 1.43 3.99 2.89
N PRO A 5 9.88 13.71 35.79
CA PRO A 5 9.28 14.94 35.33
C PRO A 5 9.50 15.04 33.85
N THR A 6 8.66 15.78 33.16
CA THR A 6 8.83 16.02 31.75
C THR A 6 7.72 16.90 31.26
N VAL A 7 7.98 17.63 30.22
CA VAL A 7 6.97 18.40 29.56
C VAL A 7 6.50 17.61 28.36
N ASP A 8 5.28 17.77 28.00
CA ASP A 8 4.76 17.07 26.86
C ASP A 8 4.68 18.03 25.70
N ALA A 9 5.18 17.61 24.58
CA ALA A 9 5.20 18.45 23.41
C ALA A 9 3.91 18.33 22.62
N HIS A 10 2.94 19.07 23.05
CA HIS A 10 1.65 19.13 22.41
C HIS A 10 1.23 20.58 22.32
N LEU A 11 0.86 21.00 21.16
CA LEU A 11 0.45 22.36 20.94
C LEU A 11 -0.92 22.37 20.29
N ALA A 12 -1.56 23.50 20.28
CA ALA A 12 -2.88 23.61 19.69
C ALA A 12 -2.76 23.79 18.20
N ASN A 13 -3.35 22.88 17.48
CA ASN A 13 -3.33 22.92 16.02
C ASN A 13 -4.36 23.91 15.53
N GLY A 14 -3.89 25.04 15.07
CA GLY A 14 -4.77 26.03 14.51
C GLY A 14 -4.89 25.79 13.04
N SER A 15 -3.80 25.92 12.36
CA SER A 15 -3.75 25.68 10.96
C SER A 15 -3.32 24.24 10.69
N MET A 16 -4.27 23.36 10.65
CA MET A 16 -4.01 21.97 10.40
C MET A 16 -3.83 21.74 8.92
N SER A 17 -3.06 20.76 8.60
CA SER A 17 -2.74 20.43 7.26
C SER A 17 -2.67 18.91 7.12
N GLU A 18 -2.94 18.41 5.94
CA GLU A 18 -2.86 16.97 5.64
C GLU A 18 -1.46 16.66 5.12
N VAL A 19 -0.66 17.66 5.15
CA VAL A 19 0.70 17.64 4.73
C VAL A 19 1.53 18.25 5.84
N MET A 20 2.82 18.08 5.80
CA MET A 20 3.68 18.63 6.83
C MET A 20 4.91 19.20 6.19
N MET A 21 5.63 20.01 6.92
CA MET A 21 6.85 20.58 6.44
C MET A 21 7.93 20.45 7.48
N SER A 22 9.11 20.85 7.10
CA SER A 22 10.26 20.84 7.94
C SER A 22 10.22 22.03 8.91
N GLU A 23 9.97 21.76 10.16
CA GLU A 23 9.90 22.81 11.15
C GLU A 23 11.02 22.72 12.17
N ILE A 24 11.77 21.64 12.09
CA ILE A 24 12.89 21.36 12.97
C ILE A 24 12.43 21.22 14.43
N ALA A 25 12.22 20.00 14.86
CA ALA A 25 11.79 19.70 16.20
C ALA A 25 12.38 18.36 16.62
N GLY A 26 12.44 18.11 17.91
CA GLY A 26 13.02 16.88 18.41
C GLY A 26 12.03 15.74 18.49
N LEU A 27 11.21 15.63 17.48
CA LEU A 27 10.23 14.58 17.38
C LEU A 27 10.37 13.95 16.00
N PRO A 28 10.47 12.61 15.91
CA PRO A 28 10.55 11.92 14.63
C PRO A 28 9.21 11.98 13.92
N ILE A 29 9.23 12.43 12.70
CA ILE A 29 8.01 12.57 11.94
C ILE A 29 7.78 11.29 11.15
N PRO A 30 6.79 10.50 11.54
CA PRO A 30 6.49 9.28 10.82
C PRO A 30 5.77 9.60 9.51
N PRO A 31 5.91 8.75 8.47
CA PRO A 31 5.21 8.93 7.21
C PRO A 31 3.70 8.98 7.43
N ILE A 32 3.01 9.72 6.60
CA ILE A 32 1.57 9.87 6.73
C ILE A 32 0.91 8.54 6.45
N ILE A 33 0.41 7.95 7.50
CA ILE A 33 -0.23 6.69 7.43
C ILE A 33 -1.62 6.81 6.86
N HIS A 34 -1.78 6.25 5.72
CA HIS A 34 -3.05 6.20 5.06
C HIS A 34 -3.62 4.82 5.21
N TYR A 35 -4.81 4.62 4.77
CA TYR A 35 -5.47 3.36 4.94
C TYR A 35 -5.85 2.88 3.56
N GLY A 36 -5.65 1.63 3.30
CA GLY A 36 -5.97 1.09 2.04
C GLY A 36 -6.41 -0.33 2.12
N ALA A 37 -6.75 -0.90 1.00
CA ALA A 37 -7.26 -2.23 0.93
C ALA A 37 -7.08 -2.78 -0.47
N ILE A 38 -6.92 -4.08 -0.54
CA ILE A 38 -6.84 -4.79 -1.81
C ILE A 38 -7.89 -5.88 -1.84
N ALA A 39 -8.75 -5.82 -2.81
CA ALA A 39 -9.79 -6.79 -2.99
C ALA A 39 -9.43 -7.65 -4.14
N TYR A 40 -9.48 -8.93 -3.98
CA TYR A 40 -9.16 -9.78 -5.06
C TYR A 40 -10.13 -10.91 -5.15
N ALA A 41 -10.95 -10.88 -6.16
CA ALA A 41 -11.96 -11.90 -6.32
C ALA A 41 -11.34 -13.09 -7.02
N PRO A 42 -11.72 -14.33 -6.62
CA PRO A 42 -11.20 -15.58 -7.23
C PRO A 42 -11.54 -15.71 -8.73
N SER A 43 -12.32 -14.76 -9.21
CA SER A 43 -12.69 -14.67 -10.60
C SER A 43 -11.49 -14.13 -11.41
N GLY A 44 -10.52 -13.53 -10.70
CA GLY A 44 -9.36 -12.95 -11.35
C GLY A 44 -9.46 -11.45 -11.38
N ALA A 45 -10.39 -10.94 -10.61
CA ALA A 45 -10.62 -9.51 -10.53
C ALA A 45 -9.73 -8.90 -9.48
N SER A 46 -9.03 -7.85 -9.84
CA SER A 46 -8.07 -7.22 -8.96
C SER A 46 -8.59 -5.84 -8.56
N GLY A 47 -8.39 -5.48 -7.32
CA GLY A 47 -8.75 -4.17 -6.86
C GLY A 47 -7.85 -3.73 -5.77
N LYS A 48 -7.57 -2.46 -5.73
CA LYS A 48 -6.66 -1.90 -4.76
C LYS A 48 -6.95 -0.43 -4.56
N ALA A 49 -6.85 0.03 -3.34
CA ALA A 49 -7.09 1.41 -3.03
C ALA A 49 -6.21 1.77 -1.88
N TRP A 50 -5.61 2.92 -1.95
CA TRP A 50 -4.70 3.35 -0.93
C TRP A 50 -4.62 4.85 -0.93
N HIS A 51 -4.09 5.41 0.15
CA HIS A 51 -4.00 6.86 0.35
C HIS A 51 -5.35 7.50 0.69
N GLN A 52 -6.27 6.68 1.14
CA GLN A 52 -7.55 7.16 1.61
C GLN A 52 -7.47 7.41 3.10
N ARG A 53 -8.28 8.31 3.58
CA ARG A 53 -8.25 8.68 4.98
C ARG A 53 -9.25 7.93 5.82
N THR A 54 -10.09 7.19 5.20
CA THR A 54 -11.04 6.40 5.90
C THR A 54 -11.04 4.99 5.35
N PRO A 55 -10.83 3.98 6.24
CA PRO A 55 -10.84 2.56 5.87
C PRO A 55 -12.07 2.19 5.05
N ALA A 56 -13.24 2.65 5.49
CA ALA A 56 -14.49 2.34 4.81
C ALA A 56 -14.46 2.83 3.37
N ARG A 57 -13.99 4.07 3.15
CA ARG A 57 -13.92 4.61 1.81
C ARG A 57 -12.90 3.87 1.00
N ALA A 58 -11.78 3.56 1.62
CA ALA A 58 -10.71 2.82 0.96
C ALA A 58 -11.22 1.46 0.47
N GLU A 59 -11.94 0.77 1.33
CA GLU A 59 -12.51 -0.53 1.02
C GLU A 59 -13.57 -0.41 -0.08
N GLN A 60 -14.36 0.66 -0.03
CA GLN A 60 -15.36 0.93 -1.07
C GLN A 60 -14.67 1.10 -2.42
N VAL A 61 -13.61 1.88 -2.44
CA VAL A 61 -12.84 2.10 -3.65
C VAL A 61 -12.19 0.79 -4.09
N ALA A 62 -11.73 -0.01 -3.13
CA ALA A 62 -11.11 -1.30 -3.42
C ALA A 62 -12.10 -2.24 -4.09
N LEU A 63 -13.34 -2.22 -3.62
CA LEU A 63 -14.40 -3.02 -4.20
C LEU A 63 -14.70 -2.54 -5.61
N GLU A 64 -14.71 -1.22 -5.79
CA GLU A 64 -14.94 -0.61 -7.09
C GLU A 64 -13.82 -0.98 -8.06
N LYS A 65 -12.59 -0.92 -7.57
CA LYS A 65 -11.41 -1.27 -8.35
C LYS A 65 -11.48 -2.71 -8.76
N CYS A 66 -11.83 -3.57 -7.81
CA CYS A 66 -11.94 -4.99 -8.05
C CYS A 66 -13.05 -5.23 -9.04
N GLY A 67 -14.14 -4.56 -8.81
CA GLY A 67 -15.22 -4.63 -9.70
C GLY A 67 -16.46 -5.09 -9.02
N ASP A 68 -16.34 -6.10 -8.17
CA ASP A 68 -17.53 -6.66 -7.61
C ASP A 68 -17.71 -6.17 -6.20
N LYS A 69 -18.93 -5.92 -5.81
CA LYS A 69 -19.24 -5.47 -4.47
C LYS A 69 -18.91 -6.58 -3.48
N THR A 70 -19.15 -7.80 -3.91
CA THR A 70 -18.85 -8.94 -3.10
C THR A 70 -17.41 -9.46 -3.37
N CYS A 71 -16.51 -8.60 -3.90
CA CYS A 71 -15.13 -8.96 -3.99
C CYS A 71 -14.60 -9.20 -2.59
N LYS A 72 -14.23 -10.42 -2.30
CA LYS A 72 -13.75 -10.79 -0.99
C LYS A 72 -12.27 -11.02 -1.03
N VAL A 73 -11.68 -11.34 0.13
CA VAL A 73 -10.22 -11.50 0.29
C VAL A 73 -9.62 -10.08 0.33
N VAL A 74 -10.49 -9.16 0.73
CA VAL A 74 -10.15 -7.78 0.87
C VAL A 74 -9.16 -7.64 2.00
N SER A 75 -7.97 -7.36 1.67
CA SER A 75 -6.96 -7.23 2.65
C SER A 75 -6.86 -5.74 2.98
N ARG A 76 -7.02 -5.41 4.23
CA ARG A 76 -6.99 -4.03 4.65
C ARG A 76 -5.66 -3.77 5.28
N PHE A 77 -4.98 -2.76 4.84
CA PHE A 77 -3.69 -2.47 5.36
C PHE A 77 -3.41 -0.99 5.36
N THR A 78 -2.60 -0.59 6.28
CA THR A 78 -2.14 0.77 6.39
C THR A 78 -0.64 0.74 6.10
N ARG A 79 -0.25 -0.41 5.60
CA ARG A 79 1.09 -0.76 5.24
C ARG A 79 1.09 -1.01 3.74
N CYS A 80 1.97 -1.83 3.26
CA CYS A 80 1.96 -2.13 1.85
C CYS A 80 1.59 -3.58 1.62
N GLY A 81 0.71 -3.79 0.67
CA GLY A 81 0.28 -5.12 0.32
C GLY A 81 0.70 -5.44 -1.10
N ALA A 82 1.22 -6.61 -1.31
CA ALA A 82 1.74 -7.00 -2.62
C ALA A 82 1.20 -8.36 -3.03
N VAL A 83 0.77 -8.48 -4.27
CA VAL A 83 0.18 -9.70 -4.76
C VAL A 83 1.00 -10.30 -5.91
N ALA A 84 1.40 -11.53 -5.71
CA ALA A 84 2.16 -12.31 -6.67
C ALA A 84 1.24 -13.32 -7.31
N TYR A 85 1.49 -13.57 -8.58
CA TYR A 85 0.69 -14.48 -9.39
C TYR A 85 1.51 -15.67 -9.80
N ASN A 86 1.13 -16.83 -9.36
CA ASN A 86 1.85 -18.05 -9.70
C ASN A 86 0.92 -19.23 -9.78
N GLY A 87 0.87 -19.87 -10.94
CA GLY A 87 0.07 -21.06 -11.15
C GLY A 87 -1.40 -20.79 -10.98
N SER A 88 -1.83 -19.60 -11.43
CA SER A 88 -3.20 -19.13 -11.35
C SER A 88 -3.63 -18.87 -9.89
N LYS A 89 -2.67 -18.92 -8.99
CA LYS A 89 -2.90 -18.64 -7.59
C LYS A 89 -2.39 -17.26 -7.27
N TYR A 90 -3.09 -16.58 -6.41
CA TYR A 90 -2.75 -15.23 -6.04
C TYR A 90 -2.39 -15.20 -4.58
N GLN A 91 -1.18 -14.82 -4.28
CA GLN A 91 -0.74 -14.79 -2.91
C GLN A 91 -0.52 -13.34 -2.52
N GLY A 92 -1.17 -12.91 -1.45
CA GLY A 92 -1.05 -11.55 -1.01
C GLY A 92 -0.14 -11.42 0.18
N GLY A 93 0.98 -10.78 -0.04
CA GLY A 93 1.95 -10.51 0.98
C GLY A 93 1.74 -9.15 1.55
N THR A 94 2.29 -8.88 2.69
CA THR A 94 2.11 -7.59 3.32
C THR A 94 3.33 -7.25 4.18
N GLY A 95 3.58 -6.00 4.29
CA GLY A 95 4.69 -5.48 5.04
C GLY A 95 4.53 -4.00 5.21
N LEU A 96 5.11 -3.44 6.25
CA LEU A 96 5.04 -1.98 6.49
C LEU A 96 5.57 -1.17 5.32
N THR A 97 6.60 -1.67 4.74
CA THR A 97 7.19 -1.07 3.58
C THR A 97 6.95 -2.01 2.42
N ARG A 98 7.06 -1.51 1.19
CA ARG A 98 6.90 -2.36 0.02
C ARG A 98 7.99 -3.42 -0.02
N ARG A 99 9.15 -3.10 0.55
CA ARG A 99 10.26 -4.02 0.62
C ARG A 99 9.91 -5.21 1.49
N ALA A 100 9.35 -4.93 2.65
CA ALA A 100 8.97 -5.98 3.56
C ALA A 100 7.76 -6.73 3.03
N ALA A 101 6.91 -6.01 2.30
CA ALA A 101 5.73 -6.61 1.71
C ALA A 101 6.12 -7.63 0.66
N GLU A 102 7.02 -7.23 -0.24
CA GLU A 102 7.47 -8.12 -1.29
C GLU A 102 8.28 -9.25 -0.71
N ASP A 103 8.97 -8.95 0.40
CA ASP A 103 9.75 -9.96 1.09
C ASP A 103 8.85 -11.05 1.62
N ASP A 104 7.78 -10.65 2.26
CA ASP A 104 6.79 -11.61 2.81
C ASP A 104 6.12 -12.40 1.70
N ALA A 105 5.71 -11.68 0.66
CA ALA A 105 5.09 -12.27 -0.51
C ALA A 105 5.99 -13.29 -1.18
N VAL A 106 7.27 -12.99 -1.31
CA VAL A 106 8.19 -13.89 -1.97
C VAL A 106 8.59 -15.05 -1.04
N ASN A 107 8.49 -14.80 0.27
CA ASN A 107 8.69 -15.86 1.27
C ASN A 107 7.65 -16.92 1.09
N ARG A 108 6.44 -16.49 0.86
CA ARG A 108 5.36 -17.42 0.65
C ARG A 108 5.26 -17.87 -0.80
N LEU A 109 5.66 -17.04 -1.72
CA LEU A 109 5.43 -17.33 -3.12
C LEU A 109 6.66 -17.06 -3.98
N GLU A 110 7.13 -18.08 -4.66
CA GLU A 110 8.13 -17.97 -5.68
C GLU A 110 7.62 -18.72 -6.90
N GLY A 111 8.12 -18.39 -8.05
CA GLY A 111 7.69 -19.05 -9.27
C GLY A 111 6.79 -18.14 -10.08
N GLY A 112 6.36 -17.10 -9.44
CA GLY A 112 5.58 -16.09 -10.03
C GLY A 112 6.09 -14.78 -9.55
N ARG A 113 5.46 -13.71 -9.90
CA ARG A 113 5.96 -12.43 -9.53
C ARG A 113 4.90 -11.55 -9.02
N ILE A 114 5.31 -10.55 -8.33
CA ILE A 114 4.45 -9.58 -7.74
C ILE A 114 4.04 -8.62 -8.80
N VAL A 115 2.82 -8.71 -9.23
CA VAL A 115 2.38 -7.84 -10.30
C VAL A 115 1.46 -6.79 -9.75
N ASN A 116 0.92 -7.04 -8.57
CA ASN A 116 0.04 -6.05 -7.98
C ASN A 116 0.61 -5.65 -6.65
N TRP A 117 0.44 -4.41 -6.27
CA TRP A 117 0.87 -3.92 -5.00
C TRP A 117 0.22 -2.58 -4.77
N ALA A 118 0.16 -2.20 -3.53
CA ALA A 118 -0.35 -0.92 -3.13
C ALA A 118 0.19 -0.64 -1.76
N CYS A 119 0.83 0.47 -1.62
CA CYS A 119 1.46 0.80 -0.37
C CYS A 119 0.87 2.03 0.24
N ASN A 120 0.68 2.00 1.52
CA ASN A 120 0.30 3.19 2.25
C ASN A 120 1.50 3.64 3.03
N PRO A 5 34.07 1.73 -17.03
CA PRO A 5 32.83 1.57 -17.76
C PRO A 5 32.85 2.48 -18.97
N THR A 6 31.88 2.33 -19.84
CA THR A 6 31.75 3.20 -20.97
C THR A 6 30.25 3.51 -21.13
N VAL A 7 29.93 4.76 -21.26
CA VAL A 7 28.55 5.19 -21.35
C VAL A 7 28.27 5.79 -22.71
N ASP A 8 27.04 5.95 -23.04
CA ASP A 8 26.68 6.55 -24.30
C ASP A 8 26.05 7.91 -24.03
N ALA A 9 26.37 8.86 -24.84
CA ALA A 9 25.93 10.22 -24.67
C ALA A 9 24.52 10.37 -25.14
N HIS A 10 23.63 10.54 -24.21
CA HIS A 10 22.26 10.76 -24.50
C HIS A 10 21.79 11.98 -23.73
N LEU A 11 21.06 12.81 -24.37
CA LEU A 11 20.54 13.99 -23.74
C LEU A 11 19.11 13.81 -23.28
N ALA A 12 18.82 14.35 -22.15
CA ALA A 12 17.51 14.26 -21.53
C ALA A 12 17.34 15.41 -20.58
N ASN A 13 16.33 16.21 -20.80
CA ASN A 13 16.06 17.35 -19.92
C ASN A 13 15.43 16.89 -18.62
N GLY A 14 16.28 16.65 -17.68
CA GLY A 14 15.88 16.22 -16.38
C GLY A 14 17.06 16.31 -15.46
N SER A 15 17.82 17.36 -15.64
CA SER A 15 19.08 17.60 -14.94
C SER A 15 18.88 18.07 -13.48
N MET A 16 17.78 17.68 -12.90
CA MET A 16 17.47 18.01 -11.55
C MET A 16 17.97 16.90 -10.64
N SER A 17 18.09 17.19 -9.40
CA SER A 17 18.54 16.25 -8.45
C SER A 17 17.37 15.62 -7.72
N GLU A 18 17.26 14.32 -7.78
CA GLU A 18 16.18 13.59 -7.15
C GLU A 18 16.56 13.19 -5.73
N VAL A 19 17.65 13.72 -5.28
CA VAL A 19 18.12 13.47 -3.94
C VAL A 19 17.48 14.43 -2.97
N MET A 20 17.30 13.98 -1.78
CA MET A 20 16.66 14.77 -0.75
C MET A 20 17.61 14.87 0.43
N MET A 21 17.49 15.92 1.21
CA MET A 21 18.33 16.10 2.38
C MET A 21 17.75 15.34 3.54
N SER A 22 18.59 15.02 4.47
CA SER A 22 18.20 14.34 5.66
C SER A 22 17.74 15.33 6.72
N GLU A 23 16.46 15.37 6.92
CA GLU A 23 15.87 16.26 7.85
C GLU A 23 15.69 15.56 9.16
N ILE A 24 16.66 15.72 10.00
CA ILE A 24 16.71 15.07 11.26
C ILE A 24 16.36 15.97 12.43
N ALA A 25 15.94 15.35 13.50
CA ALA A 25 15.53 15.97 14.73
C ALA A 25 15.23 14.83 15.66
N GLY A 26 14.72 15.10 16.84
CA GLY A 26 14.38 14.03 17.74
C GLY A 26 13.15 13.33 17.28
N LEU A 27 12.39 14.03 16.48
CA LEU A 27 11.18 13.52 15.93
C LEU A 27 11.31 13.57 14.40
N PRO A 28 11.63 12.42 13.78
CA PRO A 28 11.75 12.31 12.32
C PRO A 28 10.39 12.45 11.65
N ILE A 29 10.41 12.62 10.35
CA ILE A 29 9.20 12.76 9.57
C ILE A 29 8.81 11.38 9.01
N PRO A 30 7.81 10.72 9.62
CA PRO A 30 7.35 9.42 9.16
C PRO A 30 6.28 9.59 8.09
N PRO A 31 5.99 8.55 7.28
CA PRO A 31 4.95 8.62 6.28
C PRO A 31 3.58 8.72 6.91
N ILE A 32 2.70 9.41 6.25
CA ILE A 32 1.35 9.53 6.70
C ILE A 32 0.63 8.23 6.41
N ILE A 33 0.32 7.52 7.46
CA ILE A 33 -0.36 6.25 7.35
C ILE A 33 -1.76 6.44 6.83
N HIS A 34 -2.01 5.91 5.69
CA HIS A 34 -3.31 5.96 5.12
C HIS A 34 -3.89 4.57 5.16
N TYR A 35 -5.11 4.43 4.78
CA TYR A 35 -5.75 3.15 4.86
C TYR A 35 -6.05 2.71 3.45
N GLY A 36 -5.78 1.48 3.17
CA GLY A 36 -6.02 0.95 1.87
C GLY A 36 -6.44 -0.47 1.93
N ALA A 37 -6.64 -1.05 0.78
CA ALA A 37 -7.08 -2.40 0.68
C ALA A 37 -6.88 -2.89 -0.73
N ILE A 38 -6.77 -4.16 -0.87
CA ILE A 38 -6.68 -4.81 -2.15
C ILE A 38 -7.67 -5.95 -2.19
N ALA A 39 -8.61 -5.82 -3.08
CA ALA A 39 -9.63 -6.81 -3.28
C ALA A 39 -9.22 -7.64 -4.46
N TYR A 40 -9.31 -8.92 -4.36
CA TYR A 40 -8.93 -9.73 -5.45
C TYR A 40 -9.77 -10.99 -5.49
N ALA A 41 -10.72 -11.00 -6.39
CA ALA A 41 -11.52 -12.17 -6.57
C ALA A 41 -10.75 -13.14 -7.43
N PRO A 42 -10.78 -14.46 -7.11
CA PRO A 42 -10.01 -15.49 -7.85
C PRO A 42 -10.38 -15.55 -9.33
N SER A 43 -11.44 -14.86 -9.69
CA SER A 43 -11.92 -14.75 -11.04
C SER A 43 -10.93 -13.93 -11.89
N GLY A 44 -10.06 -13.17 -11.23
CA GLY A 44 -9.11 -12.34 -11.93
C GLY A 44 -9.43 -10.88 -11.76
N ALA A 45 -10.37 -10.61 -10.88
CA ALA A 45 -10.80 -9.27 -10.59
C ALA A 45 -9.89 -8.67 -9.53
N SER A 46 -9.14 -7.67 -9.90
CA SER A 46 -8.24 -7.03 -9.00
C SER A 46 -8.72 -5.62 -8.72
N GLY A 47 -8.56 -5.20 -7.50
CA GLY A 47 -8.83 -3.87 -7.14
C GLY A 47 -7.91 -3.43 -6.06
N LYS A 48 -7.39 -2.24 -6.16
CA LYS A 48 -6.47 -1.77 -5.16
C LYS A 48 -6.77 -0.35 -4.80
N ALA A 49 -6.65 -0.05 -3.54
CA ALA A 49 -6.95 1.25 -3.05
C ALA A 49 -5.96 1.58 -2.00
N TRP A 50 -5.47 2.77 -2.03
CA TRP A 50 -4.51 3.21 -1.08
C TRP A 50 -4.56 4.71 -0.99
N HIS A 51 -4.16 5.25 0.15
CA HIS A 51 -4.20 6.70 0.44
C HIS A 51 -5.59 7.21 0.76
N GLN A 52 -6.47 6.32 1.24
CA GLN A 52 -7.79 6.74 1.65
C GLN A 52 -7.71 7.20 3.08
N ARG A 53 -8.62 8.06 3.42
CA ARG A 53 -8.60 8.72 4.68
C ARG A 53 -9.33 7.91 5.74
N THR A 54 -10.17 7.03 5.30
CA THR A 54 -10.95 6.24 6.21
C THR A 54 -10.91 4.78 5.80
N PRO A 55 -10.93 3.84 6.76
CA PRO A 55 -10.86 2.42 6.48
C PRO A 55 -12.04 1.92 5.64
N ALA A 56 -13.25 2.41 5.93
CA ALA A 56 -14.44 2.00 5.18
C ALA A 56 -14.30 2.38 3.72
N ARG A 57 -13.91 3.62 3.49
CA ARG A 57 -13.70 4.12 2.14
C ARG A 57 -12.64 3.34 1.44
N ALA A 58 -11.57 3.04 2.14
CA ALA A 58 -10.47 2.27 1.58
C ALA A 58 -10.94 0.92 1.06
N GLU A 59 -11.72 0.22 1.87
CA GLU A 59 -12.26 -1.07 1.49
C GLU A 59 -13.19 -0.91 0.31
N GLN A 60 -14.07 0.07 0.40
CA GLN A 60 -15.05 0.35 -0.63
C GLN A 60 -14.40 0.69 -1.95
N VAL A 61 -13.33 1.49 -1.91
CA VAL A 61 -12.62 1.84 -3.14
C VAL A 61 -11.98 0.60 -3.73
N ALA A 62 -11.42 -0.25 -2.88
CA ALA A 62 -10.78 -1.49 -3.34
C ALA A 62 -11.80 -2.40 -4.01
N LEU A 63 -12.95 -2.54 -3.38
CA LEU A 63 -14.06 -3.33 -3.89
C LEU A 63 -14.55 -2.75 -5.21
N GLU A 64 -14.63 -1.44 -5.25
CA GLU A 64 -15.08 -0.69 -6.42
C GLU A 64 -14.11 -0.88 -7.59
N LYS A 65 -12.81 -0.93 -7.29
CA LYS A 65 -11.80 -1.18 -8.29
C LYS A 65 -11.94 -2.59 -8.83
N CYS A 66 -12.13 -3.53 -7.89
CA CYS A 66 -12.28 -4.95 -8.21
C CYS A 66 -13.45 -5.15 -9.13
N GLY A 67 -14.52 -4.48 -8.81
CA GLY A 67 -15.69 -4.54 -9.62
C GLY A 67 -16.82 -5.12 -8.85
N ASP A 68 -16.52 -5.98 -7.91
CA ASP A 68 -17.57 -6.60 -7.17
C ASP A 68 -17.69 -5.90 -5.85
N LYS A 69 -18.89 -5.45 -5.53
CA LYS A 69 -19.18 -4.71 -4.30
C LYS A 69 -18.75 -5.48 -3.06
N THR A 70 -18.92 -6.75 -3.09
CA THR A 70 -18.51 -7.58 -2.01
C THR A 70 -17.29 -8.47 -2.42
N CYS A 71 -16.46 -7.95 -3.37
CA CYS A 71 -15.24 -8.65 -3.83
C CYS A 71 -14.48 -9.26 -2.65
N LYS A 72 -14.47 -10.58 -2.59
CA LYS A 72 -13.84 -11.29 -1.51
C LYS A 72 -12.34 -11.31 -1.64
N VAL A 73 -11.68 -11.81 -0.58
CA VAL A 73 -10.22 -11.87 -0.45
C VAL A 73 -9.65 -10.43 -0.28
N VAL A 74 -10.57 -9.52 0.04
CA VAL A 74 -10.23 -8.14 0.25
C VAL A 74 -9.35 -7.97 1.49
N SER A 75 -8.13 -7.65 1.23
CA SER A 75 -7.20 -7.48 2.27
C SER A 75 -7.06 -5.99 2.56
N ARG A 76 -7.28 -5.62 3.79
CA ARG A 76 -7.15 -4.25 4.19
C ARG A 76 -5.86 -4.07 4.94
N PHE A 77 -5.15 -3.03 4.60
CA PHE A 77 -3.87 -2.76 5.18
C PHE A 77 -3.59 -1.27 5.19
N THR A 78 -2.79 -0.85 6.11
CA THR A 78 -2.37 0.52 6.24
C THR A 78 -0.89 0.58 5.88
N ARG A 79 -0.39 -0.57 5.54
CA ARG A 79 0.97 -0.78 5.17
C ARG A 79 1.02 -0.89 3.66
N CYS A 80 1.96 -1.63 3.15
CA CYS A 80 2.00 -1.88 1.75
C CYS A 80 1.58 -3.32 1.49
N GLY A 81 0.84 -3.52 0.44
CA GLY A 81 0.38 -4.83 0.09
C GLY A 81 0.76 -5.17 -1.32
N ALA A 82 1.11 -6.40 -1.55
CA ALA A 82 1.53 -6.85 -2.86
C ALA A 82 0.80 -8.12 -3.24
N VAL A 83 0.64 -8.37 -4.52
CA VAL A 83 0.00 -9.56 -4.99
C VAL A 83 0.88 -10.25 -6.01
N ALA A 84 1.20 -11.49 -5.71
CA ALA A 84 2.02 -12.33 -6.56
C ALA A 84 1.15 -13.38 -7.24
N TYR A 85 1.44 -13.61 -8.51
CA TYR A 85 0.69 -14.53 -9.37
C TYR A 85 1.51 -15.78 -9.62
N ASN A 86 0.95 -16.93 -9.30
CA ASN A 86 1.61 -18.21 -9.57
C ASN A 86 0.59 -19.33 -9.68
N GLY A 87 0.43 -19.85 -10.88
CA GLY A 87 -0.43 -20.99 -11.12
C GLY A 87 -1.84 -20.75 -10.69
N SER A 88 -2.37 -19.62 -11.11
CA SER A 88 -3.71 -19.14 -10.82
C SER A 88 -3.95 -18.79 -9.35
N LYS A 89 -2.92 -18.90 -8.51
CA LYS A 89 -3.07 -18.53 -7.12
C LYS A 89 -2.50 -17.17 -6.92
N TYR A 90 -3.19 -16.40 -6.15
CA TYR A 90 -2.80 -15.06 -5.87
C TYR A 90 -2.46 -14.96 -4.40
N GLN A 91 -1.23 -14.62 -4.12
CA GLN A 91 -0.78 -14.52 -2.75
C GLN A 91 -0.71 -13.05 -2.40
N GLY A 92 -1.26 -12.69 -1.26
CA GLY A 92 -1.25 -11.34 -0.79
C GLY A 92 -0.12 -11.12 0.19
N GLY A 93 0.81 -10.32 -0.20
CA GLY A 93 1.92 -9.99 0.62
C GLY A 93 1.66 -8.72 1.35
N THR A 94 2.20 -8.60 2.52
CA THR A 94 1.94 -7.49 3.39
C THR A 94 3.21 -7.05 4.11
N GLY A 95 3.49 -5.78 4.09
CA GLY A 95 4.63 -5.28 4.79
C GLY A 95 4.51 -3.81 4.98
N LEU A 96 5.00 -3.31 6.09
CA LEU A 96 4.97 -1.87 6.41
C LEU A 96 5.67 -1.05 5.34
N THR A 97 6.71 -1.58 4.85
CA THR A 97 7.48 -0.99 3.81
C THR A 97 7.26 -1.83 2.54
N ARG A 98 7.48 -1.25 1.36
CA ARG A 98 7.22 -1.98 0.11
C ARG A 98 8.17 -3.16 -0.01
N ARG A 99 9.38 -3.01 0.51
CA ARG A 99 10.34 -4.05 0.46
C ARG A 99 10.05 -5.19 1.43
N ALA A 100 9.42 -4.87 2.54
CA ALA A 100 9.00 -5.92 3.46
C ALA A 100 7.74 -6.58 2.93
N ALA A 101 6.98 -5.83 2.14
CA ALA A 101 5.79 -6.37 1.52
C ALA A 101 6.17 -7.35 0.43
N GLU A 102 7.15 -6.96 -0.41
CA GLU A 102 7.63 -7.83 -1.46
C GLU A 102 8.29 -9.04 -0.82
N ASP A 103 8.95 -8.81 0.31
CA ASP A 103 9.58 -9.87 1.09
C ASP A 103 8.54 -10.88 1.50
N ASP A 104 7.48 -10.39 2.09
CA ASP A 104 6.38 -11.21 2.59
C ASP A 104 5.71 -12.00 1.46
N ALA A 105 5.50 -11.31 0.36
CA ALA A 105 4.88 -11.90 -0.81
C ALA A 105 5.73 -13.02 -1.36
N VAL A 106 7.03 -12.80 -1.45
CA VAL A 106 7.91 -13.80 -2.03
C VAL A 106 8.23 -14.88 -0.99
N ASN A 107 8.06 -14.55 0.28
CA ASN A 107 8.17 -15.53 1.36
C ASN A 107 7.12 -16.57 1.19
N ARG A 108 5.89 -16.15 0.97
CA ARG A 108 4.82 -17.11 0.80
C ARG A 108 4.65 -17.56 -0.65
N LEU A 109 5.20 -16.82 -1.57
CA LEU A 109 5.01 -17.17 -2.94
C LEU A 109 6.33 -17.13 -3.71
N GLU A 110 6.77 -18.29 -4.12
CA GLU A 110 7.96 -18.46 -4.89
C GLU A 110 7.59 -19.23 -6.12
N GLY A 111 8.19 -18.90 -7.21
CA GLY A 111 7.89 -19.54 -8.48
C GLY A 111 7.20 -18.59 -9.40
N GLY A 112 6.38 -17.75 -8.84
CA GLY A 112 5.70 -16.72 -9.58
C GLY A 112 6.34 -15.40 -9.31
N ARG A 113 5.57 -14.34 -9.36
CA ARG A 113 6.13 -13.03 -9.14
C ARG A 113 5.05 -12.06 -8.76
N ILE A 114 5.47 -11.06 -8.03
CA ILE A 114 4.63 -9.95 -7.64
C ILE A 114 4.36 -9.13 -8.87
N VAL A 115 3.12 -8.92 -9.20
CA VAL A 115 2.81 -8.06 -10.31
C VAL A 115 1.94 -6.91 -9.84
N ASN A 116 1.28 -7.07 -8.71
CA ASN A 116 0.45 -5.97 -8.21
C ASN A 116 0.97 -5.57 -6.86
N TRP A 117 0.83 -4.30 -6.52
CA TRP A 117 1.23 -3.79 -5.24
C TRP A 117 0.66 -2.41 -5.08
N ALA A 118 0.49 -2.01 -3.84
CA ALA A 118 0.02 -0.70 -3.49
C ALA A 118 0.44 -0.42 -2.07
N CYS A 119 1.01 0.71 -1.85
CA CYS A 119 1.51 1.03 -0.54
C CYS A 119 0.81 2.25 0.03
N ASN A 120 0.47 2.20 1.29
CA ASN A 120 -0.11 3.37 1.95
C ASN A 120 0.96 4.17 2.62
N PRO A 5 60.32 29.44 42.21
CA PRO A 5 59.30 28.62 42.82
C PRO A 5 58.55 27.83 41.77
N THR A 6 58.32 26.58 42.04
CA THR A 6 57.57 25.72 41.19
C THR A 6 56.09 25.96 41.50
N VAL A 7 55.41 26.60 40.58
CA VAL A 7 54.04 27.00 40.80
C VAL A 7 53.10 25.98 40.18
N ASP A 8 52.07 25.64 40.91
CA ASP A 8 51.07 24.68 40.46
C ASP A 8 49.92 25.39 39.79
N ALA A 9 49.45 24.82 38.71
CA ALA A 9 48.38 25.38 37.95
C ALA A 9 47.32 24.32 37.76
N HIS A 10 46.41 24.55 36.85
CA HIS A 10 45.35 23.65 36.55
C HIS A 10 45.04 23.74 35.08
N LEU A 11 44.07 22.98 34.62
CA LEU A 11 43.64 23.00 33.24
C LEU A 11 43.04 24.35 32.92
N ALA A 12 43.09 24.73 31.67
CA ALA A 12 42.59 26.01 31.22
C ALA A 12 41.09 26.10 31.43
N ASN A 13 40.75 26.79 32.50
CA ASN A 13 39.39 26.94 33.02
C ASN A 13 38.86 25.60 33.52
N GLY A 14 38.63 25.55 34.80
CA GLY A 14 38.15 24.35 35.47
C GLY A 14 36.74 23.99 35.07
N SER A 15 36.02 24.96 34.59
CA SER A 15 34.68 24.75 34.13
C SER A 15 34.71 24.53 32.62
N MET A 16 34.76 23.28 32.23
CA MET A 16 34.78 22.93 30.85
C MET A 16 33.38 22.68 30.36
N SER A 17 33.18 22.82 29.10
CA SER A 17 31.91 22.61 28.54
C SER A 17 31.99 21.46 27.58
N GLU A 18 31.56 20.33 28.04
CA GLU A 18 31.55 19.12 27.24
C GLU A 18 30.13 18.87 26.77
N VAL A 19 29.34 19.90 26.95
CA VAL A 19 27.94 19.88 26.58
C VAL A 19 27.80 20.40 25.16
N MET A 20 26.65 20.15 24.55
CA MET A 20 26.46 20.42 23.10
C MET A 20 27.50 19.66 22.34
N MET A 21 27.61 18.43 22.74
CA MET A 21 28.54 17.47 22.23
C MET A 21 27.91 16.73 21.09
N SER A 22 28.50 15.63 20.70
CA SER A 22 27.94 14.83 19.67
C SER A 22 26.76 14.03 20.21
N GLU A 23 25.61 14.63 20.16
CA GLU A 23 24.41 14.00 20.57
C GLU A 23 23.58 13.69 19.34
N ILE A 24 23.80 12.50 18.83
CA ILE A 24 23.13 12.10 17.63
C ILE A 24 21.73 11.59 17.87
N ALA A 25 20.81 12.02 17.04
CA ALA A 25 19.45 11.61 17.12
C ALA A 25 18.95 11.32 15.73
N GLY A 26 18.31 10.20 15.57
CA GLY A 26 17.80 9.81 14.31
C GLY A 26 16.33 9.54 14.42
N LEU A 27 15.56 10.58 14.30
CA LEU A 27 14.13 10.48 14.42
C LEU A 27 13.51 10.58 13.04
N PRO A 28 13.14 9.46 12.43
CA PRO A 28 12.50 9.45 11.12
C PRO A 28 11.05 9.90 11.24
N ILE A 29 10.47 10.30 10.12
CA ILE A 29 9.09 10.73 10.08
C ILE A 29 8.18 9.56 10.42
N PRO A 30 7.45 9.63 11.55
CA PRO A 30 6.52 8.60 11.95
C PRO A 30 5.39 8.54 10.92
N PRO A 31 5.15 7.36 10.33
CA PRO A 31 4.17 7.23 9.26
C PRO A 31 2.77 7.54 9.69
N ILE A 32 2.07 8.19 8.83
CA ILE A 32 0.70 8.47 9.04
C ILE A 32 -0.04 7.29 8.46
N ILE A 33 -0.69 6.55 9.31
CA ILE A 33 -1.39 5.38 8.90
C ILE A 33 -2.52 5.70 7.92
N HIS A 34 -2.31 5.34 6.70
CA HIS A 34 -3.30 5.45 5.70
C HIS A 34 -3.85 4.08 5.44
N TYR A 35 -5.00 4.00 4.87
CA TYR A 35 -5.70 2.74 4.79
C TYR A 35 -5.93 2.39 3.35
N GLY A 36 -5.79 1.11 3.04
CA GLY A 36 -6.01 0.64 1.72
C GLY A 36 -6.27 -0.84 1.69
N ALA A 37 -6.42 -1.37 0.51
CA ALA A 37 -6.67 -2.76 0.30
C ALA A 37 -6.57 -3.08 -1.18
N ILE A 38 -6.31 -4.30 -1.48
CA ILE A 38 -6.29 -4.80 -2.83
C ILE A 38 -7.23 -5.96 -2.90
N ALA A 39 -8.26 -5.80 -3.65
CA ALA A 39 -9.23 -6.82 -3.81
C ALA A 39 -8.93 -7.51 -5.08
N TYR A 40 -8.67 -8.77 -5.01
CA TYR A 40 -8.41 -9.49 -6.18
C TYR A 40 -9.21 -10.75 -6.14
N ALA A 41 -10.26 -10.75 -6.89
CA ALA A 41 -11.16 -11.87 -6.92
C ALA A 41 -10.61 -12.91 -7.86
N PRO A 42 -10.86 -14.22 -7.57
CA PRO A 42 -10.39 -15.33 -8.40
C PRO A 42 -10.94 -15.25 -9.84
N SER A 43 -11.90 -14.39 -10.04
CA SER A 43 -12.51 -14.13 -11.31
C SER A 43 -11.51 -13.40 -12.24
N GLY A 44 -10.44 -12.86 -11.65
CA GLY A 44 -9.44 -12.16 -12.41
C GLY A 44 -9.55 -10.67 -12.20
N ALA A 45 -10.51 -10.30 -11.40
CA ALA A 45 -10.82 -8.92 -11.12
C ALA A 45 -9.82 -8.35 -10.13
N SER A 46 -9.19 -7.26 -10.51
CA SER A 46 -8.22 -6.58 -9.67
C SER A 46 -8.78 -5.24 -9.25
N GLY A 47 -8.50 -4.84 -8.05
CA GLY A 47 -8.87 -3.56 -7.57
C GLY A 47 -8.02 -3.17 -6.42
N LYS A 48 -7.56 -1.96 -6.39
CA LYS A 48 -6.70 -1.52 -5.33
C LYS A 48 -7.03 -0.11 -4.93
N ALA A 49 -6.88 0.19 -3.65
CA ALA A 49 -7.19 1.48 -3.12
C ALA A 49 -6.24 1.71 -2.00
N TRP A 50 -5.72 2.90 -1.90
CA TRP A 50 -4.77 3.22 -0.88
C TRP A 50 -4.70 4.70 -0.67
N HIS A 51 -4.09 5.06 0.44
CA HIS A 51 -3.80 6.42 0.84
C HIS A 51 -5.09 7.15 1.20
N GLN A 52 -6.05 6.39 1.74
CA GLN A 52 -7.32 6.93 2.11
C GLN A 52 -7.23 7.51 3.48
N ARG A 53 -8.31 8.09 3.85
CA ARG A 53 -8.41 8.73 5.07
C ARG A 53 -9.07 7.82 6.10
N THR A 54 -9.95 6.97 5.63
CA THR A 54 -10.66 6.09 6.54
C THR A 54 -10.64 4.66 6.03
N PRO A 55 -10.48 3.69 6.94
CA PRO A 55 -10.43 2.27 6.58
C PRO A 55 -11.70 1.80 5.89
N ALA A 56 -12.85 2.26 6.37
CA ALA A 56 -14.13 1.86 5.77
C ALA A 56 -14.18 2.27 4.32
N ARG A 57 -13.83 3.52 4.02
CA ARG A 57 -13.86 4.00 2.66
C ARG A 57 -12.87 3.25 1.81
N ALA A 58 -11.68 3.05 2.36
CA ALA A 58 -10.61 2.33 1.68
C ALA A 58 -11.05 0.96 1.22
N GLU A 59 -11.70 0.25 2.12
CA GLU A 59 -12.19 -1.06 1.82
C GLU A 59 -13.30 -0.99 0.77
N GLN A 60 -14.20 -0.04 0.91
CA GLN A 60 -15.28 0.15 -0.06
C GLN A 60 -14.72 0.42 -1.44
N VAL A 61 -13.73 1.31 -1.50
CA VAL A 61 -13.10 1.69 -2.74
C VAL A 61 -12.36 0.51 -3.34
N ALA A 62 -11.74 -0.31 -2.50
CA ALA A 62 -11.01 -1.49 -2.97
C ALA A 62 -11.95 -2.45 -3.68
N LEU A 63 -13.07 -2.75 -3.03
CA LEU A 63 -14.08 -3.62 -3.63
C LEU A 63 -14.67 -2.96 -4.90
N GLU A 64 -14.83 -1.64 -4.83
CA GLU A 64 -15.36 -0.86 -5.92
C GLU A 64 -14.42 -0.93 -7.14
N LYS A 65 -13.12 -0.78 -6.89
CA LYS A 65 -12.12 -0.85 -7.94
C LYS A 65 -12.10 -2.22 -8.56
N CYS A 66 -12.18 -3.24 -7.72
CA CYS A 66 -12.17 -4.63 -8.17
C CYS A 66 -13.35 -4.87 -9.08
N GLY A 67 -14.51 -4.41 -8.67
CA GLY A 67 -15.65 -4.49 -9.50
C GLY A 67 -16.74 -5.27 -8.87
N ASP A 68 -16.38 -6.24 -8.08
CA ASP A 68 -17.38 -7.00 -7.41
C ASP A 68 -17.44 -6.54 -5.99
N LYS A 69 -18.62 -6.25 -5.52
CA LYS A 69 -18.83 -5.72 -4.15
C LYS A 69 -18.35 -6.71 -3.13
N THR A 70 -18.43 -7.94 -3.50
CA THR A 70 -17.99 -9.03 -2.67
C THR A 70 -16.69 -9.71 -3.22
N CYS A 71 -15.83 -8.95 -3.94
CA CYS A 71 -14.53 -9.44 -4.39
C CYS A 71 -13.72 -10.02 -3.21
N LYS A 72 -13.67 -11.34 -3.15
CA LYS A 72 -12.97 -12.01 -2.08
C LYS A 72 -11.49 -12.10 -2.38
N VAL A 73 -10.72 -12.60 -1.40
CA VAL A 73 -9.24 -12.73 -1.50
C VAL A 73 -8.62 -11.31 -1.40
N VAL A 74 -9.42 -10.41 -0.88
CA VAL A 74 -9.03 -9.05 -0.69
C VAL A 74 -7.98 -8.93 0.41
N SER A 75 -6.87 -8.37 0.06
CA SER A 75 -5.81 -8.16 0.99
C SER A 75 -5.99 -6.76 1.57
N ARG A 76 -6.07 -6.68 2.86
CA ARG A 76 -6.36 -5.43 3.55
C ARG A 76 -5.07 -4.96 4.20
N PHE A 77 -4.75 -3.70 4.05
CA PHE A 77 -3.49 -3.21 4.59
C PHE A 77 -3.45 -1.70 4.79
N THR A 78 -2.71 -1.31 5.79
CA THR A 78 -2.47 0.09 6.09
C THR A 78 -0.99 0.36 5.89
N ARG A 79 -0.37 -0.63 5.33
CA ARG A 79 1.02 -0.64 5.00
C ARG A 79 1.07 -0.75 3.49
N CYS A 80 2.08 -1.35 2.96
CA CYS A 80 2.12 -1.61 1.56
C CYS A 80 1.71 -3.05 1.33
N GLY A 81 1.08 -3.31 0.22
CA GLY A 81 0.64 -4.62 -0.11
C GLY A 81 1.12 -5.00 -1.47
N ALA A 82 1.55 -6.21 -1.62
CA ALA A 82 2.09 -6.68 -2.87
C ALA A 82 1.44 -8.01 -3.23
N VAL A 83 0.93 -8.12 -4.41
CA VAL A 83 0.23 -9.28 -4.87
C VAL A 83 1.03 -10.05 -5.92
N ALA A 84 1.30 -11.29 -5.57
CA ALA A 84 1.98 -12.23 -6.41
C ALA A 84 0.98 -13.19 -7.02
N TYR A 85 1.24 -13.57 -8.24
CA TYR A 85 0.35 -14.44 -9.01
C TYR A 85 1.04 -15.76 -9.20
N ASN A 86 0.38 -16.84 -8.80
CA ASN A 86 0.90 -18.18 -9.00
C ASN A 86 -0.18 -19.25 -8.90
N GLY A 87 -0.54 -19.82 -10.03
CA GLY A 87 -1.49 -20.92 -10.07
C GLY A 87 -2.90 -20.49 -9.75
N SER A 88 -3.26 -19.30 -10.23
CA SER A 88 -4.58 -18.70 -10.02
C SER A 88 -4.78 -18.29 -8.56
N LYS A 89 -3.71 -18.35 -7.80
CA LYS A 89 -3.72 -17.96 -6.42
C LYS A 89 -3.06 -16.62 -6.33
N TYR A 90 -3.73 -15.71 -5.71
CA TYR A 90 -3.24 -14.38 -5.56
C TYR A 90 -2.83 -14.15 -4.14
N GLN A 91 -1.56 -13.99 -3.95
CA GLN A 91 -1.03 -13.85 -2.65
C GLN A 91 -0.77 -12.41 -2.34
N GLY A 92 -1.52 -11.89 -1.41
CA GLY A 92 -1.32 -10.55 -0.96
C GLY A 92 -0.36 -10.53 0.20
N GLY A 93 0.78 -9.96 -0.01
CA GLY A 93 1.74 -9.78 1.02
C GLY A 93 1.63 -8.38 1.54
N THR A 94 2.09 -8.16 2.73
CA THR A 94 1.91 -6.88 3.39
C THR A 94 3.15 -6.49 4.19
N GLY A 95 3.57 -5.27 4.05
CA GLY A 95 4.71 -4.79 4.76
C GLY A 95 4.71 -3.30 4.78
N LEU A 96 5.24 -2.70 5.83
CA LEU A 96 5.26 -1.22 5.97
C LEU A 96 5.91 -0.54 4.79
N THR A 97 6.93 -1.14 4.29
CA THR A 97 7.61 -0.66 3.12
C THR A 97 7.33 -1.61 1.97
N ARG A 98 7.62 -1.19 0.74
CA ARG A 98 7.34 -2.01 -0.42
C ARG A 98 8.22 -3.25 -0.39
N ARG A 99 9.46 -3.10 0.10
CA ARG A 99 10.34 -4.23 0.21
C ARG A 99 9.90 -5.21 1.26
N ALA A 100 9.36 -4.71 2.35
CA ALA A 100 8.84 -5.59 3.39
C ALA A 100 7.59 -6.29 2.90
N ALA A 101 6.80 -5.58 2.10
CA ALA A 101 5.58 -6.14 1.55
C ALA A 101 5.87 -7.25 0.58
N GLU A 102 6.81 -7.00 -0.33
CA GLU A 102 7.19 -7.97 -1.29
C GLU A 102 7.92 -9.13 -0.61
N ASP A 103 8.58 -8.83 0.50
CA ASP A 103 9.25 -9.86 1.31
C ASP A 103 8.21 -10.80 1.83
N ASP A 104 7.22 -10.23 2.45
CA ASP A 104 6.12 -10.96 3.06
C ASP A 104 5.33 -11.77 2.01
N ALA A 105 5.16 -11.16 0.84
CA ALA A 105 4.48 -11.80 -0.28
C ALA A 105 5.25 -13.01 -0.78
N VAL A 106 6.57 -12.86 -0.93
CA VAL A 106 7.41 -13.93 -1.46
C VAL A 106 7.67 -14.98 -0.37
N ASN A 107 7.59 -14.55 0.88
CA ASN A 107 7.64 -15.45 2.02
C ASN A 107 6.49 -16.40 1.94
N ARG A 108 5.34 -15.88 1.59
CA ARG A 108 4.20 -16.72 1.41
C ARG A 108 4.23 -17.45 0.06
N LEU A 109 4.62 -16.74 -0.98
CA LEU A 109 4.51 -17.24 -2.32
C LEU A 109 5.82 -17.16 -3.09
N GLU A 110 6.30 -18.29 -3.50
CA GLU A 110 7.39 -18.40 -4.39
C GLU A 110 6.90 -19.16 -5.60
N GLY A 111 7.58 -18.98 -6.67
CA GLY A 111 7.20 -19.62 -7.89
C GLY A 111 6.70 -18.62 -8.87
N GLY A 112 5.73 -17.85 -8.44
CA GLY A 112 5.20 -16.79 -9.27
C GLY A 112 5.95 -15.51 -9.04
N ARG A 113 5.31 -14.40 -9.25
CA ARG A 113 5.96 -13.14 -9.08
C ARG A 113 4.95 -12.11 -8.69
N ILE A 114 5.41 -11.14 -7.92
CA ILE A 114 4.62 -10.02 -7.50
C ILE A 114 4.48 -9.09 -8.67
N VAL A 115 3.30 -8.96 -9.17
CA VAL A 115 3.14 -8.09 -10.31
C VAL A 115 2.23 -6.94 -9.96
N ASN A 116 1.52 -7.07 -8.86
CA ASN A 116 0.66 -5.98 -8.43
C ASN A 116 1.08 -5.57 -7.05
N TRP A 117 0.93 -4.33 -6.73
CA TRP A 117 1.29 -3.79 -5.43
C TRP A 117 0.69 -2.41 -5.29
N ALA A 118 0.66 -1.92 -4.06
CA ALA A 118 0.15 -0.61 -3.73
C ALA A 118 0.57 -0.29 -2.30
N CYS A 119 1.09 0.89 -2.05
CA CYS A 119 1.60 1.20 -0.75
C CYS A 119 0.89 2.37 -0.10
N ASN A 120 0.49 2.19 1.15
CA ASN A 120 -0.10 3.28 1.92
C ASN A 120 1.00 4.02 2.62
N PRO A 5 27.52 37.08 34.76
CA PRO A 5 27.75 38.50 34.55
C PRO A 5 26.54 39.06 33.83
N THR A 6 26.48 40.36 33.65
CA THR A 6 25.38 40.95 32.95
C THR A 6 25.86 41.80 31.78
N VAL A 7 25.61 41.30 30.61
CA VAL A 7 25.85 41.99 29.39
C VAL A 7 24.51 42.25 28.78
N ASP A 8 24.22 43.46 28.53
CA ASP A 8 22.93 43.83 27.98
C ASP A 8 23.01 43.87 26.48
N ALA A 9 21.99 43.36 25.84
CA ALA A 9 21.98 43.26 24.44
C ALA A 9 20.96 44.20 23.88
N HIS A 10 21.27 44.73 22.77
CA HIS A 10 20.44 45.66 22.08
C HIS A 10 19.63 44.94 21.05
N LEU A 11 18.52 45.48 20.76
CA LEU A 11 17.63 44.92 19.78
C LEU A 11 17.98 45.42 18.40
N ALA A 12 18.11 44.50 17.49
CA ALA A 12 18.48 44.81 16.14
C ALA A 12 17.31 44.55 15.22
N ASN A 13 17.40 45.02 13.99
CA ASN A 13 16.35 44.82 13.00
C ASN A 13 16.29 43.37 12.60
N GLY A 14 15.15 42.93 12.14
CA GLY A 14 15.00 41.58 11.75
C GLY A 14 14.90 41.44 10.27
N SER A 15 14.58 40.26 9.87
CA SER A 15 14.46 39.83 8.49
C SER A 15 14.19 38.33 8.53
N MET A 16 13.39 37.83 7.62
CA MET A 16 13.10 36.41 7.62
C MET A 16 14.29 35.64 7.14
N SER A 17 14.53 34.55 7.79
CA SER A 17 15.66 33.74 7.53
C SER A 17 15.31 32.79 6.38
N GLU A 18 16.09 32.85 5.33
CA GLU A 18 15.83 32.06 4.12
C GLU A 18 16.30 30.62 4.29
N VAL A 19 16.82 30.36 5.44
CA VAL A 19 17.35 29.05 5.80
C VAL A 19 16.21 28.07 6.14
N MET A 20 16.53 26.94 6.79
CA MET A 20 15.57 25.88 7.06
C MET A 20 14.89 25.42 5.79
N MET A 21 15.69 24.84 4.94
CA MET A 21 15.24 24.36 3.65
C MET A 21 15.00 22.88 3.71
N SER A 22 14.58 22.31 2.58
CA SER A 22 14.30 20.90 2.41
C SER A 22 13.00 20.50 3.12
N GLU A 23 12.40 19.41 2.70
CA GLU A 23 11.21 18.94 3.27
C GLU A 23 11.54 18.11 4.51
N ILE A 24 12.79 17.65 4.58
CA ILE A 24 13.22 16.88 5.71
C ILE A 24 14.26 17.67 6.51
N ALA A 25 13.95 17.92 7.73
CA ALA A 25 14.79 18.66 8.61
C ALA A 25 15.39 17.73 9.65
N GLY A 26 15.94 18.29 10.73
CA GLY A 26 16.56 17.48 11.76
C GLY A 26 15.55 16.64 12.51
N LEU A 27 14.31 17.04 12.46
CA LEU A 27 13.26 16.31 13.11
C LEU A 27 12.76 15.23 12.16
N PRO A 28 12.96 13.95 12.50
CA PRO A 28 12.56 12.81 11.66
C PRO A 28 11.06 12.82 11.35
N ILE A 29 10.72 12.47 10.15
CA ILE A 29 9.37 12.46 9.68
C ILE A 29 8.78 11.06 9.83
N PRO A 30 7.73 10.90 10.64
CA PRO A 30 7.01 9.64 10.73
C PRO A 30 6.06 9.53 9.53
N PRO A 31 6.17 8.45 8.73
CA PRO A 31 5.32 8.25 7.55
C PRO A 31 3.84 8.24 7.89
N ILE A 32 3.07 8.84 7.03
CA ILE A 32 1.65 8.94 7.21
C ILE A 32 1.01 7.62 6.89
N ILE A 33 0.48 7.00 7.91
CA ILE A 33 -0.23 5.75 7.77
C ILE A 33 -1.55 5.99 7.08
N HIS A 34 -1.71 5.37 5.96
CA HIS A 34 -2.93 5.47 5.21
C HIS A 34 -3.66 4.17 5.29
N TYR A 35 -4.82 4.10 4.72
CA TYR A 35 -5.62 2.91 4.79
C TYR A 35 -5.95 2.49 3.39
N GLY A 36 -5.83 1.20 3.11
CA GLY A 36 -6.11 0.72 1.80
C GLY A 36 -6.40 -0.74 1.79
N ALA A 37 -6.55 -1.27 0.60
CA ALA A 37 -6.85 -2.64 0.40
C ALA A 37 -6.69 -2.99 -1.06
N ILE A 38 -6.44 -4.24 -1.31
CA ILE A 38 -6.38 -4.77 -2.64
C ILE A 38 -7.33 -5.95 -2.69
N ALA A 39 -8.33 -5.81 -3.48
CA ALA A 39 -9.35 -6.79 -3.59
C ALA A 39 -9.06 -7.60 -4.80
N TYR A 40 -8.89 -8.86 -4.62
CA TYR A 40 -8.59 -9.69 -5.72
C TYR A 40 -9.34 -10.99 -5.56
N ALA A 41 -10.39 -11.11 -6.29
CA ALA A 41 -11.22 -12.28 -6.23
C ALA A 41 -10.69 -13.32 -7.20
N PRO A 42 -10.85 -14.63 -6.89
CA PRO A 42 -10.40 -15.73 -7.76
C PRO A 42 -11.10 -15.73 -9.13
N SER A 43 -12.11 -14.89 -9.24
CA SER A 43 -12.86 -14.69 -10.44
C SER A 43 -12.03 -13.91 -11.48
N GLY A 44 -10.90 -13.34 -11.03
CA GLY A 44 -10.03 -12.59 -11.92
C GLY A 44 -10.27 -11.11 -11.76
N ALA A 45 -11.06 -10.79 -10.78
CA ALA A 45 -11.44 -9.44 -10.51
C ALA A 45 -10.44 -8.82 -9.54
N SER A 46 -9.68 -7.88 -10.04
CA SER A 46 -8.70 -7.19 -9.25
C SER A 46 -9.05 -5.72 -9.06
N GLY A 47 -8.77 -5.21 -7.90
CA GLY A 47 -8.95 -3.82 -7.60
C GLY A 47 -8.02 -3.41 -6.50
N LYS A 48 -7.66 -2.16 -6.45
CA LYS A 48 -6.71 -1.69 -5.47
C LYS A 48 -7.05 -0.26 -5.04
N ALA A 49 -6.82 0.06 -3.78
CA ALA A 49 -7.06 1.41 -3.29
C ALA A 49 -6.14 1.66 -2.13
N TRP A 50 -5.52 2.83 -2.10
CA TRP A 50 -4.59 3.17 -1.07
C TRP A 50 -4.49 4.69 -0.96
N HIS A 51 -3.92 5.14 0.15
CA HIS A 51 -3.73 6.57 0.46
C HIS A 51 -5.01 7.27 0.87
N GLN A 52 -6.00 6.49 1.27
CA GLN A 52 -7.24 7.04 1.77
C GLN A 52 -7.11 7.20 3.26
N ARG A 53 -7.74 8.22 3.79
CA ARG A 53 -7.67 8.52 5.22
C ARG A 53 -8.77 7.85 6.01
N THR A 54 -9.68 7.28 5.32
CA THR A 54 -10.78 6.65 5.94
C THR A 54 -10.80 5.18 5.55
N PRO A 55 -10.59 4.27 6.53
CA PRO A 55 -10.60 2.83 6.31
C PRO A 55 -11.80 2.37 5.49
N ALA A 56 -12.98 2.84 5.88
CA ALA A 56 -14.21 2.47 5.20
C ALA A 56 -14.21 2.91 3.75
N ARG A 57 -13.71 4.13 3.50
CA ARG A 57 -13.70 4.65 2.15
C ARG A 57 -12.72 3.87 1.31
N ALA A 58 -11.57 3.60 1.88
CA ALA A 58 -10.52 2.84 1.24
C ALA A 58 -11.03 1.45 0.83
N GLU A 59 -11.72 0.78 1.74
CA GLU A 59 -12.28 -0.53 1.49
C GLU A 59 -13.30 -0.47 0.37
N GLN A 60 -14.18 0.51 0.43
CA GLN A 60 -15.22 0.68 -0.56
C GLN A 60 -14.65 0.92 -1.93
N VAL A 61 -13.58 1.70 -2.01
CA VAL A 61 -12.92 1.97 -3.28
C VAL A 61 -12.23 0.71 -3.78
N ALA A 62 -11.66 -0.07 -2.88
CA ALA A 62 -10.98 -1.31 -3.25
C ALA A 62 -11.96 -2.31 -3.89
N LEU A 63 -13.10 -2.48 -3.24
CA LEU A 63 -14.16 -3.36 -3.73
C LEU A 63 -14.71 -2.84 -5.06
N GLU A 64 -14.85 -1.52 -5.12
CA GLU A 64 -15.27 -0.79 -6.32
C GLU A 64 -14.35 -1.14 -7.48
N LYS A 65 -13.06 -1.03 -7.23
CA LYS A 65 -12.04 -1.29 -8.22
C LYS A 65 -12.04 -2.75 -8.63
N CYS A 66 -12.30 -3.63 -7.68
CA CYS A 66 -12.41 -5.05 -7.95
C CYS A 66 -13.57 -5.29 -8.89
N GLY A 67 -14.71 -4.78 -8.51
CA GLY A 67 -15.87 -4.93 -9.31
C GLY A 67 -16.99 -5.57 -8.56
N ASP A 68 -16.65 -6.47 -7.65
CA ASP A 68 -17.68 -7.17 -6.95
C ASP A 68 -17.80 -6.57 -5.58
N LYS A 69 -19.01 -6.29 -5.18
CA LYS A 69 -19.29 -5.74 -3.87
C LYS A 69 -18.78 -6.67 -2.77
N THR A 70 -18.95 -7.94 -2.96
CA THR A 70 -18.51 -8.90 -2.00
C THR A 70 -17.21 -9.57 -2.47
N CYS A 71 -16.40 -8.84 -3.29
CA CYS A 71 -15.07 -9.28 -3.73
C CYS A 71 -14.29 -9.76 -2.51
N LYS A 72 -14.06 -11.05 -2.44
CA LYS A 72 -13.40 -11.63 -1.30
C LYS A 72 -11.96 -11.97 -1.69
N VAL A 73 -11.15 -12.35 -0.68
CA VAL A 73 -9.71 -12.64 -0.83
C VAL A 73 -8.97 -11.28 -0.84
N VAL A 74 -9.73 -10.28 -0.42
CA VAL A 74 -9.30 -8.92 -0.32
C VAL A 74 -8.27 -8.76 0.80
N SER A 75 -7.15 -8.22 0.43
CA SER A 75 -6.13 -8.00 1.38
C SER A 75 -6.30 -6.58 1.88
N ARG A 76 -6.44 -6.43 3.16
CA ARG A 76 -6.67 -5.15 3.77
C ARG A 76 -5.40 -4.77 4.45
N PHE A 77 -4.96 -3.56 4.27
CA PHE A 77 -3.71 -3.16 4.84
C PHE A 77 -3.59 -1.66 4.99
N THR A 78 -2.87 -1.27 5.97
CA THR A 78 -2.57 0.12 6.23
C THR A 78 -1.07 0.31 6.04
N ARG A 79 -0.49 -0.73 5.53
CA ARG A 79 0.89 -0.83 5.20
C ARG A 79 0.98 -0.97 3.70
N CYS A 80 1.98 -1.62 3.21
CA CYS A 80 2.07 -1.86 1.81
C CYS A 80 1.73 -3.31 1.54
N GLY A 81 1.06 -3.55 0.45
CA GLY A 81 0.68 -4.88 0.07
C GLY A 81 1.15 -5.17 -1.32
N ALA A 82 1.68 -6.35 -1.52
CA ALA A 82 2.20 -6.75 -2.81
C ALA A 82 1.60 -8.08 -3.23
N VAL A 83 1.05 -8.10 -4.40
CA VAL A 83 0.38 -9.27 -4.94
C VAL A 83 1.23 -9.92 -6.05
N ALA A 84 1.46 -11.20 -5.84
CA ALA A 84 2.24 -12.03 -6.73
C ALA A 84 1.34 -13.07 -7.39
N TYR A 85 1.65 -13.35 -8.63
CA TYR A 85 0.87 -14.28 -9.45
C TYR A 85 1.67 -15.56 -9.63
N ASN A 86 1.03 -16.68 -9.40
CA ASN A 86 1.64 -17.97 -9.63
C ASN A 86 0.62 -18.91 -10.24
N GLY A 87 0.45 -18.85 -11.55
CA GLY A 87 -0.44 -19.77 -12.27
C GLY A 87 -1.84 -19.82 -11.71
N SER A 88 -2.50 -18.68 -11.71
CA SER A 88 -3.88 -18.51 -11.23
C SER A 88 -3.97 -18.40 -9.70
N LYS A 89 -2.84 -18.49 -9.03
CA LYS A 89 -2.80 -18.28 -7.59
C LYS A 89 -2.34 -16.86 -7.33
N TYR A 90 -3.07 -16.18 -6.51
CA TYR A 90 -2.80 -14.79 -6.22
C TYR A 90 -2.55 -14.61 -4.74
N GLN A 91 -1.36 -14.24 -4.42
CA GLN A 91 -0.99 -14.01 -3.03
C GLN A 91 -0.71 -12.57 -2.78
N GLY A 92 -1.03 -12.12 -1.61
CA GLY A 92 -0.85 -10.76 -1.26
C GLY A 92 -0.10 -10.64 0.03
N GLY A 93 1.11 -10.18 -0.06
CA GLY A 93 1.93 -10.00 1.10
C GLY A 93 1.85 -8.61 1.61
N THR A 94 2.21 -8.41 2.85
CA THR A 94 2.05 -7.13 3.49
C THR A 94 3.25 -6.78 4.37
N GLY A 95 3.64 -5.55 4.31
CA GLY A 95 4.73 -5.03 5.09
C GLY A 95 4.65 -3.56 5.05
N LEU A 96 5.20 -2.88 6.03
CA LEU A 96 5.16 -1.39 6.04
C LEU A 96 5.79 -0.82 4.79
N THR A 97 6.88 -1.40 4.41
CA THR A 97 7.60 -0.99 3.24
C THR A 97 7.26 -1.96 2.13
N ARG A 98 7.41 -1.56 0.87
CA ARG A 98 7.10 -2.44 -0.23
C ARG A 98 8.12 -3.57 -0.28
N ARG A 99 9.31 -3.29 0.24
CA ARG A 99 10.35 -4.28 0.36
C ARG A 99 9.99 -5.34 1.39
N ALA A 100 9.42 -4.91 2.51
CA ALA A 100 8.97 -5.87 3.51
C ALA A 100 7.73 -6.57 3.03
N ALA A 101 6.94 -5.85 2.24
CA ALA A 101 5.74 -6.41 1.69
C ALA A 101 6.06 -7.47 0.67
N GLU A 102 7.07 -7.20 -0.16
CA GLU A 102 7.50 -8.15 -1.16
C GLU A 102 8.13 -9.35 -0.48
N ASP A 103 8.79 -9.10 0.66
CA ASP A 103 9.33 -10.21 1.44
C ASP A 103 8.20 -11.09 1.94
N ASP A 104 7.21 -10.45 2.52
CA ASP A 104 6.04 -11.15 3.06
C ASP A 104 5.29 -11.86 1.93
N ALA A 105 5.17 -11.18 0.81
CA ALA A 105 4.51 -11.72 -0.38
C ALA A 105 5.23 -12.93 -0.93
N VAL A 106 6.54 -12.89 -0.92
CA VAL A 106 7.31 -14.01 -1.43
C VAL A 106 7.35 -15.12 -0.38
N ASN A 107 7.17 -14.74 0.86
CA ASN A 107 7.02 -15.72 1.92
C ASN A 107 5.72 -16.46 1.74
N ARG A 108 4.70 -15.72 1.30
CA ARG A 108 3.41 -16.32 0.99
C ARG A 108 3.49 -17.12 -0.31
N LEU A 109 4.19 -16.57 -1.26
CA LEU A 109 4.18 -17.07 -2.59
C LEU A 109 5.59 -17.17 -3.15
N GLU A 110 6.03 -18.39 -3.40
CA GLU A 110 7.32 -18.63 -3.98
C GLU A 110 7.15 -19.27 -5.33
N GLY A 111 7.89 -18.79 -6.29
CA GLY A 111 7.88 -19.36 -7.62
C GLY A 111 7.29 -18.43 -8.65
N GLY A 112 6.49 -17.49 -8.19
CA GLY A 112 5.84 -16.56 -9.08
C GLY A 112 6.53 -15.21 -9.05
N ARG A 113 5.77 -14.17 -9.28
CA ARG A 113 6.32 -12.83 -9.32
C ARG A 113 5.28 -11.77 -8.98
N ILE A 114 5.72 -10.76 -8.27
CA ILE A 114 4.87 -9.67 -7.83
C ILE A 114 4.64 -8.72 -8.97
N VAL A 115 3.39 -8.52 -9.30
CA VAL A 115 3.08 -7.61 -10.39
C VAL A 115 2.11 -6.55 -9.94
N ASN A 116 1.54 -6.72 -8.77
CA ASN A 116 0.64 -5.68 -8.27
C ASN A 116 1.08 -5.36 -6.87
N TRP A 117 0.96 -4.14 -6.47
CA TRP A 117 1.36 -3.70 -5.14
C TRP A 117 0.83 -2.30 -4.90
N ALA A 118 0.62 -1.97 -3.67
CA ALA A 118 0.15 -0.66 -3.28
C ALA A 118 0.58 -0.39 -1.87
N CYS A 119 1.13 0.77 -1.63
CA CYS A 119 1.63 1.09 -0.31
C CYS A 119 0.84 2.21 0.30
N ASN A 120 0.48 2.05 1.53
CA ASN A 120 -0.19 3.09 2.27
C ASN A 120 0.78 3.85 3.10
N PRO A 5 -36.44 27.39 15.05
CA PRO A 5 -35.23 28.19 15.01
C PRO A 5 -34.17 27.40 14.28
N THR A 6 -33.15 28.07 13.83
CA THR A 6 -32.06 27.44 13.16
C THR A 6 -30.79 28.11 13.65
N VAL A 7 -29.72 27.37 13.80
CA VAL A 7 -28.50 27.96 14.31
C VAL A 7 -27.46 28.13 13.24
N ASP A 8 -26.97 29.33 13.15
CA ASP A 8 -25.95 29.68 12.20
C ASP A 8 -24.62 29.66 12.89
N ALA A 9 -23.63 29.19 12.19
CA ALA A 9 -22.30 29.14 12.70
C ALA A 9 -21.40 29.72 11.64
N HIS A 10 -20.40 30.42 12.08
CA HIS A 10 -19.44 30.99 11.20
C HIS A 10 -18.30 30.05 11.07
N LEU A 11 -18.02 29.71 9.85
CA LEU A 11 -16.97 28.79 9.47
C LEU A 11 -15.63 29.08 10.14
N ALA A 12 -15.01 28.05 10.59
CA ALA A 12 -13.73 28.14 11.21
C ALA A 12 -12.73 27.45 10.33
N ASN A 13 -11.72 28.16 9.93
CA ASN A 13 -10.72 27.59 9.04
C ASN A 13 -9.77 26.69 9.79
N GLY A 14 -9.26 25.71 9.07
CA GLY A 14 -8.35 24.77 9.64
C GLY A 14 -6.94 25.20 9.44
N SER A 15 -6.49 26.11 10.26
CA SER A 15 -5.17 26.66 10.23
C SER A 15 -4.13 25.57 10.55
N MET A 16 -3.53 25.05 9.51
CA MET A 16 -2.56 23.97 9.64
C MET A 16 -1.29 24.48 10.28
N SER A 17 -0.57 23.59 10.86
CA SER A 17 0.67 23.90 11.43
C SER A 17 1.68 22.85 10.99
N GLU A 18 2.89 23.27 10.72
CA GLU A 18 3.92 22.36 10.24
C GLU A 18 4.83 21.97 11.40
N VAL A 19 4.28 22.14 12.59
CA VAL A 19 4.98 21.81 13.82
C VAL A 19 5.08 20.30 14.00
N MET A 20 5.76 19.88 15.06
CA MET A 20 6.10 18.50 15.32
C MET A 20 7.08 18.04 14.28
N MET A 21 8.28 18.53 14.44
CA MET A 21 9.33 18.32 13.49
C MET A 21 10.25 17.20 13.94
N SER A 22 11.28 16.95 13.15
CA SER A 22 12.24 15.91 13.39
C SER A 22 12.94 16.08 14.75
N GLU A 23 13.14 14.94 15.42
CA GLU A 23 13.79 14.80 16.72
C GLU A 23 12.85 15.01 17.89
N ILE A 24 11.77 15.73 17.66
CA ILE A 24 10.77 15.91 18.68
C ILE A 24 9.98 14.62 18.72
N ALA A 25 10.36 13.74 19.60
CA ALA A 25 9.73 12.46 19.68
C ALA A 25 9.72 11.92 21.07
N GLY A 26 8.57 11.80 21.59
CA GLY A 26 8.35 11.07 22.81
C GLY A 26 7.59 9.85 22.41
N LEU A 27 6.68 10.09 21.51
CA LEU A 27 5.93 9.10 20.84
C LEU A 27 6.32 9.23 19.37
N PRO A 28 6.68 8.14 18.68
CA PRO A 28 7.12 8.18 17.28
C PRO A 28 6.14 8.90 16.34
N ILE A 29 6.64 9.86 15.59
CA ILE A 29 5.85 10.57 14.61
C ILE A 29 5.95 9.84 13.29
N PRO A 30 4.88 9.20 12.84
CA PRO A 30 4.88 8.46 11.60
C PRO A 30 4.51 9.35 10.39
N PRO A 31 4.88 8.91 9.16
CA PRO A 31 4.44 9.57 7.93
C PRO A 31 2.92 9.53 7.80
N ILE A 32 2.38 10.24 6.82
CA ILE A 32 0.94 10.31 6.65
C ILE A 32 0.37 8.91 6.40
N ILE A 33 -0.35 8.42 7.38
CA ILE A 33 -0.91 7.11 7.34
C ILE A 33 -2.17 7.13 6.51
N HIS A 34 -2.18 6.35 5.49
CA HIS A 34 -3.31 6.20 4.66
C HIS A 34 -3.85 4.82 4.77
N TYR A 35 -5.04 4.64 4.35
CA TYR A 35 -5.73 3.41 4.49
C TYR A 35 -5.98 2.85 3.12
N GLY A 36 -5.83 1.56 2.98
CA GLY A 36 -6.06 0.94 1.74
C GLY A 36 -6.48 -0.49 1.90
N ALA A 37 -6.64 -1.14 0.80
CA ALA A 37 -7.06 -2.50 0.75
C ALA A 37 -6.89 -3.00 -0.66
N ILE A 38 -6.69 -4.28 -0.78
CA ILE A 38 -6.60 -4.91 -2.07
C ILE A 38 -7.60 -6.04 -2.12
N ALA A 39 -8.51 -5.92 -3.01
CA ALA A 39 -9.53 -6.90 -3.21
C ALA A 39 -9.16 -7.65 -4.45
N TYR A 40 -8.97 -8.91 -4.32
CA TYR A 40 -8.57 -9.68 -5.44
C TYR A 40 -9.21 -11.03 -5.34
N ALA A 41 -10.15 -11.26 -6.18
CA ALA A 41 -10.84 -12.50 -6.21
C ALA A 41 -10.11 -13.46 -7.15
N PRO A 42 -10.11 -14.78 -6.85
CA PRO A 42 -9.48 -15.82 -7.71
C PRO A 42 -10.04 -15.81 -9.15
N SER A 43 -11.16 -15.12 -9.33
CA SER A 43 -11.80 -14.98 -10.61
C SER A 43 -10.96 -14.10 -11.55
N GLY A 44 -9.99 -13.40 -11.00
CA GLY A 44 -9.13 -12.54 -11.80
C GLY A 44 -9.45 -11.09 -11.56
N ALA A 45 -10.48 -10.87 -10.78
CA ALA A 45 -10.96 -9.55 -10.44
C ALA A 45 -10.00 -8.88 -9.48
N SER A 46 -9.36 -7.84 -9.95
CA SER A 46 -8.38 -7.13 -9.17
C SER A 46 -8.90 -5.75 -8.84
N GLY A 47 -8.63 -5.31 -7.65
CA GLY A 47 -8.94 -4.00 -7.25
C GLY A 47 -8.09 -3.61 -6.09
N LYS A 48 -7.57 -2.43 -6.13
CA LYS A 48 -6.73 -1.97 -5.08
C LYS A 48 -7.01 -0.54 -4.78
N ALA A 49 -6.88 -0.19 -3.53
CA ALA A 49 -7.13 1.13 -3.10
C ALA A 49 -6.13 1.46 -2.06
N TRP A 50 -5.58 2.64 -2.15
CA TRP A 50 -4.60 3.09 -1.22
C TRP A 50 -4.58 4.59 -1.29
N HIS A 51 -4.07 5.22 -0.25
CA HIS A 51 -4.03 6.69 -0.11
C HIS A 51 -5.38 7.29 0.26
N GLN A 52 -6.28 6.46 0.79
CA GLN A 52 -7.55 6.94 1.26
C GLN A 52 -7.40 7.35 2.70
N ARG A 53 -8.18 8.32 3.10
CA ARG A 53 -8.02 8.92 4.40
C ARG A 53 -8.98 8.33 5.40
N THR A 54 -9.88 7.51 4.94
CA THR A 54 -10.79 6.82 5.80
C THR A 54 -10.79 5.33 5.50
N PRO A 55 -10.57 4.48 6.52
CA PRO A 55 -10.42 3.02 6.36
C PRO A 55 -11.60 2.34 5.66
N ALA A 56 -12.81 2.76 6.00
CA ALA A 56 -13.99 2.18 5.41
C ALA A 56 -14.12 2.61 3.96
N ARG A 57 -13.71 3.84 3.67
CA ARG A 57 -13.80 4.31 2.31
C ARG A 57 -12.77 3.61 1.46
N ALA A 58 -11.61 3.37 2.06
CA ALA A 58 -10.54 2.61 1.43
C ALA A 58 -11.04 1.23 1.01
N GLU A 59 -11.75 0.54 1.93
CA GLU A 59 -12.35 -0.77 1.61
C GLU A 59 -13.29 -0.65 0.44
N GLN A 60 -14.18 0.33 0.54
CA GLN A 60 -15.19 0.58 -0.47
C GLN A 60 -14.56 0.78 -1.85
N VAL A 61 -13.50 1.58 -1.90
CA VAL A 61 -12.80 1.84 -3.14
C VAL A 61 -12.20 0.54 -3.68
N ALA A 62 -11.62 -0.26 -2.79
CA ALA A 62 -10.97 -1.52 -3.19
C ALA A 62 -11.97 -2.50 -3.79
N LEU A 63 -13.12 -2.61 -3.15
CA LEU A 63 -14.19 -3.49 -3.60
C LEU A 63 -14.71 -3.00 -4.95
N GLU A 64 -14.87 -1.70 -5.05
CA GLU A 64 -15.36 -1.06 -6.24
C GLU A 64 -14.36 -1.25 -7.40
N LYS A 65 -13.06 -1.15 -7.10
CA LYS A 65 -12.01 -1.36 -8.09
C LYS A 65 -12.03 -2.80 -8.56
N CYS A 66 -12.26 -3.73 -7.62
CA CYS A 66 -12.31 -5.16 -7.92
C CYS A 66 -13.42 -5.44 -8.91
N GLY A 67 -14.57 -4.90 -8.64
CA GLY A 67 -15.70 -5.07 -9.51
C GLY A 67 -16.80 -5.82 -8.83
N ASP A 68 -16.47 -6.53 -7.77
CA ASP A 68 -17.46 -7.23 -7.02
C ASP A 68 -17.72 -6.39 -5.81
N LYS A 69 -18.94 -6.00 -5.61
CA LYS A 69 -19.33 -5.10 -4.52
C LYS A 69 -18.87 -5.63 -3.17
N THR A 70 -19.00 -6.90 -3.01
CA THR A 70 -18.63 -7.55 -1.79
C THR A 70 -17.34 -8.41 -2.01
N CYS A 71 -16.50 -8.00 -3.02
CA CYS A 71 -15.26 -8.70 -3.43
C CYS A 71 -14.49 -9.29 -2.23
N LYS A 72 -14.58 -10.59 -2.10
CA LYS A 72 -13.98 -11.29 -0.98
C LYS A 72 -12.49 -11.53 -1.21
N VAL A 73 -11.82 -12.03 -0.15
CA VAL A 73 -10.37 -12.30 -0.14
C VAL A 73 -9.62 -10.94 -0.18
N VAL A 74 -10.31 -9.95 0.33
CA VAL A 74 -9.81 -8.60 0.38
C VAL A 74 -8.85 -8.43 1.56
N SER A 75 -7.70 -7.90 1.27
CA SER A 75 -6.72 -7.67 2.27
C SER A 75 -6.77 -6.19 2.64
N ARG A 76 -6.96 -5.89 3.90
CA ARG A 76 -7.07 -4.52 4.35
C ARG A 76 -5.78 -4.15 5.04
N PHE A 77 -5.22 -3.02 4.70
CA PHE A 77 -3.96 -2.62 5.26
C PHE A 77 -3.75 -1.11 5.16
N THR A 78 -3.02 -0.59 6.10
CA THR A 78 -2.61 0.80 6.10
C THR A 78 -1.12 0.82 5.84
N ARG A 79 -0.68 -0.29 5.33
CA ARG A 79 0.70 -0.61 5.09
C ARG A 79 0.84 -0.83 3.59
N CYS A 80 1.78 -1.61 3.18
CA CYS A 80 1.89 -1.93 1.78
C CYS A 80 1.55 -3.39 1.55
N GLY A 81 0.92 -3.65 0.44
CA GLY A 81 0.58 -4.99 0.07
C GLY A 81 1.06 -5.28 -1.33
N ALA A 82 1.59 -6.46 -1.56
CA ALA A 82 2.12 -6.85 -2.85
C ALA A 82 1.55 -8.19 -3.25
N VAL A 83 1.06 -8.29 -4.44
CA VAL A 83 0.42 -9.48 -4.94
C VAL A 83 1.26 -10.15 -6.03
N ALA A 84 1.55 -11.40 -5.79
CA ALA A 84 2.31 -12.24 -6.66
C ALA A 84 1.37 -13.23 -7.31
N TYR A 85 1.58 -13.45 -8.58
CA TYR A 85 0.76 -14.35 -9.36
C TYR A 85 1.51 -15.62 -9.65
N ASN A 86 0.94 -16.74 -9.32
CA ASN A 86 1.56 -18.01 -9.57
C ASN A 86 0.58 -18.90 -10.28
N GLY A 87 0.70 -18.98 -11.59
CA GLY A 87 -0.19 -19.82 -12.38
C GLY A 87 -1.64 -19.42 -12.22
N SER A 88 -1.89 -18.13 -12.37
CA SER A 88 -3.20 -17.52 -12.26
C SER A 88 -3.74 -17.48 -10.81
N LYS A 89 -2.94 -17.92 -9.85
CA LYS A 89 -3.33 -17.84 -8.47
C LYS A 89 -2.69 -16.64 -7.86
N TYR A 90 -3.42 -15.97 -7.01
CA TYR A 90 -2.98 -14.71 -6.48
C TYR A 90 -2.69 -14.83 -5.00
N GLN A 91 -1.50 -14.48 -4.63
CA GLN A 91 -1.09 -14.50 -3.26
C GLN A 91 -0.47 -13.16 -2.92
N GLY A 92 -1.03 -12.52 -1.93
CA GLY A 92 -0.53 -11.25 -1.54
C GLY A 92 0.24 -11.30 -0.24
N GLY A 93 1.19 -10.41 -0.13
CA GLY A 93 1.98 -10.24 1.05
C GLY A 93 1.78 -8.86 1.59
N THR A 94 2.23 -8.62 2.80
CA THR A 94 2.04 -7.35 3.44
C THR A 94 3.22 -6.94 4.31
N GLY A 95 3.49 -5.67 4.33
CA GLY A 95 4.54 -5.11 5.13
C GLY A 95 4.36 -3.63 5.19
N LEU A 96 4.97 -2.95 6.12
CA LEU A 96 4.82 -1.48 6.19
C LEU A 96 5.46 -0.81 5.00
N THR A 97 6.53 -1.38 4.60
CA THR A 97 7.29 -0.94 3.49
C THR A 97 7.10 -1.91 2.36
N ARG A 98 7.32 -1.48 1.12
CA ARG A 98 7.22 -2.37 -0.02
C ARG A 98 8.20 -3.51 0.11
N ARG A 99 9.36 -3.23 0.70
CA ARG A 99 10.38 -4.22 0.86
C ARG A 99 9.94 -5.34 1.78
N ALA A 100 9.34 -4.98 2.90
CA ALA A 100 8.85 -5.97 3.81
C ALA A 100 7.63 -6.67 3.23
N ALA A 101 6.83 -5.92 2.47
CA ALA A 101 5.65 -6.47 1.84
C ALA A 101 6.02 -7.49 0.81
N GLU A 102 7.00 -7.17 -0.03
CA GLU A 102 7.44 -8.05 -1.07
C GLU A 102 8.15 -9.25 -0.48
N ASP A 103 8.81 -9.04 0.66
CA ASP A 103 9.47 -10.14 1.34
C ASP A 103 8.42 -11.12 1.82
N ASP A 104 7.40 -10.61 2.49
CA ASP A 104 6.30 -11.45 3.00
C ASP A 104 5.56 -12.14 1.86
N ALA A 105 5.38 -11.42 0.77
CA ALA A 105 4.71 -11.92 -0.40
C ALA A 105 5.47 -13.07 -1.03
N VAL A 106 6.78 -12.94 -1.13
CA VAL A 106 7.59 -13.97 -1.77
C VAL A 106 7.82 -15.14 -0.80
N ASN A 107 7.77 -14.84 0.48
CA ASN A 107 7.84 -15.87 1.50
C ASN A 107 6.58 -16.70 1.45
N ARG A 108 5.51 -16.04 1.11
CA ARG A 108 4.23 -16.67 1.01
C ARG A 108 4.06 -17.31 -0.39
N LEU A 109 4.71 -16.74 -1.38
CA LEU A 109 4.52 -17.17 -2.76
C LEU A 109 5.85 -17.21 -3.51
N GLU A 110 6.22 -18.39 -3.96
CA GLU A 110 7.37 -18.61 -4.79
C GLU A 110 6.98 -19.41 -5.97
N GLY A 111 7.60 -19.14 -7.08
CA GLY A 111 7.26 -19.78 -8.32
C GLY A 111 6.56 -18.80 -9.22
N GLY A 112 6.20 -17.68 -8.65
CA GLY A 112 5.57 -16.61 -9.35
C GLY A 112 6.25 -15.32 -9.00
N ARG A 113 5.68 -14.21 -9.37
CA ARG A 113 6.29 -12.94 -9.08
C ARG A 113 5.24 -11.90 -8.77
N ILE A 114 5.63 -10.93 -7.96
CA ILE A 114 4.81 -9.81 -7.60
C ILE A 114 4.60 -8.92 -8.81
N VAL A 115 3.39 -8.86 -9.28
CA VAL A 115 3.11 -8.01 -10.41
C VAL A 115 2.19 -6.89 -10.00
N ASN A 116 1.53 -7.06 -8.87
CA ASN A 116 0.62 -6.03 -8.38
C ASN A 116 1.03 -5.62 -6.98
N TRP A 117 0.80 -4.39 -6.61
CA TRP A 117 1.16 -3.87 -5.30
C TRP A 117 0.43 -2.57 -5.07
N ALA A 118 0.41 -2.16 -3.82
CA ALA A 118 -0.17 -0.89 -3.41
C ALA A 118 0.34 -0.56 -2.02
N CYS A 119 0.99 0.56 -1.87
CA CYS A 119 1.56 0.93 -0.59
C CYS A 119 0.91 2.18 -0.04
N ASN A 120 0.56 2.14 1.21
CA ASN A 120 0.01 3.31 1.89
C ASN A 120 1.09 3.98 2.69
N PRO A 5 -7.60 68.84 8.76
CA PRO A 5 -6.46 68.11 8.25
C PRO A 5 -6.71 66.63 8.40
N THR A 6 -6.76 65.95 7.30
CA THR A 6 -7.02 64.56 7.27
C THR A 6 -5.72 63.81 7.04
N VAL A 7 -5.14 63.33 8.10
CA VAL A 7 -3.89 62.59 8.04
C VAL A 7 -4.11 61.16 8.50
N ASP A 8 -3.23 60.29 8.11
CA ASP A 8 -3.33 58.89 8.50
C ASP A 8 -2.10 58.50 9.28
N ALA A 9 -2.30 57.74 10.33
CA ALA A 9 -1.22 57.32 11.18
C ALA A 9 -0.55 56.09 10.60
N HIS A 10 0.56 56.29 9.95
CA HIS A 10 1.25 55.22 9.34
C HIS A 10 2.17 54.62 10.36
N LEU A 11 2.04 53.35 10.50
CA LEU A 11 2.77 52.54 11.45
C LEU A 11 4.21 52.24 10.96
N ALA A 12 4.92 51.45 11.74
CA ALA A 12 6.29 51.07 11.42
C ALA A 12 6.30 49.80 10.57
N ASN A 13 7.49 49.31 10.25
CA ASN A 13 7.64 48.08 9.51
C ASN A 13 7.20 46.92 10.38
N GLY A 14 6.42 46.03 9.81
CA GLY A 14 5.91 44.91 10.54
C GLY A 14 6.95 43.84 10.77
N SER A 15 7.30 43.09 9.70
CA SER A 15 8.23 41.97 9.78
C SER A 15 7.79 41.03 10.91
N MET A 16 6.55 40.63 10.83
CA MET A 16 5.92 39.89 11.89
C MET A 16 6.32 38.45 11.93
N SER A 17 6.66 38.02 13.10
CA SER A 17 7.15 36.69 13.35
C SER A 17 6.04 35.82 13.91
N GLU A 18 4.87 36.11 13.48
CA GLU A 18 3.64 35.44 13.92
C GLU A 18 3.44 34.05 13.29
N VAL A 19 4.52 33.52 12.77
CA VAL A 19 4.53 32.21 12.18
C VAL A 19 4.53 31.18 13.30
N MET A 20 4.08 30.01 13.02
CA MET A 20 4.04 28.96 14.00
C MET A 20 5.43 28.41 14.21
N MET A 21 5.99 28.73 15.34
CA MET A 21 7.30 28.28 15.70
C MET A 21 7.18 26.97 16.43
N SER A 22 8.30 26.48 16.95
CA SER A 22 8.39 25.22 17.65
C SER A 22 8.05 24.02 16.73
N GLU A 23 9.07 23.27 16.39
CA GLU A 23 8.93 22.10 15.54
C GLU A 23 8.54 20.90 16.39
N ILE A 24 8.71 21.10 17.70
CA ILE A 24 8.44 20.13 18.72
C ILE A 24 9.56 19.10 18.79
N ALA A 25 10.69 19.57 19.32
CA ALA A 25 11.90 18.77 19.57
C ALA A 25 12.54 18.18 18.30
N GLY A 26 13.63 17.48 18.49
CA GLY A 26 14.28 16.81 17.40
C GLY A 26 13.87 15.36 17.39
N LEU A 27 12.59 15.15 17.30
CA LEU A 27 12.02 13.84 17.33
C LEU A 27 11.50 13.46 15.95
N PRO A 28 11.56 12.18 15.57
CA PRO A 28 11.08 11.72 14.28
C PRO A 28 9.55 11.82 14.16
N ILE A 29 9.11 12.51 13.13
CA ILE A 29 7.72 12.65 12.86
C ILE A 29 7.30 11.52 11.92
N PRO A 30 6.42 10.65 12.39
CA PRO A 30 5.95 9.53 11.59
C PRO A 30 5.00 10.00 10.49
N PRO A 31 5.06 9.36 9.31
CA PRO A 31 4.14 9.65 8.23
C PRO A 31 2.71 9.40 8.67
N ILE A 32 1.79 10.08 8.06
CA ILE A 32 0.41 9.93 8.39
C ILE A 32 -0.05 8.59 7.85
N ILE A 33 -0.26 7.67 8.74
CA ILE A 33 -0.66 6.35 8.39
C ILE A 33 -2.08 6.34 7.88
N HIS A 34 -2.17 6.20 6.61
CA HIS A 34 -3.42 6.15 5.93
C HIS A 34 -3.82 4.72 5.71
N TYR A 35 -4.99 4.53 5.18
CA TYR A 35 -5.57 3.20 5.12
C TYR A 35 -5.82 2.83 3.67
N GLY A 36 -5.63 1.58 3.35
CA GLY A 36 -5.82 1.11 2.02
C GLY A 36 -6.30 -0.31 2.01
N ALA A 37 -6.46 -0.87 0.84
CA ALA A 37 -6.96 -2.20 0.66
C ALA A 37 -6.70 -2.68 -0.75
N ILE A 38 -6.57 -3.96 -0.89
CA ILE A 38 -6.43 -4.61 -2.18
C ILE A 38 -7.43 -5.73 -2.26
N ALA A 39 -8.27 -5.67 -3.25
CA ALA A 39 -9.29 -6.66 -3.47
C ALA A 39 -8.89 -7.51 -4.65
N TYR A 40 -8.97 -8.79 -4.51
CA TYR A 40 -8.60 -9.69 -5.57
C TYR A 40 -9.50 -10.87 -5.63
N ALA A 41 -10.38 -10.84 -6.58
CA ALA A 41 -11.28 -11.93 -6.74
C ALA A 41 -10.57 -13.04 -7.49
N PRO A 42 -10.85 -14.32 -7.15
CA PRO A 42 -10.22 -15.48 -7.82
C PRO A 42 -10.46 -15.47 -9.35
N SER A 43 -11.43 -14.68 -9.77
CA SER A 43 -11.76 -14.51 -11.17
C SER A 43 -10.63 -13.77 -11.92
N GLY A 44 -9.78 -13.06 -11.17
CA GLY A 44 -8.72 -12.29 -11.79
C GLY A 44 -9.01 -10.82 -11.68
N ALA A 45 -10.12 -10.51 -11.04
CA ALA A 45 -10.57 -9.16 -10.83
C ALA A 45 -9.67 -8.49 -9.83
N SER A 46 -9.09 -7.39 -10.21
CA SER A 46 -8.13 -6.71 -9.39
C SER A 46 -8.69 -5.37 -8.92
N GLY A 47 -8.38 -5.01 -7.70
CA GLY A 47 -8.75 -3.74 -7.18
C GLY A 47 -7.83 -3.35 -6.07
N LYS A 48 -7.61 -2.08 -5.90
CA LYS A 48 -6.74 -1.58 -4.85
C LYS A 48 -7.06 -0.14 -4.58
N ALA A 49 -6.74 0.30 -3.39
CA ALA A 49 -6.93 1.66 -2.99
C ALA A 49 -5.99 1.91 -1.87
N TRP A 50 -5.36 3.05 -1.84
CA TRP A 50 -4.42 3.32 -0.81
C TRP A 50 -4.33 4.79 -0.54
N HIS A 51 -3.88 5.09 0.66
CA HIS A 51 -3.63 6.43 1.16
C HIS A 51 -4.94 7.18 1.34
N GLN A 52 -5.98 6.46 1.76
CA GLN A 52 -7.27 7.05 1.99
C GLN A 52 -7.30 7.58 3.38
N ARG A 53 -8.35 8.25 3.68
CA ARG A 53 -8.47 8.89 4.95
C ARG A 53 -9.29 8.02 5.90
N THR A 54 -10.09 7.15 5.34
CA THR A 54 -10.89 6.25 6.15
C THR A 54 -10.78 4.83 5.60
N PRO A 55 -10.66 3.81 6.48
CA PRO A 55 -10.56 2.41 6.05
C PRO A 55 -11.81 1.96 5.31
N ALA A 56 -12.95 2.48 5.73
CA ALA A 56 -14.24 2.18 5.11
C ALA A 56 -14.24 2.57 3.64
N ARG A 57 -13.80 3.79 3.35
CA ARG A 57 -13.74 4.25 1.97
C ARG A 57 -12.71 3.49 1.20
N ALA A 58 -11.56 3.26 1.81
CA ALA A 58 -10.48 2.50 1.19
C ALA A 58 -10.96 1.13 0.74
N GLU A 59 -11.71 0.47 1.60
CA GLU A 59 -12.24 -0.82 1.33
C GLU A 59 -13.25 -0.73 0.19
N GLN A 60 -14.15 0.25 0.27
CA GLN A 60 -15.17 0.47 -0.76
C GLN A 60 -14.54 0.76 -2.11
N VAL A 61 -13.50 1.60 -2.12
CA VAL A 61 -12.80 1.92 -3.34
C VAL A 61 -12.16 0.67 -3.92
N ALA A 62 -11.56 -0.14 -3.05
CA ALA A 62 -10.88 -1.36 -3.48
C ALA A 62 -11.87 -2.34 -4.10
N LEU A 63 -13.00 -2.53 -3.44
CA LEU A 63 -14.05 -3.42 -3.92
C LEU A 63 -14.61 -2.92 -5.25
N GLU A 64 -14.81 -1.63 -5.33
CA GLU A 64 -15.36 -1.00 -6.50
C GLU A 64 -14.37 -1.05 -7.68
N LYS A 65 -13.07 -0.93 -7.38
CA LYS A 65 -12.02 -1.09 -8.39
C LYS A 65 -12.03 -2.53 -8.89
N CYS A 66 -12.16 -3.46 -7.94
CA CYS A 66 -12.22 -4.89 -8.24
C CYS A 66 -13.38 -5.16 -9.15
N GLY A 67 -14.50 -4.58 -8.81
CA GLY A 67 -15.64 -4.69 -9.62
C GLY A 67 -16.67 -5.55 -8.99
N ASP A 68 -16.26 -6.42 -8.08
CA ASP A 68 -17.21 -7.30 -7.51
C ASP A 68 -17.63 -6.76 -6.18
N LYS A 69 -18.91 -6.68 -5.97
CA LYS A 69 -19.51 -6.17 -4.76
C LYS A 69 -18.99 -6.92 -3.56
N THR A 70 -18.92 -8.19 -3.72
CA THR A 70 -18.49 -9.07 -2.68
C THR A 70 -17.08 -9.64 -3.02
N CYS A 71 -16.26 -8.84 -3.78
CA CYS A 71 -14.87 -9.19 -4.09
C CYS A 71 -14.17 -9.61 -2.80
N LYS A 72 -13.85 -10.88 -2.71
CA LYS A 72 -13.27 -11.40 -1.51
C LYS A 72 -11.77 -11.49 -1.69
N VAL A 73 -11.06 -11.90 -0.62
CA VAL A 73 -9.59 -11.95 -0.57
C VAL A 73 -9.06 -10.50 -0.43
N VAL A 74 -10.01 -9.63 -0.12
CA VAL A 74 -9.74 -8.24 0.07
C VAL A 74 -8.94 -8.02 1.33
N SER A 75 -7.76 -7.58 1.14
CA SER A 75 -6.89 -7.33 2.22
C SER A 75 -6.87 -5.85 2.48
N ARG A 76 -7.20 -5.48 3.68
CA ARG A 76 -7.18 -4.10 4.06
C ARG A 76 -6.10 -3.89 5.06
N PHE A 77 -5.27 -2.93 4.79
CA PHE A 77 -4.08 -2.71 5.53
C PHE A 77 -3.71 -1.24 5.50
N THR A 78 -2.84 -0.86 6.39
CA THR A 78 -2.31 0.48 6.43
C THR A 78 -0.84 0.39 6.09
N ARG A 79 -0.48 -0.76 5.60
CA ARG A 79 0.88 -1.12 5.26
C ARG A 79 0.98 -1.06 3.76
N CYS A 80 1.89 -1.79 3.22
CA CYS A 80 1.97 -1.99 1.82
C CYS A 80 1.60 -3.42 1.54
N GLY A 81 0.85 -3.63 0.52
CA GLY A 81 0.44 -4.96 0.17
C GLY A 81 0.87 -5.28 -1.23
N ALA A 82 1.34 -6.48 -1.45
CA ALA A 82 1.82 -6.90 -2.73
C ALA A 82 1.19 -8.24 -3.07
N VAL A 83 0.64 -8.35 -4.24
CA VAL A 83 -0.02 -9.54 -4.69
C VAL A 83 0.72 -10.18 -5.85
N ALA A 84 1.09 -11.42 -5.61
CA ALA A 84 1.79 -12.24 -6.56
C ALA A 84 0.85 -13.25 -7.16
N TYR A 85 1.12 -13.58 -8.38
CA TYR A 85 0.37 -14.55 -9.15
C TYR A 85 1.24 -15.75 -9.40
N ASN A 86 0.71 -16.91 -9.17
CA ASN A 86 1.38 -18.14 -9.52
C ASN A 86 0.37 -19.24 -9.67
N GLY A 87 -0.01 -19.53 -10.91
CA GLY A 87 -0.94 -20.61 -11.20
C GLY A 87 -2.26 -20.49 -10.48
N SER A 88 -2.94 -19.36 -10.69
CA SER A 88 -4.23 -19.05 -10.06
C SER A 88 -4.12 -18.82 -8.55
N LYS A 89 -2.92 -18.84 -8.02
CA LYS A 89 -2.74 -18.57 -6.61
C LYS A 89 -2.36 -17.13 -6.49
N TYR A 90 -3.15 -16.40 -5.79
CA TYR A 90 -2.93 -15.01 -5.58
C TYR A 90 -2.46 -14.85 -4.16
N GLN A 91 -1.25 -14.42 -4.01
CA GLN A 91 -0.69 -14.27 -2.69
C GLN A 91 -0.63 -12.83 -2.30
N GLY A 92 -1.36 -12.50 -1.27
CA GLY A 92 -1.30 -11.18 -0.73
C GLY A 92 -0.26 -11.12 0.37
N GLY A 93 0.82 -10.47 0.08
CA GLY A 93 1.86 -10.27 1.04
C GLY A 93 1.78 -8.87 1.58
N THR A 94 2.24 -8.65 2.77
CA THR A 94 2.10 -7.37 3.41
C THR A 94 3.30 -7.03 4.28
N GLY A 95 3.74 -5.82 4.16
CA GLY A 95 4.83 -5.30 4.92
C GLY A 95 4.63 -3.86 5.07
N LEU A 96 5.36 -3.22 5.95
CA LEU A 96 5.20 -1.77 6.18
C LEU A 96 5.61 -1.06 4.94
N THR A 97 6.71 -1.51 4.41
CA THR A 97 7.31 -0.93 3.24
C THR A 97 7.04 -1.83 2.05
N ARG A 98 7.34 -1.38 0.82
CA ARG A 98 7.09 -2.22 -0.34
C ARG A 98 8.06 -3.38 -0.31
N ARG A 99 9.30 -3.09 0.10
CA ARG A 99 10.33 -4.09 0.24
C ARG A 99 9.92 -5.19 1.19
N ALA A 100 9.34 -4.81 2.31
CA ALA A 100 8.91 -5.78 3.28
C ALA A 100 7.67 -6.50 2.79
N ALA A 101 6.84 -5.81 2.02
CA ALA A 101 5.64 -6.43 1.50
C ALA A 101 5.97 -7.44 0.45
N GLU A 102 6.88 -7.08 -0.46
CA GLU A 102 7.31 -7.97 -1.50
C GLU A 102 8.09 -9.11 -0.90
N ASP A 103 8.80 -8.83 0.19
CA ASP A 103 9.55 -9.84 0.92
C ASP A 103 8.57 -10.85 1.46
N ASP A 104 7.56 -10.36 2.13
CA ASP A 104 6.51 -11.18 2.73
C ASP A 104 5.77 -12.01 1.66
N ALA A 105 5.43 -11.35 0.57
CA ALA A 105 4.75 -11.97 -0.54
C ALA A 105 5.58 -13.10 -1.15
N VAL A 106 6.88 -12.89 -1.28
CA VAL A 106 7.75 -13.89 -1.87
C VAL A 106 8.12 -14.96 -0.82
N ASN A 107 8.04 -14.58 0.44
CA ASN A 107 8.22 -15.53 1.54
C ASN A 107 7.10 -16.53 1.52
N ARG A 108 5.93 -16.07 1.14
CA ARG A 108 4.78 -16.92 1.02
C ARG A 108 4.61 -17.53 -0.37
N LEU A 109 5.08 -16.86 -1.38
CA LEU A 109 4.87 -17.31 -2.73
C LEU A 109 6.12 -17.16 -3.58
N GLU A 110 6.58 -18.26 -4.12
CA GLU A 110 7.64 -18.28 -5.06
C GLU A 110 7.20 -19.11 -6.23
N GLY A 111 7.63 -18.75 -7.39
CA GLY A 111 7.23 -19.46 -8.58
C GLY A 111 6.50 -18.57 -9.54
N GLY A 112 6.03 -17.46 -9.01
CA GLY A 112 5.33 -16.50 -9.80
C GLY A 112 5.95 -15.15 -9.62
N ARG A 113 5.15 -14.11 -9.68
CA ARG A 113 5.67 -12.77 -9.57
C ARG A 113 4.62 -11.86 -8.99
N ILE A 114 5.08 -10.85 -8.31
CA ILE A 114 4.23 -9.82 -7.76
C ILE A 114 3.83 -8.92 -8.89
N VAL A 115 2.57 -8.92 -9.23
CA VAL A 115 2.15 -8.11 -10.34
C VAL A 115 1.35 -6.93 -9.85
N ASN A 116 0.76 -7.04 -8.67
CA ASN A 116 -0.02 -5.91 -8.17
C ASN A 116 0.48 -5.57 -6.78
N TRP A 117 0.47 -4.32 -6.40
CA TRP A 117 0.92 -3.88 -5.10
C TRP A 117 0.46 -2.45 -4.87
N ALA A 118 0.37 -2.07 -3.61
CA ALA A 118 -0.01 -0.73 -3.23
C ALA A 118 0.46 -0.48 -1.82
N CYS A 119 1.14 0.63 -1.62
CA CYS A 119 1.69 0.94 -0.32
C CYS A 119 1.00 2.14 0.27
N ASN A 120 0.66 2.06 1.52
CA ASN A 120 0.08 3.19 2.22
C ASN A 120 1.15 4.01 2.88
N PRO A 5 7.61 20.21 -44.40
CA PRO A 5 7.33 20.37 -42.99
C PRO A 5 8.16 19.38 -42.22
N THR A 6 8.24 19.50 -40.93
CA THR A 6 9.01 18.60 -40.14
C THR A 6 8.54 18.61 -38.68
N VAL A 7 8.44 17.44 -38.13
CA VAL A 7 8.13 17.25 -36.74
C VAL A 7 8.83 16.00 -36.28
N ASP A 8 9.54 16.12 -35.22
CA ASP A 8 10.36 15.03 -34.73
C ASP A 8 9.69 14.31 -33.60
N ALA A 9 9.56 13.04 -33.76
CA ALA A 9 8.94 12.20 -32.80
C ALA A 9 9.99 11.34 -32.17
N HIS A 10 10.19 11.54 -30.91
CA HIS A 10 11.22 10.90 -30.18
C HIS A 10 10.70 10.41 -28.85
N LEU A 11 11.54 9.76 -28.12
CA LEU A 11 11.17 9.16 -26.86
C LEU A 11 11.40 10.15 -25.72
N ALA A 12 10.91 9.79 -24.57
CA ALA A 12 11.07 10.56 -23.37
C ALA A 12 11.56 9.63 -22.29
N ASN A 13 12.09 10.18 -21.22
CA ASN A 13 12.59 9.37 -20.10
C ASN A 13 11.44 8.58 -19.49
N GLY A 14 11.70 7.36 -19.10
CA GLY A 14 10.68 6.54 -18.54
C GLY A 14 10.51 6.78 -17.08
N SER A 15 11.54 6.50 -16.32
CA SER A 15 11.57 6.69 -14.91
C SER A 15 12.98 6.46 -14.43
N MET A 16 13.52 7.40 -13.70
CA MET A 16 14.83 7.27 -13.16
C MET A 16 14.74 6.91 -11.70
N SER A 17 15.82 6.50 -11.12
CA SER A 17 15.81 6.11 -9.77
C SER A 17 16.28 7.25 -8.88
N GLU A 18 15.35 7.83 -8.17
CA GLU A 18 15.62 8.96 -7.29
C GLU A 18 16.03 8.48 -5.90
N VAL A 19 16.68 7.30 -5.88
CA VAL A 19 17.15 6.63 -4.68
C VAL A 19 17.97 7.56 -3.80
N MET A 20 17.80 7.40 -2.54
CA MET A 20 18.45 8.23 -1.57
C MET A 20 19.71 7.57 -1.07
N MET A 21 20.53 8.32 -0.40
CA MET A 21 21.78 7.83 0.14
C MET A 21 21.57 7.12 1.46
N SER A 22 22.66 6.79 2.12
CA SER A 22 22.60 6.03 3.35
C SER A 22 22.06 6.84 4.54
N GLU A 23 20.76 6.97 4.64
CA GLU A 23 20.14 7.56 5.79
C GLU A 23 19.87 6.46 6.81
N ILE A 24 20.87 6.18 7.59
CA ILE A 24 20.81 5.10 8.55
C ILE A 24 20.55 5.65 9.96
N ALA A 25 19.37 5.40 10.45
CA ALA A 25 19.00 5.80 11.79
C ALA A 25 18.11 4.74 12.39
N GLY A 26 17.86 4.83 13.68
CA GLY A 26 17.00 3.88 14.33
C GLY A 26 15.70 4.54 14.58
N LEU A 27 15.72 5.79 14.26
CA LEU A 27 14.64 6.66 14.39
C LEU A 27 14.44 7.32 13.05
N PRO A 28 13.72 6.66 12.15
CA PRO A 28 13.50 7.18 10.82
C PRO A 28 12.25 8.03 10.77
N ILE A 29 12.10 8.77 9.71
CA ILE A 29 10.91 9.53 9.46
C ILE A 29 9.92 8.59 8.78
N PRO A 30 8.89 8.12 9.50
CA PRO A 30 7.95 7.15 8.98
C PRO A 30 7.00 7.78 7.96
N PRO A 31 6.33 6.96 7.14
CA PRO A 31 5.33 7.46 6.22
C PRO A 31 4.05 7.80 6.97
N ILE A 32 3.18 8.49 6.31
CA ILE A 32 1.90 8.78 6.89
C ILE A 32 1.07 7.53 6.75
N ILE A 33 0.81 6.86 7.85
CA ILE A 33 0.06 5.62 7.83
C ILE A 33 -1.35 5.84 7.31
N HIS A 34 -1.59 5.30 6.16
CA HIS A 34 -2.88 5.40 5.54
C HIS A 34 -3.60 4.08 5.65
N TYR A 35 -4.77 4.01 5.10
CA TYR A 35 -5.56 2.81 5.19
C TYR A 35 -5.94 2.43 3.79
N GLY A 36 -5.83 1.18 3.47
CA GLY A 36 -6.13 0.73 2.16
C GLY A 36 -6.67 -0.65 2.18
N ALA A 37 -6.98 -1.15 1.02
CA ALA A 37 -7.54 -2.44 0.88
C ALA A 37 -7.34 -2.92 -0.52
N ILE A 38 -7.28 -4.20 -0.66
CA ILE A 38 -7.18 -4.83 -1.96
C ILE A 38 -8.24 -5.90 -2.06
N ALA A 39 -9.08 -5.76 -3.05
CA ALA A 39 -10.14 -6.69 -3.28
C ALA A 39 -9.70 -7.58 -4.38
N TYR A 40 -9.64 -8.82 -4.11
CA TYR A 40 -9.26 -9.74 -5.10
C TYR A 40 -10.14 -10.95 -4.93
N ALA A 41 -11.10 -11.05 -5.79
CA ALA A 41 -12.09 -12.09 -5.70
C ALA A 41 -11.55 -13.35 -6.36
N PRO A 42 -11.99 -14.54 -5.91
CA PRO A 42 -11.56 -15.85 -6.47
C PRO A 42 -11.95 -16.01 -7.96
N SER A 43 -12.69 -15.05 -8.45
CA SER A 43 -13.10 -14.98 -9.83
C SER A 43 -11.90 -14.49 -10.69
N GLY A 44 -10.97 -13.79 -10.04
CA GLY A 44 -9.85 -13.22 -10.76
C GLY A 44 -9.94 -11.72 -10.78
N ALA A 45 -11.06 -11.22 -10.27
CA ALA A 45 -11.34 -9.79 -10.20
C ALA A 45 -10.36 -9.11 -9.28
N SER A 46 -9.65 -8.14 -9.80
CA SER A 46 -8.61 -7.45 -9.08
C SER A 46 -9.02 -6.00 -8.81
N GLY A 47 -8.70 -5.49 -7.64
CA GLY A 47 -8.91 -4.11 -7.32
C GLY A 47 -8.09 -3.72 -6.13
N LYS A 48 -7.59 -2.51 -6.11
CA LYS A 48 -6.72 -2.06 -5.04
C LYS A 48 -6.94 -0.60 -4.76
N ALA A 49 -6.81 -0.21 -3.52
CA ALA A 49 -6.96 1.16 -3.13
C ALA A 49 -6.11 1.41 -1.92
N TRP A 50 -5.41 2.49 -1.93
CA TRP A 50 -4.49 2.81 -0.90
C TRP A 50 -4.39 4.32 -0.78
N HIS A 51 -3.88 4.79 0.35
CA HIS A 51 -3.70 6.24 0.62
C HIS A 51 -5.01 6.97 0.95
N GLN A 52 -6.01 6.24 1.40
CA GLN A 52 -7.26 6.87 1.79
C GLN A 52 -7.20 7.25 3.24
N ARG A 53 -8.06 8.16 3.63
CA ARG A 53 -8.06 8.68 4.98
C ARG A 53 -9.05 7.92 5.83
N THR A 54 -9.95 7.22 5.20
CA THR A 54 -10.94 6.47 5.89
C THR A 54 -10.98 5.03 5.39
N PRO A 55 -10.87 4.05 6.32
CA PRO A 55 -10.91 2.62 5.98
C PRO A 55 -12.14 2.23 5.16
N ALA A 56 -13.29 2.83 5.49
CA ALA A 56 -14.54 2.53 4.78
C ALA A 56 -14.46 2.98 3.34
N ARG A 57 -13.89 4.16 3.13
CA ARG A 57 -13.76 4.69 1.81
C ARG A 57 -12.70 3.92 1.05
N ALA A 58 -11.64 3.56 1.74
CA ALA A 58 -10.56 2.76 1.16
C ALA A 58 -11.10 1.45 0.61
N GLU A 59 -11.90 0.76 1.40
CA GLU A 59 -12.48 -0.49 0.95
C GLU A 59 -13.44 -0.26 -0.19
N GLN A 60 -14.25 0.80 -0.10
CA GLN A 60 -15.17 1.12 -1.19
C GLN A 60 -14.43 1.31 -2.51
N VAL A 61 -13.28 1.97 -2.46
CA VAL A 61 -12.49 2.18 -3.65
C VAL A 61 -11.87 0.84 -4.12
N ALA A 62 -11.54 -0.03 -3.16
CA ALA A 62 -11.02 -1.36 -3.49
C ALA A 62 -12.09 -2.19 -4.23
N LEU A 63 -13.29 -2.25 -3.66
CA LEU A 63 -14.40 -2.95 -4.29
C LEU A 63 -14.75 -2.31 -5.66
N GLU A 64 -14.69 -0.96 -5.71
CA GLU A 64 -14.89 -0.18 -6.93
C GLU A 64 -13.98 -0.70 -8.05
N LYS A 65 -12.69 -0.74 -7.76
CA LYS A 65 -11.69 -1.14 -8.70
C LYS A 65 -11.72 -2.61 -9.02
N CYS A 66 -12.14 -3.42 -8.07
CA CYS A 66 -12.30 -4.83 -8.32
C CYS A 66 -13.42 -5.00 -9.32
N GLY A 67 -14.49 -4.31 -9.06
CA GLY A 67 -15.59 -4.31 -9.95
C GLY A 67 -16.85 -4.64 -9.24
N ASP A 68 -16.79 -5.58 -8.35
CA ASP A 68 -17.99 -6.01 -7.68
C ASP A 68 -18.07 -5.43 -6.30
N LYS A 69 -19.25 -4.98 -5.94
CA LYS A 69 -19.53 -4.34 -4.65
C LYS A 69 -19.20 -5.30 -3.53
N THR A 70 -19.50 -6.52 -3.80
CA THR A 70 -19.28 -7.55 -2.86
C THR A 70 -18.14 -8.49 -3.30
N CYS A 71 -17.13 -7.95 -4.07
CA CYS A 71 -15.93 -8.71 -4.44
C CYS A 71 -15.36 -9.41 -3.23
N LYS A 72 -15.63 -10.68 -3.16
CA LYS A 72 -15.36 -11.48 -2.01
C LYS A 72 -13.87 -11.61 -1.74
N VAL A 73 -13.55 -11.50 -0.46
CA VAL A 73 -12.20 -11.56 0.10
C VAL A 73 -11.46 -10.26 -0.18
N VAL A 74 -11.90 -9.22 0.47
CA VAL A 74 -11.26 -7.94 0.40
C VAL A 74 -10.35 -7.78 1.62
N SER A 75 -9.08 -7.74 1.36
CA SER A 75 -8.10 -7.65 2.39
C SER A 75 -7.86 -6.19 2.75
N ARG A 76 -8.01 -5.88 4.01
CA ARG A 76 -7.81 -4.54 4.49
C ARG A 76 -6.45 -4.49 5.13
N PHE A 77 -5.70 -3.46 4.86
CA PHE A 77 -4.38 -3.33 5.42
C PHE A 77 -3.96 -1.87 5.47
N THR A 78 -3.14 -1.58 6.41
CA THR A 78 -2.61 -0.25 6.59
C THR A 78 -1.10 -0.30 6.39
N ARG A 79 -0.68 -1.38 5.80
CA ARG A 79 0.70 -1.64 5.44
C ARG A 79 0.80 -1.56 3.94
N CYS A 80 1.83 -2.13 3.41
CA CYS A 80 1.94 -2.30 2.01
C CYS A 80 1.69 -3.76 1.72
N GLY A 81 0.97 -4.01 0.68
CA GLY A 81 0.68 -5.34 0.29
C GLY A 81 1.13 -5.59 -1.12
N ALA A 82 1.79 -6.71 -1.33
CA ALA A 82 2.32 -7.07 -2.62
C ALA A 82 1.81 -8.44 -3.00
N VAL A 83 1.23 -8.55 -4.15
CA VAL A 83 0.66 -9.78 -4.60
C VAL A 83 1.50 -10.40 -5.71
N ALA A 84 1.90 -11.61 -5.48
CA ALA A 84 2.67 -12.39 -6.39
C ALA A 84 1.81 -13.51 -6.95
N TYR A 85 1.97 -13.76 -8.23
CA TYR A 85 1.15 -14.72 -8.95
C TYR A 85 1.98 -15.91 -9.40
N ASN A 86 1.49 -17.10 -9.14
CA ASN A 86 2.06 -18.30 -9.72
C ASN A 86 0.94 -19.26 -10.02
N GLY A 87 0.90 -19.77 -11.23
CA GLY A 87 -0.14 -20.71 -11.64
C GLY A 87 -1.55 -20.14 -11.49
N SER A 88 -1.67 -18.83 -11.66
CA SER A 88 -2.92 -18.08 -11.57
C SER A 88 -3.42 -18.01 -10.09
N LYS A 89 -2.55 -18.39 -9.16
CA LYS A 89 -2.84 -18.30 -7.74
C LYS A 89 -2.20 -17.05 -7.19
N TYR A 90 -2.75 -16.51 -6.14
CA TYR A 90 -2.34 -15.23 -5.63
C TYR A 90 -1.89 -15.30 -4.18
N GLN A 91 -0.69 -14.82 -3.92
CA GLN A 91 -0.18 -14.67 -2.56
C GLN A 91 -0.05 -13.21 -2.25
N GLY A 92 -0.60 -12.80 -1.13
CA GLY A 92 -0.52 -11.44 -0.71
C GLY A 92 0.46 -11.27 0.41
N GLY A 93 1.57 -10.63 0.12
CA GLY A 93 2.57 -10.37 1.11
C GLY A 93 2.37 -9.01 1.70
N THR A 94 2.89 -8.78 2.86
CA THR A 94 2.64 -7.55 3.58
C THR A 94 3.84 -7.07 4.37
N GLY A 95 4.07 -5.80 4.34
CA GLY A 95 5.14 -5.17 5.09
C GLY A 95 4.87 -3.71 5.15
N LEU A 96 5.50 -2.99 6.04
CA LEU A 96 5.26 -1.53 6.12
C LEU A 96 5.91 -0.79 4.98
N THR A 97 6.97 -1.31 4.51
CA THR A 97 7.66 -0.73 3.40
C THR A 97 7.38 -1.56 2.17
N ARG A 98 7.57 -0.99 0.99
CA ARG A 98 7.34 -1.74 -0.24
C ARG A 98 8.35 -2.88 -0.33
N ARG A 99 9.54 -2.63 0.25
CA ARG A 99 10.61 -3.61 0.28
C ARG A 99 10.26 -4.78 1.18
N ALA A 100 9.71 -4.50 2.33
CA ALA A 100 9.34 -5.55 3.25
C ALA A 100 8.14 -6.31 2.76
N ALA A 101 7.26 -5.63 2.06
CA ALA A 101 6.08 -6.26 1.53
C ALA A 101 6.43 -7.21 0.40
N GLU A 102 7.29 -6.75 -0.51
CA GLU A 102 7.73 -7.57 -1.61
C GLU A 102 8.54 -8.73 -1.08
N ASP A 103 9.30 -8.47 -0.01
CA ASP A 103 10.07 -9.49 0.65
C ASP A 103 9.15 -10.56 1.18
N ASP A 104 8.17 -10.15 1.92
CA ASP A 104 7.21 -11.07 2.55
C ASP A 104 6.48 -11.90 1.49
N ALA A 105 6.08 -11.21 0.42
CA ALA A 105 5.39 -11.82 -0.69
C ALA A 105 6.23 -12.90 -1.34
N VAL A 106 7.49 -12.61 -1.60
CA VAL A 106 8.37 -13.56 -2.27
C VAL A 106 8.85 -14.65 -1.28
N ASN A 107 8.79 -14.34 -0.01
CA ASN A 107 9.07 -15.32 1.04
C ASN A 107 7.99 -16.38 1.05
N ARG A 108 6.78 -15.97 0.74
CA ARG A 108 5.70 -16.93 0.68
C ARG A 108 5.35 -17.36 -0.74
N LEU A 109 5.86 -16.67 -1.70
CA LEU A 109 5.56 -17.00 -3.08
C LEU A 109 6.81 -16.91 -3.94
N GLU A 110 7.23 -18.03 -4.42
CA GLU A 110 8.23 -18.11 -5.43
C GLU A 110 7.63 -18.91 -6.57
N GLY A 111 8.29 -18.95 -7.66
CA GLY A 111 7.79 -19.67 -8.81
C GLY A 111 7.05 -18.75 -9.76
N GLY A 112 6.60 -17.64 -9.22
CA GLY A 112 5.97 -16.63 -10.00
C GLY A 112 6.65 -15.32 -9.74
N ARG A 113 5.90 -14.25 -9.64
CA ARG A 113 6.48 -12.95 -9.36
C ARG A 113 5.41 -11.98 -8.90
N ILE A 114 5.84 -10.95 -8.21
CA ILE A 114 4.98 -9.90 -7.69
C ILE A 114 4.55 -9.03 -8.84
N VAL A 115 3.28 -8.97 -9.10
CA VAL A 115 2.81 -8.12 -10.17
C VAL A 115 1.87 -7.06 -9.65
N ASN A 116 1.37 -7.25 -8.44
CA ASN A 116 0.50 -6.22 -7.88
C ASN A 116 1.07 -5.78 -6.56
N TRP A 117 0.92 -4.53 -6.23
CA TRP A 117 1.36 -4.01 -4.96
C TRP A 117 0.70 -2.67 -4.72
N ALA A 118 0.48 -2.37 -3.47
CA ALA A 118 -0.09 -1.12 -3.05
C ALA A 118 0.32 -0.86 -1.62
N CYS A 119 0.86 0.29 -1.36
CA CYS A 119 1.39 0.60 -0.06
C CYS A 119 0.63 1.71 0.60
N ASN A 120 0.40 1.57 1.88
CA ASN A 120 -0.22 2.64 2.64
C ASN A 120 0.80 3.26 3.56
N PRO A 5 29.22 -2.49 -1.08
CA PRO A 5 28.64 -1.65 -2.09
C PRO A 5 29.70 -1.35 -3.09
N THR A 6 29.33 -0.96 -4.27
CA THR A 6 30.27 -0.72 -5.29
C THR A 6 30.19 0.71 -5.77
N VAL A 7 31.16 1.50 -5.41
CA VAL A 7 31.27 2.82 -5.95
C VAL A 7 32.45 2.86 -6.88
N ASP A 8 32.24 3.38 -8.04
CA ASP A 8 33.29 3.43 -9.02
C ASP A 8 34.09 4.70 -8.90
N ALA A 9 35.38 4.55 -8.90
CA ALA A 9 36.28 5.65 -8.79
C ALA A 9 36.96 5.88 -10.13
N HIS A 10 36.69 7.01 -10.70
CA HIS A 10 37.25 7.41 -11.95
C HIS A 10 38.01 8.70 -11.68
N LEU A 11 38.49 9.35 -12.68
CA LEU A 11 39.19 10.58 -12.52
C LEU A 11 38.19 11.74 -12.45
N ALA A 12 38.69 12.93 -12.18
CA ALA A 12 37.90 14.15 -12.05
C ALA A 12 36.97 14.11 -10.84
N ASN A 13 36.13 15.12 -10.71
CA ASN A 13 35.17 15.22 -9.61
C ASN A 13 34.25 14.02 -9.58
N GLY A 14 34.19 13.38 -8.44
CA GLY A 14 33.38 12.20 -8.29
C GLY A 14 32.89 12.02 -6.89
N SER A 15 33.72 12.37 -5.91
CA SER A 15 33.37 12.25 -4.53
C SER A 15 32.27 13.25 -4.20
N MET A 16 31.09 12.77 -4.09
CA MET A 16 29.95 13.60 -3.85
C MET A 16 29.83 13.94 -2.41
N SER A 17 29.42 15.13 -2.16
CA SER A 17 29.17 15.54 -0.83
C SER A 17 27.72 15.28 -0.55
N GLU A 18 27.45 14.33 0.31
CA GLU A 18 26.09 13.94 0.61
C GLU A 18 25.50 14.82 1.67
N VAL A 19 25.59 16.08 1.40
CA VAL A 19 25.00 17.10 2.20
C VAL A 19 23.53 17.19 1.85
N MET A 20 22.79 17.99 2.60
CA MET A 20 21.34 18.13 2.47
C MET A 20 20.67 16.84 2.88
N MET A 21 20.33 16.77 4.12
CA MET A 21 19.74 15.60 4.70
C MET A 21 18.24 15.70 4.52
N SER A 22 17.53 14.64 4.82
CA SER A 22 16.09 14.70 4.76
C SER A 22 15.62 15.61 5.89
N GLU A 23 14.83 16.59 5.55
CA GLU A 23 14.34 17.52 6.53
C GLU A 23 13.17 16.94 7.27
N ILE A 24 13.50 16.34 8.36
CA ILE A 24 12.56 15.79 9.28
C ILE A 24 13.12 16.07 10.67
N ALA A 25 12.33 16.65 11.51
CA ALA A 25 12.74 17.05 12.85
C ALA A 25 13.13 15.84 13.69
N GLY A 26 14.10 16.04 14.56
CA GLY A 26 14.57 14.99 15.46
C GLY A 26 13.52 14.65 16.48
N LEU A 27 12.63 15.57 16.71
CA LEU A 27 11.52 15.35 17.60
C LEU A 27 10.48 14.55 16.82
N PRO A 28 10.07 13.40 17.38
CA PRO A 28 9.25 12.40 16.67
C PRO A 28 8.00 12.97 16.00
N ILE A 29 7.93 12.73 14.71
CA ILE A 29 6.83 13.11 13.89
C ILE A 29 6.14 11.83 13.43
N PRO A 30 4.87 11.65 13.74
CA PRO A 30 4.11 10.51 13.27
C PRO A 30 3.90 10.59 11.75
N PRO A 31 4.26 9.53 11.00
CA PRO A 31 4.06 9.51 9.56
C PRO A 31 2.58 9.43 9.22
N ILE A 32 2.23 9.72 8.00
CA ILE A 32 0.87 9.64 7.59
C ILE A 32 0.55 8.21 7.12
N ILE A 33 -0.03 7.44 8.00
CA ILE A 33 -0.47 6.12 7.70
C ILE A 33 -1.80 6.20 7.01
N HIS A 34 -1.85 5.71 5.81
CA HIS A 34 -3.07 5.67 5.08
C HIS A 34 -3.65 4.31 5.13
N TYR A 35 -4.87 4.19 4.71
CA TYR A 35 -5.53 2.94 4.74
C TYR A 35 -5.86 2.57 3.31
N GLY A 36 -5.65 1.34 2.97
CA GLY A 36 -5.91 0.89 1.66
C GLY A 36 -6.34 -0.54 1.66
N ALA A 37 -6.52 -1.08 0.48
CA ALA A 37 -6.95 -2.43 0.32
C ALA A 37 -6.75 -2.86 -1.11
N ILE A 38 -6.52 -4.13 -1.28
CA ILE A 38 -6.43 -4.72 -2.57
C ILE A 38 -7.42 -5.85 -2.64
N ALA A 39 -8.35 -5.72 -3.53
CA ALA A 39 -9.39 -6.69 -3.70
C ALA A 39 -9.03 -7.58 -4.85
N TYR A 40 -9.27 -8.84 -4.72
CA TYR A 40 -9.03 -9.72 -5.80
C TYR A 40 -9.96 -10.89 -5.64
N ALA A 41 -10.99 -10.90 -6.41
CA ALA A 41 -12.01 -11.91 -6.33
C ALA A 41 -11.68 -13.06 -7.26
N PRO A 42 -12.17 -14.29 -6.94
CA PRO A 42 -11.98 -15.49 -7.80
C PRO A 42 -12.63 -15.34 -9.19
N SER A 43 -13.34 -14.25 -9.36
CA SER A 43 -13.95 -13.86 -10.61
C SER A 43 -12.87 -13.33 -11.56
N GLY A 44 -11.70 -13.06 -11.03
CA GLY A 44 -10.63 -12.54 -11.83
C GLY A 44 -10.70 -11.05 -11.89
N ALA A 45 -11.31 -10.50 -10.88
CA ALA A 45 -11.47 -9.08 -10.76
C ALA A 45 -10.47 -8.56 -9.73
N SER A 46 -9.73 -7.55 -10.10
CA SER A 46 -8.76 -6.95 -9.22
C SER A 46 -9.16 -5.53 -8.82
N GLY A 47 -8.89 -5.18 -7.59
CA GLY A 47 -9.13 -3.88 -7.09
C GLY A 47 -7.92 -3.41 -6.34
N LYS A 48 -7.63 -2.15 -6.43
CA LYS A 48 -6.42 -1.61 -5.86
C LYS A 48 -6.78 -0.25 -5.25
N ALA A 49 -6.54 -0.04 -3.97
CA ALA A 49 -6.89 1.22 -3.37
C ALA A 49 -5.96 1.52 -2.24
N TRP A 50 -5.53 2.76 -2.14
CA TRP A 50 -4.65 3.18 -1.11
C TRP A 50 -4.72 4.69 -0.96
N HIS A 51 -4.20 5.23 0.14
CA HIS A 51 -4.22 6.67 0.44
C HIS A 51 -5.59 7.20 0.86
N GLN A 52 -6.44 6.31 1.33
CA GLN A 52 -7.72 6.70 1.89
C GLN A 52 -7.54 6.96 3.36
N ARG A 53 -8.41 7.75 3.94
CA ARG A 53 -8.27 8.13 5.34
C ARG A 53 -9.25 7.35 6.22
N THR A 54 -10.06 6.54 5.62
CA THR A 54 -10.93 5.67 6.34
C THR A 54 -10.82 4.26 5.79
N PRO A 55 -10.45 3.28 6.65
CA PRO A 55 -10.24 1.87 6.24
C PRO A 55 -11.44 1.28 5.51
N ALA A 56 -12.62 1.60 6.00
CA ALA A 56 -13.85 1.14 5.40
C ALA A 56 -13.98 1.68 3.98
N ARG A 57 -13.69 2.96 3.81
CA ARG A 57 -13.80 3.58 2.50
C ARG A 57 -12.74 3.05 1.59
N ALA A 58 -11.57 2.81 2.14
CA ALA A 58 -10.45 2.23 1.41
C ALA A 58 -10.85 0.89 0.81
N GLU A 59 -11.48 0.07 1.64
CA GLU A 59 -11.94 -1.22 1.24
C GLU A 59 -13.00 -1.08 0.16
N GLN A 60 -13.94 -0.16 0.37
CA GLN A 60 -15.01 0.11 -0.59
C GLN A 60 -14.47 0.57 -1.94
N VAL A 61 -13.45 1.43 -1.91
CA VAL A 61 -12.80 1.88 -3.14
C VAL A 61 -12.16 0.68 -3.82
N ALA A 62 -11.55 -0.20 -3.04
CA ALA A 62 -10.93 -1.40 -3.58
C ALA A 62 -11.98 -2.32 -4.20
N LEU A 63 -13.12 -2.41 -3.53
CA LEU A 63 -14.25 -3.20 -4.00
C LEU A 63 -14.79 -2.62 -5.30
N GLU A 64 -14.83 -1.30 -5.37
CA GLU A 64 -15.29 -0.59 -6.55
C GLU A 64 -14.31 -0.79 -7.70
N LYS A 65 -13.02 -0.76 -7.39
CA LYS A 65 -11.98 -1.02 -8.37
C LYS A 65 -12.09 -2.45 -8.87
N CYS A 66 -12.39 -3.35 -7.96
CA CYS A 66 -12.58 -4.74 -8.29
C CYS A 66 -13.80 -4.88 -9.18
N GLY A 67 -14.87 -4.28 -8.74
CA GLY A 67 -16.07 -4.31 -9.50
C GLY A 67 -17.19 -4.90 -8.70
N ASP A 68 -16.88 -5.81 -7.79
CA ASP A 68 -17.93 -6.52 -7.09
C ASP A 68 -18.10 -5.93 -5.72
N LYS A 69 -19.35 -5.71 -5.32
CA LYS A 69 -19.68 -5.15 -4.01
C LYS A 69 -19.10 -5.99 -2.91
N THR A 70 -19.22 -7.25 -3.07
CA THR A 70 -18.74 -8.18 -2.10
C THR A 70 -17.47 -8.89 -2.61
N CYS A 71 -16.66 -8.18 -3.46
CA CYS A 71 -15.37 -8.70 -3.92
C CYS A 71 -14.56 -9.20 -2.71
N LYS A 72 -14.47 -10.51 -2.60
CA LYS A 72 -13.87 -11.12 -1.44
C LYS A 72 -12.40 -11.38 -1.65
N VAL A 73 -11.74 -11.80 -0.57
CA VAL A 73 -10.27 -12.05 -0.53
C VAL A 73 -9.56 -10.67 -0.59
N VAL A 74 -10.34 -9.65 -0.30
CA VAL A 74 -9.87 -8.31 -0.26
C VAL A 74 -8.98 -8.11 0.95
N SER A 75 -7.76 -7.82 0.70
CA SER A 75 -6.82 -7.63 1.75
C SER A 75 -6.81 -6.17 2.11
N ARG A 76 -7.06 -5.88 3.35
CA ARG A 76 -7.08 -4.54 3.84
C ARG A 76 -5.76 -4.32 4.55
N PHE A 77 -5.09 -3.25 4.23
CA PHE A 77 -3.82 -2.99 4.82
C PHE A 77 -3.54 -1.52 4.90
N THR A 78 -2.80 -1.16 5.89
CA THR A 78 -2.34 0.21 6.07
C THR A 78 -0.86 0.23 5.78
N ARG A 79 -0.40 -0.91 5.35
CA ARG A 79 0.97 -1.16 5.01
C ARG A 79 1.07 -1.03 3.49
N CYS A 80 2.05 -1.67 2.95
CA CYS A 80 2.13 -1.85 1.57
C CYS A 80 1.74 -3.30 1.33
N GLY A 81 1.02 -3.54 0.30
CA GLY A 81 0.61 -4.88 -0.01
C GLY A 81 1.09 -5.26 -1.37
N ALA A 82 1.66 -6.43 -1.49
CA ALA A 82 2.24 -6.88 -2.72
C ALA A 82 1.69 -8.23 -3.10
N VAL A 83 1.15 -8.33 -4.27
CA VAL A 83 0.53 -9.53 -4.74
C VAL A 83 1.37 -10.22 -5.80
N ALA A 84 1.73 -11.44 -5.49
CA ALA A 84 2.47 -12.31 -6.36
C ALA A 84 1.53 -13.25 -7.05
N TYR A 85 1.85 -13.51 -8.28
CA TYR A 85 1.07 -14.35 -9.17
C TYR A 85 1.86 -15.60 -9.42
N ASN A 86 1.27 -16.73 -9.12
CA ASN A 86 1.92 -17.97 -9.37
C ASN A 86 0.92 -19.02 -9.86
N GLY A 87 0.89 -19.22 -11.16
CA GLY A 87 0.02 -20.22 -11.76
C GLY A 87 -1.45 -19.97 -11.45
N SER A 88 -1.88 -18.73 -11.63
CA SER A 88 -3.25 -18.27 -11.38
C SER A 88 -3.57 -18.16 -9.88
N LYS A 89 -2.60 -18.45 -9.04
CA LYS A 89 -2.79 -18.28 -7.62
C LYS A 89 -2.16 -16.98 -7.22
N TYR A 90 -2.79 -16.28 -6.32
CA TYR A 90 -2.35 -14.97 -5.92
C TYR A 90 -2.08 -14.96 -4.44
N GLN A 91 -0.99 -14.37 -4.06
CA GLN A 91 -0.67 -14.26 -2.66
C GLN A 91 -0.34 -12.81 -2.37
N GLY A 92 -1.14 -12.20 -1.54
CA GLY A 92 -0.91 -10.84 -1.15
C GLY A 92 -0.11 -10.75 0.13
N GLY A 93 1.10 -10.30 0.01
CA GLY A 93 1.97 -10.11 1.15
C GLY A 93 1.89 -8.69 1.61
N THR A 94 2.30 -8.42 2.81
CA THR A 94 2.17 -7.09 3.36
C THR A 94 3.37 -6.73 4.22
N GLY A 95 3.73 -5.49 4.16
CA GLY A 95 4.80 -4.97 4.95
C GLY A 95 4.70 -3.50 4.91
N LEU A 96 5.11 -2.83 5.95
CA LEU A 96 5.07 -1.36 6.02
C LEU A 96 5.74 -0.71 4.81
N THR A 97 6.84 -1.26 4.41
CA THR A 97 7.57 -0.76 3.29
C THR A 97 7.31 -1.68 2.10
N ARG A 98 7.57 -1.21 0.88
CA ARG A 98 7.36 -2.05 -0.29
C ARG A 98 8.26 -3.26 -0.24
N ARG A 99 9.52 -3.06 0.19
CA ARG A 99 10.48 -4.13 0.29
C ARG A 99 10.05 -5.17 1.28
N ALA A 100 9.45 -4.74 2.38
CA ALA A 100 8.97 -5.67 3.38
C ALA A 100 7.73 -6.38 2.91
N ALA A 101 6.91 -5.69 2.14
CA ALA A 101 5.70 -6.27 1.63
C ALA A 101 6.00 -7.34 0.62
N GLU A 102 6.89 -7.01 -0.32
CA GLU A 102 7.30 -7.95 -1.32
C GLU A 102 8.07 -9.08 -0.70
N ASP A 103 8.79 -8.78 0.37
CA ASP A 103 9.51 -9.78 1.14
C ASP A 103 8.53 -10.78 1.70
N ASP A 104 7.51 -10.28 2.36
CA ASP A 104 6.48 -11.10 2.98
C ASP A 104 5.74 -11.94 1.94
N ALA A 105 5.42 -11.28 0.83
CA ALA A 105 4.74 -11.92 -0.28
C ALA A 105 5.54 -13.08 -0.84
N VAL A 106 6.81 -12.88 -1.08
CA VAL A 106 7.67 -13.89 -1.68
C VAL A 106 8.10 -14.92 -0.64
N ASN A 107 8.03 -14.54 0.60
CA ASN A 107 8.26 -15.47 1.69
C ASN A 107 7.13 -16.46 1.76
N ARG A 108 5.94 -15.98 1.53
CA ARG A 108 4.78 -16.83 1.57
C ARG A 108 4.49 -17.48 0.21
N LEU A 109 4.96 -16.86 -0.85
CA LEU A 109 4.76 -17.39 -2.19
C LEU A 109 6.09 -17.48 -2.93
N GLU A 110 6.45 -18.68 -3.35
CA GLU A 110 7.65 -18.91 -4.08
C GLU A 110 7.32 -19.48 -5.42
N GLY A 111 8.09 -19.11 -6.40
CA GLY A 111 7.90 -19.59 -7.75
C GLY A 111 7.22 -18.56 -8.60
N GLY A 112 6.47 -17.71 -7.97
CA GLY A 112 5.77 -16.68 -8.67
C GLY A 112 6.46 -15.37 -8.52
N ARG A 113 5.86 -14.33 -9.04
CA ARG A 113 6.45 -13.02 -9.02
C ARG A 113 5.40 -12.02 -8.67
N ILE A 114 5.82 -11.02 -7.95
CA ILE A 114 4.98 -9.94 -7.52
C ILE A 114 4.75 -9.00 -8.66
N VAL A 115 3.53 -8.92 -9.10
CA VAL A 115 3.24 -8.05 -10.22
C VAL A 115 2.29 -6.97 -9.82
N ASN A 116 1.62 -7.14 -8.69
CA ASN A 116 0.75 -6.08 -8.20
C ASN A 116 1.24 -5.68 -6.84
N TRP A 117 1.15 -4.41 -6.51
CA TRP A 117 1.50 -3.91 -5.19
C TRP A 117 1.04 -2.49 -5.06
N ALA A 118 0.78 -2.09 -3.84
CA ALA A 118 0.38 -0.73 -3.55
C ALA A 118 0.74 -0.41 -2.13
N CYS A 119 1.30 0.73 -1.90
CA CYS A 119 1.77 1.08 -0.59
C CYS A 119 1.00 2.25 -0.03
N ASN A 120 0.63 2.15 1.23
CA ASN A 120 -0.02 3.27 1.91
C ASN A 120 1.01 4.07 2.67
N PRO A 5 -30.72 31.93 -20.03
CA PRO A 5 -31.14 30.69 -19.43
C PRO A 5 -30.35 30.50 -18.17
N THR A 6 -30.81 29.63 -17.30
CA THR A 6 -30.16 29.41 -16.04
C THR A 6 -28.93 28.48 -16.22
N VAL A 7 -27.76 29.05 -16.15
CA VAL A 7 -26.53 28.28 -16.29
C VAL A 7 -25.85 28.13 -14.94
N ASP A 8 -24.89 27.26 -14.86
CA ASP A 8 -24.17 27.03 -13.62
C ASP A 8 -22.68 27.16 -13.86
N ALA A 9 -21.94 27.50 -12.82
CA ALA A 9 -20.52 27.69 -12.89
C ALA A 9 -19.83 26.34 -12.77
N HIS A 10 -18.60 26.32 -12.36
CA HIS A 10 -17.86 25.11 -12.28
C HIS A 10 -16.72 25.28 -11.30
N LEU A 11 -16.09 24.19 -11.00
CA LEU A 11 -14.93 24.18 -10.19
C LEU A 11 -13.74 24.35 -11.10
N ALA A 12 -12.80 25.13 -10.67
CA ALA A 12 -11.64 25.37 -11.45
C ALA A 12 -10.50 24.54 -10.90
N ASN A 13 -9.43 24.48 -11.65
CA ASN A 13 -8.27 23.76 -11.19
C ASN A 13 -7.61 24.62 -10.13
N GLY A 14 -7.18 24.01 -9.06
CA GLY A 14 -6.56 24.74 -8.02
C GLY A 14 -5.12 25.02 -8.34
N SER A 15 -4.37 25.24 -7.36
CA SER A 15 -2.99 25.51 -7.52
C SER A 15 -2.20 24.37 -6.93
N MET A 16 -1.43 23.71 -7.77
CA MET A 16 -0.61 22.59 -7.34
C MET A 16 0.31 22.97 -6.21
N SER A 17 0.33 22.15 -5.24
CA SER A 17 1.07 22.41 -4.05
C SER A 17 2.08 21.30 -3.78
N GLU A 18 3.33 21.64 -3.83
CA GLU A 18 4.38 20.69 -3.55
C GLU A 18 4.73 20.77 -2.09
N VAL A 19 3.70 20.59 -1.28
CA VAL A 19 3.83 20.59 0.15
C VAL A 19 4.74 19.47 0.60
N MET A 20 5.63 19.80 1.47
CA MET A 20 6.67 18.91 1.88
C MET A 20 6.80 18.87 3.40
N MET A 21 7.68 18.02 3.89
CA MET A 21 7.88 17.84 5.34
C MET A 21 8.50 19.08 5.96
N SER A 22 8.45 19.15 7.26
CA SER A 22 9.02 20.26 8.01
C SER A 22 10.56 20.17 7.99
N GLU A 23 11.23 21.25 8.33
CA GLU A 23 12.66 21.28 8.35
C GLU A 23 13.21 20.68 9.64
N ILE A 24 13.33 19.35 9.63
CA ILE A 24 13.83 18.54 10.74
C ILE A 24 13.11 18.83 12.06
N ALA A 25 12.01 18.13 12.26
CA ALA A 25 11.20 18.32 13.45
C ALA A 25 11.85 17.63 14.63
N GLY A 26 11.68 18.19 15.80
CA GLY A 26 12.27 17.62 16.99
C GLY A 26 11.67 16.27 17.29
N LEU A 27 10.39 16.18 17.15
CA LEU A 27 9.71 14.93 17.34
C LEU A 27 9.80 14.11 16.06
N PRO A 28 9.93 12.77 16.19
CA PRO A 28 10.03 11.89 15.04
C PRO A 28 8.79 11.94 14.15
N ILE A 29 9.01 11.98 12.86
CA ILE A 29 7.93 12.00 11.91
C ILE A 29 7.75 10.60 11.33
N PRO A 30 6.69 9.89 11.73
CA PRO A 30 6.41 8.58 11.19
C PRO A 30 5.76 8.71 9.80
N PRO A 31 5.85 7.67 8.95
CA PRO A 31 5.17 7.70 7.66
C PRO A 31 3.69 7.88 7.85
N ILE A 32 3.09 8.65 6.97
CA ILE A 32 1.70 9.01 7.07
C ILE A 32 0.82 7.79 6.83
N ILE A 33 0.20 7.34 7.88
CA ILE A 33 -0.64 6.18 7.83
C ILE A 33 -1.91 6.47 7.09
N HIS A 34 -2.01 5.90 5.96
CA HIS A 34 -3.19 5.97 5.17
C HIS A 34 -3.83 4.62 5.19
N TYR A 35 -5.04 4.55 4.76
CA TYR A 35 -5.73 3.31 4.82
C TYR A 35 -6.00 2.84 3.42
N GLY A 36 -5.79 1.58 3.19
CA GLY A 36 -6.02 1.02 1.92
C GLY A 36 -6.48 -0.38 2.03
N ALA A 37 -6.77 -0.98 0.92
CA ALA A 37 -7.25 -2.32 0.87
C ALA A 37 -7.07 -2.84 -0.54
N ILE A 38 -6.96 -4.12 -0.64
CA ILE A 38 -6.88 -4.79 -1.91
C ILE A 38 -7.92 -5.89 -1.95
N ALA A 39 -8.71 -5.87 -2.99
CA ALA A 39 -9.76 -6.83 -3.19
C ALA A 39 -9.36 -7.64 -4.36
N TYR A 40 -9.24 -8.91 -4.18
CA TYR A 40 -8.86 -9.73 -5.26
C TYR A 40 -9.65 -11.00 -5.21
N ALA A 41 -10.62 -11.07 -6.06
CA ALA A 41 -11.48 -12.20 -6.10
C ALA A 41 -10.85 -13.28 -6.95
N PRO A 42 -11.04 -14.57 -6.58
CA PRO A 42 -10.53 -15.72 -7.34
C PRO A 42 -11.12 -15.78 -8.77
N SER A 43 -12.06 -14.90 -9.03
CA SER A 43 -12.67 -14.73 -10.30
C SER A 43 -11.66 -14.05 -11.28
N GLY A 44 -10.58 -13.50 -10.71
CA GLY A 44 -9.55 -12.85 -11.50
C GLY A 44 -9.63 -11.35 -11.33
N ALA A 45 -10.74 -10.93 -10.77
CA ALA A 45 -11.05 -9.55 -10.54
C ALA A 45 -10.10 -8.96 -9.52
N SER A 46 -9.37 -7.96 -9.94
CA SER A 46 -8.37 -7.33 -9.11
C SER A 46 -8.81 -5.92 -8.75
N GLY A 47 -8.54 -5.51 -7.53
CA GLY A 47 -8.85 -4.19 -7.10
C GLY A 47 -7.90 -3.74 -6.03
N LYS A 48 -7.61 -2.47 -5.97
CA LYS A 48 -6.64 -1.93 -5.05
C LYS A 48 -7.05 -0.51 -4.70
N ALA A 49 -6.82 -0.09 -3.47
CA ALA A 49 -7.14 1.24 -3.04
C ALA A 49 -6.20 1.59 -1.93
N TRP A 50 -5.69 2.78 -1.95
CA TRP A 50 -4.77 3.22 -0.97
C TRP A 50 -4.79 4.72 -0.91
N HIS A 51 -4.30 5.28 0.18
CA HIS A 51 -4.24 6.73 0.40
C HIS A 51 -5.60 7.37 0.70
N GLN A 52 -6.53 6.55 1.15
CA GLN A 52 -7.82 7.03 1.58
C GLN A 52 -7.71 7.44 3.03
N ARG A 53 -8.54 8.36 3.43
CA ARG A 53 -8.42 8.96 4.73
C ARG A 53 -9.18 8.19 5.80
N THR A 54 -10.03 7.28 5.37
CA THR A 54 -10.75 6.45 6.30
C THR A 54 -10.76 5.01 5.82
N PRO A 55 -10.64 4.05 6.76
CA PRO A 55 -10.62 2.62 6.44
C PRO A 55 -11.83 2.17 5.63
N ALA A 56 -13.03 2.56 6.08
CA ALA A 56 -14.26 2.16 5.42
C ALA A 56 -14.30 2.62 3.97
N ARG A 57 -13.90 3.87 3.73
CA ARG A 57 -13.89 4.37 2.37
C ARG A 57 -12.87 3.62 1.54
N ALA A 58 -11.71 3.40 2.12
CA ALA A 58 -10.62 2.68 1.46
C ALA A 58 -11.07 1.31 0.98
N GLU A 59 -11.74 0.58 1.84
CA GLU A 59 -12.24 -0.73 1.50
C GLU A 59 -13.25 -0.64 0.39
N GLN A 60 -14.20 0.28 0.52
CA GLN A 60 -15.23 0.46 -0.50
C GLN A 60 -14.63 0.79 -1.87
N VAL A 61 -13.56 1.58 -1.86
CA VAL A 61 -12.86 1.91 -3.08
C VAL A 61 -12.15 0.66 -3.64
N ALA A 62 -11.64 -0.18 -2.75
CA ALA A 62 -10.98 -1.43 -3.14
C ALA A 62 -11.95 -2.37 -3.84
N LEU A 63 -13.12 -2.57 -3.24
CA LEU A 63 -14.17 -3.38 -3.84
C LEU A 63 -14.59 -2.80 -5.20
N GLU A 64 -14.69 -1.47 -5.25
CA GLU A 64 -15.05 -0.76 -6.46
C GLU A 64 -14.01 -1.02 -7.57
N LYS A 65 -12.73 -1.01 -7.21
CA LYS A 65 -11.67 -1.32 -8.14
C LYS A 65 -11.68 -2.78 -8.53
N CYS A 66 -12.06 -3.67 -7.62
CA CYS A 66 -12.14 -5.10 -7.92
C CYS A 66 -13.12 -5.32 -9.03
N GLY A 67 -14.19 -4.58 -8.97
CA GLY A 67 -15.17 -4.65 -9.99
C GLY A 67 -16.43 -5.22 -9.47
N ASP A 68 -16.32 -6.09 -8.49
CA ASP A 68 -17.48 -6.68 -7.92
C ASP A 68 -17.68 -5.97 -6.62
N LYS A 69 -18.85 -5.45 -6.39
CA LYS A 69 -19.06 -4.64 -5.20
C LYS A 69 -18.91 -5.46 -3.93
N THR A 70 -19.40 -6.64 -3.99
CA THR A 70 -19.23 -7.58 -2.92
C THR A 70 -18.05 -8.56 -3.23
N CYS A 71 -17.04 -8.08 -4.01
CA CYS A 71 -15.80 -8.82 -4.37
C CYS A 71 -15.28 -9.65 -3.20
N LYS A 72 -15.14 -10.93 -3.42
CA LYS A 72 -14.70 -11.83 -2.40
C LYS A 72 -13.18 -11.69 -2.23
N VAL A 73 -12.73 -11.80 -0.99
CA VAL A 73 -11.32 -11.69 -0.62
C VAL A 73 -10.82 -10.24 -0.70
N VAL A 74 -11.01 -9.52 0.37
CA VAL A 74 -10.55 -8.18 0.49
C VAL A 74 -9.68 -8.06 1.74
N SER A 75 -8.53 -7.47 1.57
CA SER A 75 -7.59 -7.33 2.64
C SER A 75 -7.33 -5.85 2.89
N ARG A 76 -7.53 -5.42 4.12
CA ARG A 76 -7.31 -4.04 4.49
C ARG A 76 -5.92 -3.92 5.07
N PHE A 77 -5.23 -2.88 4.71
CA PHE A 77 -3.91 -2.63 5.22
C PHE A 77 -3.62 -1.15 5.23
N THR A 78 -2.90 -0.73 6.21
CA THR A 78 -2.49 0.65 6.34
C THR A 78 -0.98 0.73 6.07
N ARG A 79 -0.50 -0.38 5.58
CA ARG A 79 0.88 -0.64 5.26
C ARG A 79 0.94 -0.86 3.76
N CYS A 80 1.86 -1.62 3.28
CA CYS A 80 1.89 -1.92 1.89
C CYS A 80 1.52 -3.38 1.68
N GLY A 81 0.76 -3.62 0.66
CA GLY A 81 0.36 -4.95 0.35
C GLY A 81 0.68 -5.28 -1.07
N ALA A 82 1.26 -6.42 -1.29
CA ALA A 82 1.67 -6.86 -2.60
C ALA A 82 0.89 -8.12 -2.97
N VAL A 83 0.86 -8.44 -4.24
CA VAL A 83 0.23 -9.65 -4.73
C VAL A 83 1.11 -10.28 -5.81
N ALA A 84 1.45 -11.54 -5.56
CA ALA A 84 2.22 -12.35 -6.45
C ALA A 84 1.31 -13.38 -7.10
N TYR A 85 1.57 -13.65 -8.34
CA TYR A 85 0.77 -14.57 -9.11
C TYR A 85 1.54 -15.85 -9.30
N ASN A 86 0.92 -16.96 -9.01
CA ASN A 86 1.51 -18.24 -9.24
C ASN A 86 0.54 -19.10 -10.03
N GLY A 87 0.58 -18.95 -11.35
CA GLY A 87 -0.28 -19.72 -12.22
C GLY A 87 -1.73 -19.58 -11.87
N SER A 88 -2.17 -18.32 -11.75
CA SER A 88 -3.51 -17.94 -11.35
C SER A 88 -3.79 -18.09 -9.84
N LYS A 89 -2.78 -18.44 -9.05
CA LYS A 89 -2.96 -18.47 -7.61
C LYS A 89 -2.41 -17.18 -7.06
N TYR A 90 -3.22 -16.49 -6.32
CA TYR A 90 -2.86 -15.17 -5.86
C TYR A 90 -2.45 -15.19 -4.41
N GLN A 91 -1.21 -14.84 -4.18
CA GLN A 91 -0.70 -14.79 -2.84
C GLN A 91 -0.24 -13.37 -2.55
N GLY A 92 -0.79 -12.82 -1.50
CA GLY A 92 -0.45 -11.48 -1.11
C GLY A 92 0.79 -11.42 -0.25
N GLY A 93 1.37 -10.28 -0.20
CA GLY A 93 2.51 -10.01 0.63
C GLY A 93 2.23 -8.83 1.48
N THR A 94 2.76 -8.80 2.65
CA THR A 94 2.44 -7.77 3.58
C THR A 94 3.71 -7.14 4.18
N GLY A 95 3.76 -5.82 4.19
CA GLY A 95 4.89 -5.15 4.79
C GLY A 95 4.63 -3.68 4.95
N LEU A 96 5.26 -3.08 5.92
CA LEU A 96 5.15 -1.61 6.14
C LEU A 96 5.82 -0.85 5.02
N THR A 97 6.78 -1.47 4.47
CA THR A 97 7.51 -0.99 3.35
C THR A 97 7.26 -1.92 2.20
N ARG A 98 7.30 -1.44 0.96
CA ARG A 98 7.12 -2.34 -0.16
C ARG A 98 8.21 -3.36 -0.27
N ARG A 99 9.38 -3.03 0.26
CA ARG A 99 10.48 -3.98 0.31
C ARG A 99 10.13 -5.17 1.15
N ALA A 100 9.57 -4.91 2.31
CA ALA A 100 9.17 -5.96 3.20
C ALA A 100 7.96 -6.67 2.65
N ALA A 101 7.08 -5.92 2.02
CA ALA A 101 5.88 -6.47 1.45
C ALA A 101 6.22 -7.45 0.34
N GLU A 102 7.12 -7.03 -0.56
CA GLU A 102 7.53 -7.85 -1.64
C GLU A 102 8.30 -9.05 -1.11
N ASP A 103 9.14 -8.83 -0.09
CA ASP A 103 9.93 -9.90 0.48
C ASP A 103 9.01 -10.94 1.05
N ASP A 104 8.02 -10.48 1.80
CA ASP A 104 7.01 -11.33 2.44
C ASP A 104 6.23 -12.14 1.39
N ALA A 105 5.93 -11.48 0.28
CA ALA A 105 5.24 -12.12 -0.83
C ALA A 105 6.06 -13.26 -1.39
N VAL A 106 7.35 -13.05 -1.54
CA VAL A 106 8.26 -14.06 -2.09
C VAL A 106 8.52 -15.14 -1.05
N ASN A 107 8.49 -14.74 0.18
CA ASN A 107 8.69 -15.67 1.29
C ASN A 107 7.59 -16.66 1.35
N ARG A 108 6.39 -16.22 1.07
CA ARG A 108 5.29 -17.13 1.11
C ARG A 108 5.00 -17.69 -0.29
N LEU A 109 5.40 -16.95 -1.32
CA LEU A 109 5.15 -17.36 -2.69
C LEU A 109 6.42 -17.28 -3.51
N GLU A 110 6.92 -18.43 -3.86
CA GLU A 110 8.05 -18.53 -4.71
C GLU A 110 7.54 -19.07 -6.03
N GLY A 111 8.37 -19.08 -7.01
CA GLY A 111 7.99 -19.57 -8.31
C GLY A 111 7.31 -18.50 -9.14
N GLY A 112 6.28 -17.92 -8.57
CA GLY A 112 5.55 -16.86 -9.22
C GLY A 112 6.22 -15.53 -8.99
N ARG A 113 5.55 -14.45 -9.28
CA ARG A 113 6.19 -13.18 -9.15
C ARG A 113 5.17 -12.13 -8.78
N ILE A 114 5.63 -11.13 -8.07
CA ILE A 114 4.81 -10.04 -7.61
C ILE A 114 4.50 -9.13 -8.76
N VAL A 115 3.26 -8.94 -9.07
CA VAL A 115 2.94 -8.05 -10.14
C VAL A 115 2.08 -6.91 -9.65
N ASN A 116 1.47 -7.07 -8.49
CA ASN A 116 0.64 -6.00 -7.96
C ASN A 116 1.14 -5.63 -6.58
N TRP A 117 1.05 -4.36 -6.25
CA TRP A 117 1.37 -3.86 -4.93
C TRP A 117 0.83 -2.47 -4.76
N ALA A 118 0.43 -2.16 -3.57
CA ALA A 118 -0.09 -0.87 -3.26
C ALA A 118 0.33 -0.53 -1.86
N CYS A 119 0.92 0.61 -1.71
CA CYS A 119 1.48 0.98 -0.44
C CYS A 119 0.84 2.22 0.10
N ASN A 120 0.50 2.18 1.35
CA ASN A 120 -0.02 3.34 2.03
C ASN A 120 1.12 4.03 2.74
N PRO A 5 25.51 18.32 47.71
CA PRO A 5 25.70 18.59 46.30
C PRO A 5 24.34 18.80 45.66
N THR A 6 24.28 19.68 44.70
CA THR A 6 23.08 19.96 44.00
C THR A 6 23.45 20.43 42.59
N VAL A 7 22.81 19.87 41.60
CA VAL A 7 23.11 20.21 40.24
C VAL A 7 21.95 20.94 39.62
N ASP A 8 22.21 21.75 38.64
CA ASP A 8 21.16 22.44 37.94
C ASP A 8 20.78 21.63 36.75
N ALA A 9 19.58 21.20 36.76
CA ALA A 9 19.06 20.36 35.72
C ALA A 9 17.76 20.93 35.22
N HIS A 10 17.81 21.50 34.04
CA HIS A 10 16.65 22.15 33.46
C HIS A 10 15.67 21.15 32.87
N LEU A 11 14.73 20.71 33.71
CA LEU A 11 13.61 19.90 33.35
C LEU A 11 13.98 18.71 32.44
N ALA A 12 13.00 18.23 31.75
CA ALA A 12 13.18 17.30 30.70
C ALA A 12 12.44 17.87 29.52
N ASN A 13 13.18 18.33 28.55
CA ASN A 13 12.58 18.98 27.41
C ASN A 13 11.98 17.95 26.47
N GLY A 14 10.69 17.92 26.47
CA GLY A 14 9.94 17.00 25.68
C GLY A 14 8.50 17.03 26.07
N SER A 15 7.74 17.82 25.38
CA SER A 15 6.36 18.03 25.64
C SER A 15 5.69 18.16 24.30
N MET A 16 4.38 18.22 24.30
CA MET A 16 3.64 18.42 23.08
C MET A 16 3.99 19.73 22.46
N SER A 17 4.20 19.69 21.21
CA SER A 17 4.57 20.84 20.46
C SER A 17 3.90 20.80 19.10
N GLU A 18 3.10 21.78 18.85
CA GLU A 18 2.38 21.88 17.59
C GLU A 18 3.07 22.92 16.73
N VAL A 19 4.37 22.91 16.82
CA VAL A 19 5.23 23.81 16.11
C VAL A 19 5.53 23.25 14.73
N MET A 20 6.42 23.89 14.02
CA MET A 20 6.89 23.45 12.71
C MET A 20 7.57 22.09 12.83
N MET A 21 7.68 21.37 11.73
CA MET A 21 8.42 20.13 11.72
C MET A 21 9.88 20.40 11.93
N SER A 22 10.58 19.41 12.34
CA SER A 22 11.97 19.53 12.63
C SER A 22 12.79 19.75 11.34
N GLU A 23 13.68 20.73 11.37
CA GLU A 23 14.60 20.99 10.29
C GLU A 23 15.66 19.91 10.35
N ILE A 24 15.36 18.85 9.64
CA ILE A 24 16.10 17.61 9.64
C ILE A 24 15.72 16.86 10.92
N ALA A 25 15.19 15.68 10.76
CA ALA A 25 14.63 14.95 11.87
C ALA A 25 15.69 14.48 12.85
N GLY A 26 15.70 15.11 14.00
CA GLY A 26 16.58 14.71 15.07
C GLY A 26 15.82 13.80 16.02
N LEU A 27 14.61 13.52 15.64
CA LEU A 27 13.70 12.65 16.35
C LEU A 27 13.05 11.77 15.31
N PRO A 28 12.73 10.51 15.62
CA PRO A 28 12.07 9.64 14.66
C PRO A 28 10.62 10.04 14.46
N ILE A 29 10.24 10.30 13.23
CA ILE A 29 8.91 10.70 12.90
C ILE A 29 8.22 9.54 12.18
N PRO A 30 7.08 9.07 12.70
CA PRO A 30 6.29 8.02 12.07
C PRO A 30 5.75 8.48 10.71
N PRO A 31 5.77 7.58 9.68
CA PRO A 31 5.25 7.89 8.34
C PRO A 31 3.76 8.24 8.36
N ILE A 32 3.30 8.90 7.31
CA ILE A 32 1.91 9.27 7.20
C ILE A 32 1.08 8.03 6.93
N ILE A 33 0.36 7.62 7.94
CA ILE A 33 -0.43 6.42 7.89
C ILE A 33 -1.69 6.63 7.07
N HIS A 34 -1.81 5.87 6.03
CA HIS A 34 -2.97 5.88 5.20
C HIS A 34 -3.62 4.53 5.26
N TYR A 35 -4.79 4.42 4.74
CA TYR A 35 -5.52 3.19 4.79
C TYR A 35 -5.81 2.77 3.37
N GLY A 36 -5.63 1.51 3.10
CA GLY A 36 -5.85 1.01 1.79
C GLY A 36 -6.32 -0.41 1.82
N ALA A 37 -6.57 -0.96 0.68
CA ALA A 37 -7.07 -2.29 0.56
C ALA A 37 -6.85 -2.80 -0.84
N ILE A 38 -6.69 -4.09 -0.94
CA ILE A 38 -6.57 -4.77 -2.19
C ILE A 38 -7.58 -5.90 -2.20
N ALA A 39 -8.50 -5.83 -3.11
CA ALA A 39 -9.52 -6.81 -3.26
C ALA A 39 -9.14 -7.66 -4.44
N TYR A 40 -8.98 -8.92 -4.22
CA TYR A 40 -8.63 -9.77 -5.29
C TYR A 40 -9.42 -11.05 -5.19
N ALA A 41 -10.42 -11.16 -6.01
CA ALA A 41 -11.25 -12.32 -6.03
C ALA A 41 -10.56 -13.40 -6.83
N PRO A 42 -10.72 -14.69 -6.45
CA PRO A 42 -10.11 -15.83 -7.16
C PRO A 42 -10.59 -15.96 -8.62
N SER A 43 -11.55 -15.13 -8.98
CA SER A 43 -12.08 -15.06 -10.31
C SER A 43 -11.08 -14.33 -11.23
N GLY A 44 -10.15 -13.62 -10.62
CA GLY A 44 -9.18 -12.85 -11.36
C GLY A 44 -9.41 -11.37 -11.19
N ALA A 45 -10.51 -11.04 -10.54
CA ALA A 45 -10.92 -9.66 -10.31
C ALA A 45 -9.97 -8.97 -9.33
N SER A 46 -9.31 -7.96 -9.82
CA SER A 46 -8.33 -7.23 -9.08
C SER A 46 -8.77 -5.79 -8.79
N GLY A 47 -8.45 -5.30 -7.61
CA GLY A 47 -8.69 -3.92 -7.27
C GLY A 47 -7.78 -3.48 -6.14
N LYS A 48 -7.33 -2.25 -6.18
CA LYS A 48 -6.43 -1.73 -5.14
C LYS A 48 -6.71 -0.26 -4.84
N ALA A 49 -6.64 0.10 -3.59
CA ALA A 49 -6.89 1.44 -3.17
C ALA A 49 -5.95 1.74 -2.06
N TRP A 50 -5.36 2.91 -2.06
CA TRP A 50 -4.41 3.25 -1.07
C TRP A 50 -4.31 4.76 -0.98
N HIS A 51 -3.83 5.26 0.15
CA HIS A 51 -3.69 6.70 0.44
C HIS A 51 -5.00 7.37 0.82
N GLN A 52 -5.95 6.56 1.25
CA GLN A 52 -7.21 7.08 1.76
C GLN A 52 -7.07 7.31 3.26
N ARG A 53 -7.90 8.16 3.80
CA ARG A 53 -7.80 8.51 5.21
C ARG A 53 -8.86 7.80 6.04
N THR A 54 -9.71 7.05 5.38
CA THR A 54 -10.73 6.32 6.05
C THR A 54 -10.77 4.87 5.54
N PRO A 55 -10.53 3.89 6.45
CA PRO A 55 -10.52 2.46 6.13
C PRO A 55 -11.73 2.00 5.32
N ALA A 56 -12.91 2.40 5.77
CA ALA A 56 -14.15 2.03 5.10
C ALA A 56 -14.19 2.54 3.66
N ARG A 57 -13.66 3.75 3.45
CA ARG A 57 -13.67 4.33 2.12
C ARG A 57 -12.70 3.59 1.24
N ALA A 58 -11.52 3.36 1.78
CA ALA A 58 -10.47 2.63 1.09
C ALA A 58 -10.93 1.24 0.68
N GLU A 59 -11.62 0.56 1.59
CA GLU A 59 -12.15 -0.75 1.35
C GLU A 59 -13.14 -0.73 0.21
N GLN A 60 -14.08 0.23 0.26
CA GLN A 60 -15.09 0.36 -0.78
C GLN A 60 -14.49 0.62 -2.13
N VAL A 61 -13.49 1.50 -2.17
CA VAL A 61 -12.82 1.82 -3.41
C VAL A 61 -12.14 0.56 -3.98
N ALA A 62 -11.52 -0.23 -3.11
CA ALA A 62 -10.85 -1.45 -3.53
C ALA A 62 -11.85 -2.45 -4.10
N LEU A 63 -12.99 -2.56 -3.45
CA LEU A 63 -14.05 -3.46 -3.86
C LEU A 63 -14.61 -3.05 -5.23
N GLU A 64 -14.78 -1.76 -5.41
CA GLU A 64 -15.31 -1.24 -6.65
C GLU A 64 -14.31 -1.42 -7.78
N LYS A 65 -13.02 -1.27 -7.48
CA LYS A 65 -12.00 -1.47 -8.47
C LYS A 65 -11.90 -2.93 -8.85
N CYS A 66 -12.14 -3.79 -7.85
CA CYS A 66 -12.22 -5.22 -8.07
C CYS A 66 -13.31 -5.51 -9.07
N GLY A 67 -14.50 -5.05 -8.77
CA GLY A 67 -15.60 -5.25 -9.64
C GLY A 67 -16.78 -5.80 -8.92
N ASP A 68 -16.54 -6.57 -7.88
CA ASP A 68 -17.64 -7.14 -7.16
C ASP A 68 -17.83 -6.30 -5.92
N LYS A 69 -19.04 -5.88 -5.65
CA LYS A 69 -19.31 -4.99 -4.51
C LYS A 69 -18.85 -5.62 -3.21
N THR A 70 -19.12 -6.89 -3.06
CA THR A 70 -18.75 -7.61 -1.87
C THR A 70 -17.50 -8.49 -2.15
N CYS A 71 -16.67 -8.09 -3.18
CA CYS A 71 -15.44 -8.80 -3.63
C CYS A 71 -14.68 -9.47 -2.47
N LYS A 72 -14.79 -10.77 -2.40
CA LYS A 72 -14.19 -11.54 -1.35
C LYS A 72 -12.73 -11.78 -1.62
N VAL A 73 -12.00 -11.86 -0.53
CA VAL A 73 -10.55 -11.92 -0.48
C VAL A 73 -10.02 -10.52 -0.67
N VAL A 74 -10.34 -9.70 0.28
CA VAL A 74 -9.89 -8.34 0.31
C VAL A 74 -9.00 -8.13 1.51
N SER A 75 -7.83 -7.66 1.27
CA SER A 75 -6.91 -7.40 2.31
C SER A 75 -6.91 -5.89 2.53
N ARG A 76 -7.17 -5.48 3.74
CA ARG A 76 -7.15 -4.09 4.06
C ARG A 76 -6.05 -3.81 5.05
N PHE A 77 -5.19 -2.92 4.67
CA PHE A 77 -3.98 -2.65 5.38
C PHE A 77 -3.67 -1.17 5.38
N THR A 78 -2.83 -0.78 6.29
CA THR A 78 -2.39 0.60 6.42
C THR A 78 -0.90 0.63 6.13
N ARG A 79 -0.47 -0.45 5.55
CA ARG A 79 0.89 -0.70 5.21
C ARG A 79 0.92 -0.93 3.73
N CYS A 80 1.86 -1.67 3.25
CA CYS A 80 1.88 -1.99 1.86
C CYS A 80 1.47 -3.44 1.65
N GLY A 81 0.82 -3.69 0.56
CA GLY A 81 0.42 -5.01 0.18
C GLY A 81 0.87 -5.31 -1.21
N ALA A 82 1.42 -6.48 -1.40
CA ALA A 82 1.94 -6.88 -2.70
C ALA A 82 1.34 -8.21 -3.12
N VAL A 83 1.00 -8.34 -4.36
CA VAL A 83 0.39 -9.54 -4.87
C VAL A 83 1.24 -10.18 -5.96
N ALA A 84 1.54 -11.44 -5.74
CA ALA A 84 2.30 -12.26 -6.64
C ALA A 84 1.38 -13.22 -7.36
N TYR A 85 1.64 -13.40 -8.61
CA TYR A 85 0.85 -14.27 -9.47
C TYR A 85 1.68 -15.48 -9.80
N ASN A 86 1.10 -16.64 -9.66
CA ASN A 86 1.77 -17.86 -10.04
C ASN A 86 0.78 -18.94 -10.40
N GLY A 87 0.43 -18.99 -11.67
CA GLY A 87 -0.46 -20.02 -12.16
C GLY A 87 -1.88 -19.81 -11.69
N SER A 88 -2.40 -18.61 -11.93
CA SER A 88 -3.76 -18.21 -11.61
C SER A 88 -4.03 -18.04 -10.10
N LYS A 89 -3.10 -18.40 -9.24
CA LYS A 89 -3.31 -18.20 -7.83
C LYS A 89 -2.61 -16.94 -7.40
N TYR A 90 -3.30 -16.16 -6.61
CA TYR A 90 -2.83 -14.86 -6.23
C TYR A 90 -2.52 -14.84 -4.75
N GLN A 91 -1.31 -14.51 -4.43
CA GLN A 91 -0.89 -14.46 -3.05
C GLN A 91 -0.55 -13.03 -2.69
N GLY A 92 -1.24 -12.53 -1.69
CA GLY A 92 -0.97 -11.21 -1.21
C GLY A 92 -0.06 -11.24 -0.01
N GLY A 93 0.88 -10.36 0.03
CA GLY A 93 1.78 -10.20 1.13
C GLY A 93 1.62 -8.83 1.72
N THR A 94 2.09 -8.64 2.91
CA THR A 94 1.86 -7.41 3.65
C THR A 94 3.09 -6.99 4.46
N GLY A 95 3.46 -5.74 4.34
CA GLY A 95 4.57 -5.20 5.07
C GLY A 95 4.46 -3.71 5.10
N LEU A 96 5.00 -3.09 6.13
CA LEU A 96 4.97 -1.63 6.27
C LEU A 96 5.54 -0.92 5.06
N THR A 97 6.61 -1.46 4.57
CA THR A 97 7.28 -0.92 3.43
C THR A 97 7.00 -1.82 2.24
N ARG A 98 7.22 -1.31 1.04
CA ARG A 98 7.01 -2.12 -0.15
C ARG A 98 7.93 -3.32 -0.16
N ARG A 99 9.17 -3.13 0.30
CA ARG A 99 10.15 -4.21 0.36
C ARG A 99 9.73 -5.28 1.34
N ALA A 100 9.16 -4.87 2.46
CA ALA A 100 8.69 -5.82 3.44
C ALA A 100 7.44 -6.53 2.96
N ALA A 101 6.61 -5.80 2.22
CA ALA A 101 5.38 -6.37 1.69
C ALA A 101 5.67 -7.40 0.63
N GLU A 102 6.57 -7.07 -0.28
CA GLU A 102 6.97 -7.96 -1.31
C GLU A 102 7.76 -9.11 -0.72
N ASP A 103 8.48 -8.85 0.37
CA ASP A 103 9.21 -9.88 1.07
C ASP A 103 8.23 -10.90 1.59
N ASP A 104 7.20 -10.42 2.25
CA ASP A 104 6.16 -11.26 2.82
C ASP A 104 5.42 -12.02 1.71
N ALA A 105 5.17 -11.33 0.61
CA ALA A 105 4.50 -11.92 -0.54
C ALA A 105 5.31 -13.04 -1.16
N VAL A 106 6.60 -12.85 -1.31
CA VAL A 106 7.48 -13.84 -1.92
C VAL A 106 7.86 -14.92 -0.90
N ASN A 107 7.75 -14.58 0.36
CA ASN A 107 7.90 -15.58 1.42
C ASN A 107 6.75 -16.54 1.35
N ARG A 108 5.59 -16.00 1.07
CA ARG A 108 4.38 -16.77 0.91
C ARG A 108 4.33 -17.48 -0.46
N LEU A 109 4.74 -16.79 -1.49
CA LEU A 109 4.66 -17.30 -2.84
C LEU A 109 6.01 -17.28 -3.50
N GLU A 110 6.49 -18.43 -3.90
CA GLU A 110 7.73 -18.54 -4.57
C GLU A 110 7.47 -19.20 -5.92
N GLY A 111 8.11 -18.71 -6.94
CA GLY A 111 7.95 -19.26 -8.26
C GLY A 111 7.36 -18.26 -9.21
N GLY A 112 6.45 -17.46 -8.72
CA GLY A 112 5.80 -16.46 -9.55
C GLY A 112 6.47 -15.12 -9.43
N ARG A 113 5.73 -14.07 -9.64
CA ARG A 113 6.29 -12.76 -9.59
C ARG A 113 5.26 -11.81 -9.03
N ILE A 114 5.72 -10.84 -8.30
CA ILE A 114 4.88 -9.81 -7.75
C ILE A 114 4.59 -8.83 -8.83
N VAL A 115 3.36 -8.76 -9.23
CA VAL A 115 3.04 -7.87 -10.32
C VAL A 115 2.10 -6.79 -9.85
N ASN A 116 1.50 -6.99 -8.71
CA ASN A 116 0.62 -5.96 -8.20
C ASN A 116 1.07 -5.59 -6.81
N TRP A 117 0.93 -4.34 -6.44
CA TRP A 117 1.25 -3.86 -5.12
C TRP A 117 0.69 -2.48 -4.95
N ALA A 118 0.47 -2.12 -3.71
CA ALA A 118 -0.02 -0.81 -3.35
C ALA A 118 0.41 -0.54 -1.93
N CYS A 119 1.02 0.58 -1.71
CA CYS A 119 1.58 0.88 -0.42
C CYS A 119 0.95 2.09 0.21
N ASN A 120 0.69 2.01 1.48
CA ASN A 120 0.26 3.14 2.25
C ASN A 120 1.42 3.58 3.07
#